data_1NYP
#
_entry.id   1NYP
#
loop_
_entity.id
_entity.type
_entity.pdbx_description
1 polymer 'PINCH protein'
2 non-polymer 'ZINC ION'
#
_entity_poly.entity_id   1
_entity_poly.type   'polypeptide(L)'
_entity_poly.pdbx_seq_one_letter_code
;GSMGVPICGACRRPIEGRVVNAMGKQWHVEHFVCAKCEKPFLGHRHYERKGLAYCETHYNQLFGDV
;
_entity_poly.pdbx_strand_id   A
#
# COMPACT_ATOMS: atom_id res chain seq x y z
N GLY A 1 -15.28 20.29 -14.87
CA GLY A 1 -15.73 19.30 -13.84
C GLY A 1 -14.96 17.99 -14.03
N SER A 2 -13.66 18.05 -14.05
CA SER A 2 -12.86 16.82 -14.22
C SER A 2 -12.79 16.06 -12.90
N MET A 3 -12.57 14.77 -12.95
CA MET A 3 -12.50 13.98 -11.69
C MET A 3 -11.54 14.66 -10.71
N GLY A 4 -11.55 14.25 -9.47
CA GLY A 4 -10.64 14.87 -8.46
C GLY A 4 -10.66 14.05 -7.17
N VAL A 5 -10.52 12.76 -7.29
CA VAL A 5 -10.54 11.91 -6.06
C VAL A 5 -9.79 10.60 -6.35
N PRO A 6 -8.88 10.24 -5.47
CA PRO A 6 -8.11 9.01 -5.60
C PRO A 6 -9.00 7.85 -5.26
N ILE A 7 -8.61 6.67 -5.62
CA ILE A 7 -9.43 5.49 -5.31
C ILE A 7 -8.54 4.37 -4.79
N CYS A 8 -8.81 3.96 -3.58
CA CYS A 8 -7.98 2.90 -2.96
C CYS A 8 -8.00 1.64 -3.81
N GLY A 9 -6.87 1.26 -4.31
CA GLY A 9 -6.80 0.05 -5.17
C GLY A 9 -7.16 -1.18 -4.34
N ALA A 10 -7.45 -0.98 -3.08
CA ALA A 10 -7.80 -2.14 -2.21
C ALA A 10 -9.30 -2.43 -2.33
N CYS A 11 -10.10 -1.41 -2.20
CA CYS A 11 -11.58 -1.59 -2.31
C CYS A 11 -12.09 -0.83 -3.53
N ARG A 12 -11.21 -0.27 -4.30
CA ARG A 12 -11.66 0.50 -5.50
C ARG A 12 -12.69 1.53 -5.06
N ARG A 13 -12.45 2.17 -3.94
CA ARG A 13 -13.40 3.21 -3.43
C ARG A 13 -12.69 4.56 -3.44
N PRO A 14 -13.42 5.61 -3.75
CA PRO A 14 -12.84 6.96 -3.79
C PRO A 14 -12.21 7.31 -2.44
N ILE A 15 -10.90 7.46 -2.41
CA ILE A 15 -10.23 7.81 -1.12
C ILE A 15 -10.58 9.25 -0.77
N GLU A 16 -10.47 9.63 0.47
CA GLU A 16 -10.82 11.04 0.84
C GLU A 16 -10.19 11.42 2.18
N GLY A 17 -8.89 11.41 2.25
CA GLY A 17 -8.19 11.78 3.51
C GLY A 17 -6.69 11.75 3.22
N ARG A 18 -6.04 10.72 3.65
CA ARG A 18 -4.59 10.58 3.37
C ARG A 18 -4.43 9.41 2.42
N VAL A 19 -3.87 9.65 1.27
CA VAL A 19 -3.72 8.57 0.26
C VAL A 19 -2.33 7.96 0.28
N VAL A 20 -2.19 6.76 -0.22
CA VAL A 20 -0.87 6.10 -0.28
C VAL A 20 -0.61 5.76 -1.75
N ASN A 21 0.39 6.34 -2.32
CA ASN A 21 0.67 6.05 -3.76
C ASN A 21 1.62 4.87 -3.86
N ALA A 22 1.11 3.72 -4.25
CA ALA A 22 1.97 2.52 -4.37
C ALA A 22 1.48 1.69 -5.56
N MET A 23 2.31 0.84 -6.09
CA MET A 23 1.88 0.02 -7.25
C MET A 23 1.46 0.97 -8.37
N GLY A 24 1.87 2.19 -8.25
CA GLY A 24 1.49 3.20 -9.29
C GLY A 24 0.00 3.48 -9.14
N LYS A 25 -0.52 3.27 -7.97
CA LYS A 25 -1.96 3.49 -7.71
C LYS A 25 -2.15 4.35 -6.46
N GLN A 26 -3.28 4.22 -5.82
CA GLN A 26 -3.58 4.98 -4.59
C GLN A 26 -4.20 4.00 -3.61
N TRP A 27 -3.92 4.11 -2.34
CA TRP A 27 -4.49 3.11 -1.38
C TRP A 27 -4.90 3.79 -0.08
N HIS A 28 -6.02 3.41 0.49
CA HIS A 28 -6.41 4.03 1.78
C HIS A 28 -5.26 3.81 2.76
N VAL A 29 -4.83 4.82 3.44
CA VAL A 29 -3.71 4.62 4.40
C VAL A 29 -4.07 3.47 5.33
N GLU A 30 -5.31 3.09 5.34
CA GLU A 30 -5.77 2.00 6.23
C GLU A 30 -5.80 0.67 5.47
N HIS A 31 -5.97 0.70 4.17
CA HIS A 31 -6.03 -0.59 3.40
C HIS A 31 -4.68 -0.89 2.76
N PHE A 32 -3.73 0.01 2.84
CA PHE A 32 -2.41 -0.32 2.25
C PHE A 32 -1.67 -1.18 3.26
N VAL A 33 -1.56 -2.44 2.97
CA VAL A 33 -0.91 -3.36 3.94
C VAL A 33 0.10 -4.27 3.24
N CYS A 34 0.79 -5.05 4.02
CA CYS A 34 1.77 -6.01 3.47
C CYS A 34 1.05 -7.02 2.59
N ALA A 35 1.70 -7.51 1.57
CA ALA A 35 1.04 -8.50 0.67
C ALA A 35 1.35 -9.93 1.17
N LYS A 36 1.55 -10.08 2.45
CA LYS A 36 1.85 -11.44 3.00
C LYS A 36 1.10 -11.65 4.33
N CYS A 37 0.89 -10.60 5.08
CA CYS A 37 0.19 -10.74 6.38
C CYS A 37 -0.95 -9.72 6.48
N GLU A 38 -0.96 -8.74 5.63
CA GLU A 38 -2.04 -7.73 5.66
C GLU A 38 -1.88 -6.83 6.88
N LYS A 39 -0.68 -6.33 7.10
CA LYS A 39 -0.46 -5.41 8.25
C LYS A 39 -0.41 -3.98 7.69
N PRO A 40 -1.42 -3.19 7.98
CA PRO A 40 -1.50 -1.81 7.45
C PRO A 40 -0.44 -0.90 8.08
N PHE A 41 0.14 -0.08 7.26
CA PHE A 41 1.16 0.88 7.78
C PHE A 41 0.48 2.23 8.03
N LEU A 42 -0.53 2.25 8.84
CA LEU A 42 -1.23 3.54 9.14
C LEU A 42 -0.19 4.66 9.24
N GLY A 43 0.77 4.48 10.10
CA GLY A 43 1.83 5.51 10.26
C GLY A 43 3.19 4.81 10.32
N HIS A 44 3.32 3.70 9.65
CA HIS A 44 4.61 2.95 9.66
C HIS A 44 5.21 2.92 8.25
N ARG A 45 6.36 2.31 8.11
CA ARG A 45 7.02 2.24 6.77
C ARG A 45 6.64 0.91 6.10
N HIS A 46 6.50 0.91 4.80
CA HIS A 46 6.14 -0.36 4.08
C HIS A 46 7.27 -0.74 3.14
N TYR A 47 7.20 -1.93 2.62
CA TYR A 47 8.27 -2.41 1.70
C TYR A 47 7.61 -3.02 0.45
N GLU A 48 8.14 -2.73 -0.71
CA GLU A 48 7.52 -3.26 -1.97
C GLU A 48 8.36 -4.39 -2.58
N ARG A 49 7.72 -5.31 -3.23
CA ARG A 49 8.46 -6.44 -3.86
C ARG A 49 7.69 -6.98 -5.08
N LYS A 50 8.35 -7.09 -6.20
CA LYS A 50 7.69 -7.61 -7.43
C LYS A 50 6.40 -6.83 -7.67
N GLY A 51 6.31 -5.66 -7.14
CA GLY A 51 5.08 -4.85 -7.36
C GLY A 51 4.04 -5.21 -6.31
N LEU A 52 4.48 -5.58 -5.14
CA LEU A 52 3.53 -5.93 -4.06
C LEU A 52 4.10 -5.45 -2.73
N ALA A 53 3.26 -4.98 -1.85
CA ALA A 53 3.77 -4.47 -0.55
C ALA A 53 4.13 -5.62 0.37
N TYR A 54 5.04 -5.38 1.28
CA TYR A 54 5.43 -6.43 2.23
C TYR A 54 5.96 -5.76 3.49
N CYS A 55 5.65 -6.27 4.64
CA CYS A 55 6.17 -5.62 5.86
C CYS A 55 7.70 -5.60 5.78
N GLU A 56 8.34 -5.02 6.75
CA GLU A 56 9.84 -4.98 6.75
C GLU A 56 10.38 -6.41 6.83
N THR A 57 9.72 -7.25 7.58
CA THR A 57 10.19 -8.64 7.76
C THR A 57 9.68 -9.56 6.64
N HIS A 58 8.44 -9.45 6.28
CA HIS A 58 7.93 -10.33 5.21
C HIS A 58 8.63 -9.96 3.91
N TYR A 59 8.75 -8.69 3.64
CA TYR A 59 9.46 -8.28 2.43
C TYR A 59 10.80 -8.98 2.43
N ASN A 60 11.53 -8.77 3.48
CA ASN A 60 12.84 -9.42 3.57
C ASN A 60 12.67 -10.92 3.65
N GLN A 61 11.74 -11.39 4.43
CA GLN A 61 11.53 -12.87 4.48
C GLN A 61 11.29 -13.33 3.06
N LEU A 62 10.66 -12.50 2.29
CA LEU A 62 10.39 -12.81 0.87
C LEU A 62 11.66 -12.58 0.05
N PHE A 63 12.42 -11.58 0.41
CA PHE A 63 13.66 -11.29 -0.37
C PHE A 63 14.63 -10.48 0.49
N GLY A 64 14.42 -9.19 0.56
CA GLY A 64 15.32 -8.33 1.37
C GLY A 64 16.51 -7.88 0.52
N ASP A 65 16.30 -7.72 -0.76
CA ASP A 65 17.40 -7.29 -1.64
C ASP A 65 18.65 -8.14 -1.38
N VAL A 66 18.50 -9.43 -1.39
CA VAL A 66 19.67 -10.32 -1.13
C VAL A 66 19.37 -11.74 -1.63
N GLY A 1 -14.74 15.72 -14.96
CA GLY A 1 -15.79 15.49 -13.92
C GLY A 1 -15.26 15.89 -12.54
N SER A 2 -15.30 15.00 -11.60
CA SER A 2 -14.79 15.33 -10.24
C SER A 2 -13.38 15.94 -10.35
N MET A 3 -12.96 16.66 -9.36
CA MET A 3 -11.61 17.27 -9.41
C MET A 3 -10.55 16.17 -9.52
N GLY A 4 -10.95 14.95 -9.37
CA GLY A 4 -9.97 13.82 -9.46
C GLY A 4 -10.36 12.73 -8.46
N VAL A 5 -10.16 12.97 -7.19
CA VAL A 5 -10.51 11.95 -6.16
C VAL A 5 -9.76 10.64 -6.45
N PRO A 6 -8.91 10.24 -5.53
CA PRO A 6 -8.13 9.01 -5.64
C PRO A 6 -9.00 7.82 -5.28
N ILE A 7 -8.58 6.65 -5.62
CA ILE A 7 -9.37 5.45 -5.30
C ILE A 7 -8.47 4.37 -4.74
N CYS A 8 -8.76 3.92 -3.56
CA CYS A 8 -7.92 2.89 -2.91
C CYS A 8 -7.92 1.62 -3.77
N GLY A 9 -6.77 1.26 -4.26
CA GLY A 9 -6.66 0.04 -5.10
C GLY A 9 -7.03 -1.18 -4.26
N ALA A 10 -7.34 -0.99 -3.01
CA ALA A 10 -7.69 -2.15 -2.15
C ALA A 10 -9.18 -2.46 -2.30
N CYS A 11 -10.02 -1.48 -2.10
CA CYS A 11 -11.48 -1.70 -2.24
C CYS A 11 -11.99 -0.96 -3.47
N ARG A 12 -11.11 -0.33 -4.20
CA ARG A 12 -11.55 0.41 -5.40
C ARG A 12 -12.60 1.44 -4.99
N ARG A 13 -12.37 2.11 -3.89
CA ARG A 13 -13.34 3.13 -3.41
C ARG A 13 -12.64 4.50 -3.42
N PRO A 14 -13.36 5.54 -3.78
CA PRO A 14 -12.79 6.89 -3.81
C PRO A 14 -12.17 7.28 -2.48
N ILE A 15 -10.87 7.43 -2.45
CA ILE A 15 -10.20 7.82 -1.17
C ILE A 15 -10.54 9.27 -0.87
N GLU A 16 -10.43 9.69 0.36
CA GLU A 16 -10.77 11.11 0.69
C GLU A 16 -10.15 11.51 2.04
N GLY A 17 -8.86 11.50 2.12
CA GLY A 17 -8.16 11.90 3.37
C GLY A 17 -6.67 11.86 3.10
N ARG A 18 -6.02 10.82 3.51
CA ARG A 18 -4.57 10.67 3.25
C ARG A 18 -4.40 9.51 2.28
N VAL A 19 -3.84 9.75 1.13
CA VAL A 19 -3.70 8.65 0.13
C VAL A 19 -2.32 8.02 0.19
N VAL A 20 -2.21 6.80 -0.22
CA VAL A 20 -0.90 6.11 -0.25
C VAL A 20 -0.61 5.75 -1.70
N ASN A 21 0.36 6.37 -2.30
CA ASN A 21 0.66 6.05 -3.72
C ASN A 21 1.60 4.87 -3.81
N ALA A 22 1.09 3.74 -4.21
CA ALA A 22 1.94 2.52 -4.33
C ALA A 22 1.45 1.69 -5.50
N MET A 23 2.27 0.82 -6.02
CA MET A 23 1.83 -0.02 -7.17
C MET A 23 1.44 0.91 -8.30
N GLY A 24 1.83 2.14 -8.20
CA GLY A 24 1.47 3.14 -9.24
C GLY A 24 -0.02 3.43 -9.10
N LYS A 25 -0.54 3.28 -7.91
CA LYS A 25 -1.98 3.52 -7.66
C LYS A 25 -2.17 4.38 -6.42
N GLN A 26 -3.28 4.19 -5.76
CA GLN A 26 -3.59 4.94 -4.52
C GLN A 26 -4.17 3.94 -3.53
N TRP A 27 -3.90 4.07 -2.26
CA TRP A 27 -4.44 3.08 -1.31
C TRP A 27 -4.87 3.75 -0.01
N HIS A 28 -6.01 3.41 0.52
CA HIS A 28 -6.42 4.04 1.80
C HIS A 28 -5.28 3.80 2.78
N VAL A 29 -4.89 4.80 3.52
CA VAL A 29 -3.78 4.61 4.48
C VAL A 29 -4.09 3.44 5.39
N GLU A 30 -5.34 3.06 5.47
CA GLU A 30 -5.73 1.94 6.36
C GLU A 30 -5.76 0.62 5.58
N HIS A 31 -5.97 0.68 4.29
CA HIS A 31 -6.05 -0.58 3.50
C HIS A 31 -4.72 -0.88 2.81
N PHE A 32 -3.76 -0.01 2.91
CA PHE A 32 -2.45 -0.32 2.29
C PHE A 32 -1.70 -1.19 3.28
N VAL A 33 -1.60 -2.46 3.00
CA VAL A 33 -0.94 -3.39 3.95
C VAL A 33 0.06 -4.29 3.24
N CYS A 34 0.76 -5.06 4.02
CA CYS A 34 1.73 -6.02 3.45
C CYS A 34 1.00 -7.02 2.56
N ALA A 35 1.64 -7.48 1.53
CA ALA A 35 0.98 -8.45 0.61
C ALA A 35 1.29 -9.89 1.08
N LYS A 36 1.38 -10.09 2.36
CA LYS A 36 1.67 -11.45 2.90
C LYS A 36 0.88 -11.69 4.18
N CYS A 37 0.78 -10.68 5.01
CA CYS A 37 0.06 -10.83 6.31
C CYS A 37 -1.06 -9.81 6.41
N GLU A 38 -1.02 -8.79 5.60
CA GLU A 38 -2.08 -7.75 5.63
C GLU A 38 -1.90 -6.85 6.86
N LYS A 39 -0.70 -6.38 7.09
CA LYS A 39 -0.46 -5.47 8.24
C LYS A 39 -0.40 -4.03 7.69
N PRO A 40 -1.42 -3.24 8.00
CA PRO A 40 -1.51 -1.86 7.49
C PRO A 40 -0.46 -0.94 8.11
N PHE A 41 0.13 -0.12 7.31
CA PHE A 41 1.14 0.85 7.83
C PHE A 41 0.46 2.19 8.07
N LEU A 42 -0.57 2.21 8.89
CA LEU A 42 -1.28 3.50 9.16
C LEU A 42 -0.26 4.63 9.25
N GLY A 43 0.70 4.49 10.12
CA GLY A 43 1.75 5.54 10.26
C GLY A 43 3.12 4.88 10.32
N HIS A 44 3.28 3.75 9.67
CA HIS A 44 4.60 3.04 9.69
C HIS A 44 5.20 3.02 8.28
N ARG A 45 6.29 2.33 8.12
CA ARG A 45 6.96 2.25 6.78
C ARG A 45 6.58 0.93 6.11
N HIS A 46 6.46 0.92 4.80
CA HIS A 46 6.11 -0.34 4.09
C HIS A 46 7.24 -0.72 3.14
N TYR A 47 7.18 -1.91 2.61
CA TYR A 47 8.24 -2.38 1.69
C TYR A 47 7.59 -3.01 0.46
N GLU A 48 8.11 -2.74 -0.72
CA GLU A 48 7.48 -3.29 -1.96
C GLU A 48 8.33 -4.41 -2.56
N ARG A 49 7.69 -5.34 -3.23
CA ARG A 49 8.43 -6.46 -3.87
C ARG A 49 7.66 -6.98 -5.08
N LYS A 50 8.32 -7.10 -6.20
CA LYS A 50 7.66 -7.60 -7.43
C LYS A 50 6.38 -6.83 -7.67
N GLY A 51 6.30 -5.65 -7.12
CA GLY A 51 5.07 -4.85 -7.33
C GLY A 51 4.03 -5.21 -6.28
N LEU A 52 4.48 -5.60 -5.12
CA LEU A 52 3.53 -5.97 -4.03
C LEU A 52 4.09 -5.47 -2.70
N ALA A 53 3.26 -5.00 -1.83
CA ALA A 53 3.75 -4.48 -0.54
C ALA A 53 4.11 -5.62 0.41
N TYR A 54 5.02 -5.36 1.31
CA TYR A 54 5.43 -6.40 2.28
C TYR A 54 5.97 -5.73 3.52
N CYS A 55 5.64 -6.23 4.68
CA CYS A 55 6.18 -5.59 5.89
C CYS A 55 7.72 -5.58 5.80
N GLU A 56 8.38 -4.98 6.74
CA GLU A 56 9.88 -4.97 6.69
C GLU A 56 10.40 -6.40 6.79
N THR A 57 9.72 -7.24 7.53
CA THR A 57 10.18 -8.65 7.70
C THR A 57 9.65 -9.54 6.58
N HIS A 58 8.42 -9.43 6.22
CA HIS A 58 7.89 -10.29 5.15
C HIS A 58 8.59 -9.92 3.86
N TYR A 59 8.75 -8.66 3.61
CA TYR A 59 9.45 -8.25 2.40
C TYR A 59 10.80 -8.94 2.40
N ASN A 60 11.53 -8.71 3.44
CA ASN A 60 12.86 -9.33 3.55
C ASN A 60 12.70 -10.84 3.61
N GLN A 61 11.77 -11.32 4.38
CA GLN A 61 11.59 -12.80 4.45
C GLN A 61 11.36 -13.28 3.01
N LEU A 62 10.70 -12.46 2.24
CA LEU A 62 10.44 -12.80 0.83
C LEU A 62 11.70 -12.55 -0.01
N PHE A 63 12.45 -11.54 0.33
CA PHE A 63 13.68 -11.25 -0.46
C PHE A 63 14.66 -10.43 0.39
N GLY A 64 14.44 -9.15 0.46
CA GLY A 64 15.36 -8.27 1.24
C GLY A 64 16.62 -8.00 0.43
N ASP A 65 16.50 -7.95 -0.86
CA ASP A 65 17.69 -7.68 -1.72
C ASP A 65 18.77 -8.72 -1.41
N VAL A 66 18.67 -9.89 -1.98
CA VAL A 66 19.70 -10.93 -1.73
C VAL A 66 21.09 -10.35 -1.98
N GLY A 1 -12.96 17.64 -1.78
CA GLY A 1 -14.15 18.27 -2.41
C GLY A 1 -13.70 19.15 -3.57
N SER A 2 -13.08 20.26 -3.28
CA SER A 2 -12.62 21.16 -4.38
C SER A 2 -11.32 20.62 -4.97
N MET A 3 -11.29 19.38 -5.34
CA MET A 3 -10.05 18.79 -5.92
C MET A 3 -10.39 17.48 -6.63
N GLY A 4 -9.40 16.70 -6.98
CA GLY A 4 -9.67 15.41 -7.68
C GLY A 4 -10.09 14.36 -6.65
N VAL A 5 -10.00 13.11 -6.99
CA VAL A 5 -10.40 12.04 -6.03
C VAL A 5 -9.64 10.75 -6.35
N PRO A 6 -8.84 10.30 -5.41
CA PRO A 6 -8.05 9.07 -5.56
C PRO A 6 -8.94 7.87 -5.28
N ILE A 7 -8.49 6.72 -5.67
CA ILE A 7 -9.29 5.50 -5.42
C ILE A 7 -8.39 4.41 -4.86
N CYS A 8 -8.72 3.97 -3.68
CA CYS A 8 -7.90 2.93 -3.02
C CYS A 8 -7.89 1.66 -3.86
N GLY A 9 -6.75 1.30 -4.34
CA GLY A 9 -6.64 0.07 -5.17
C GLY A 9 -7.11 -1.12 -4.36
N ALA A 10 -7.41 -0.91 -3.11
CA ALA A 10 -7.87 -2.04 -2.25
C ALA A 10 -9.37 -2.25 -2.44
N CYS A 11 -10.13 -1.19 -2.31
CA CYS A 11 -11.60 -1.31 -2.50
C CYS A 11 -12.00 -0.66 -3.82
N ARG A 12 -11.06 -0.19 -4.58
CA ARG A 12 -11.43 0.49 -5.85
C ARG A 12 -12.51 1.51 -5.50
N ARG A 13 -12.38 2.08 -4.33
CA ARG A 13 -13.37 3.08 -3.84
C ARG A 13 -12.67 4.45 -3.74
N PRO A 14 -13.35 5.50 -4.15
CA PRO A 14 -12.77 6.84 -4.11
C PRO A 14 -12.24 7.17 -2.71
N ILE A 15 -10.94 7.34 -2.60
CA ILE A 15 -10.37 7.67 -1.27
C ILE A 15 -10.80 9.09 -0.89
N GLU A 16 -10.77 9.43 0.38
CA GLU A 16 -11.21 10.80 0.77
C GLU A 16 -10.65 11.16 2.15
N GLY A 17 -9.36 11.22 2.25
CA GLY A 17 -8.71 11.58 3.55
C GLY A 17 -7.21 11.55 3.32
N ARG A 18 -6.59 10.46 3.65
CA ARG A 18 -5.13 10.34 3.42
C ARG A 18 -4.94 9.28 2.34
N VAL A 19 -3.99 9.45 1.46
CA VAL A 19 -3.81 8.46 0.38
C VAL A 19 -2.39 7.90 0.39
N VAL A 20 -2.23 6.73 -0.16
CA VAL A 20 -0.88 6.10 -0.22
C VAL A 20 -0.60 5.78 -1.68
N ASN A 21 0.40 6.37 -2.26
CA ASN A 21 0.69 6.09 -3.69
C ASN A 21 1.63 4.89 -3.79
N ALA A 22 1.11 3.76 -4.19
CA ALA A 22 1.96 2.55 -4.31
C ALA A 22 1.47 1.73 -5.51
N MET A 23 2.30 0.87 -6.03
CA MET A 23 1.88 0.05 -7.20
C MET A 23 1.48 1.01 -8.32
N GLY A 24 1.89 2.22 -8.18
CA GLY A 24 1.54 3.25 -9.21
C GLY A 24 0.06 3.57 -9.06
N LYS A 25 -0.48 3.27 -7.91
CA LYS A 25 -1.93 3.52 -7.66
C LYS A 25 -2.09 4.37 -6.41
N GLN A 26 -3.23 4.27 -5.78
CA GLN A 26 -3.52 5.04 -4.54
C GLN A 26 -4.15 4.05 -3.56
N TRP A 27 -3.88 4.16 -2.28
CA TRP A 27 -4.46 3.17 -1.33
C TRP A 27 -4.85 3.86 -0.03
N HIS A 28 -5.99 3.51 0.54
CA HIS A 28 -6.36 4.16 1.83
C HIS A 28 -5.18 3.93 2.78
N VAL A 29 -4.81 4.90 3.55
CA VAL A 29 -3.67 4.69 4.47
C VAL A 29 -3.97 3.51 5.39
N GLU A 30 -5.21 3.11 5.45
CA GLU A 30 -5.59 1.96 6.32
C GLU A 30 -5.63 0.66 5.52
N HIS A 31 -5.89 0.73 4.24
CA HIS A 31 -5.96 -0.52 3.42
C HIS A 31 -4.60 -0.83 2.80
N PHE A 32 -3.66 0.06 2.88
CA PHE A 32 -2.32 -0.25 2.30
C PHE A 32 -1.60 -1.12 3.32
N VAL A 33 -1.50 -2.39 3.05
CA VAL A 33 -0.86 -3.31 4.01
C VAL A 33 0.13 -4.23 3.31
N CYS A 34 0.81 -5.01 4.09
CA CYS A 34 1.79 -5.98 3.53
C CYS A 34 1.04 -7.01 2.69
N ALA A 35 1.68 -7.52 1.67
CA ALA A 35 1.00 -8.52 0.80
C ALA A 35 1.29 -9.93 1.33
N LYS A 36 1.53 -10.06 2.61
CA LYS A 36 1.83 -11.40 3.20
C LYS A 36 1.10 -11.57 4.54
N CYS A 37 0.93 -10.50 5.27
CA CYS A 37 0.26 -10.61 6.60
C CYS A 37 -0.88 -9.58 6.70
N GLU A 38 -0.95 -8.66 5.78
CA GLU A 38 -2.02 -7.64 5.80
C GLU A 38 -1.87 -6.74 7.03
N LYS A 39 -0.68 -6.27 7.29
CA LYS A 39 -0.47 -5.35 8.45
C LYS A 39 -0.37 -3.92 7.88
N PRO A 40 -1.40 -3.12 8.10
CA PRO A 40 -1.44 -1.75 7.55
C PRO A 40 -0.37 -0.86 8.17
N PHE A 41 0.24 -0.04 7.35
CA PHE A 41 1.26 0.91 7.85
C PHE A 41 0.61 2.27 8.10
N LEU A 42 -0.41 2.31 8.91
CA LEU A 42 -1.08 3.61 9.20
C LEU A 42 -0.03 4.71 9.30
N GLY A 43 0.92 4.52 10.16
CA GLY A 43 2.01 5.54 10.33
C GLY A 43 3.36 4.82 10.37
N HIS A 44 3.46 3.71 9.68
CA HIS A 44 4.75 2.94 9.68
C HIS A 44 5.31 2.88 8.26
N ARG A 45 6.46 2.30 8.10
CA ARG A 45 7.08 2.20 6.75
C ARG A 45 6.65 0.89 6.09
N HIS A 46 6.56 0.87 4.79
CA HIS A 46 6.16 -0.38 4.07
C HIS A 46 7.29 -0.80 3.15
N TYR A 47 7.19 -1.97 2.59
CA TYR A 47 8.25 -2.47 1.70
C TYR A 47 7.60 -3.15 0.49
N GLU A 48 8.00 -2.79 -0.70
CA GLU A 48 7.37 -3.38 -1.93
C GLU A 48 8.22 -4.49 -2.52
N ARG A 49 7.59 -5.41 -3.21
CA ARG A 49 8.32 -6.52 -3.86
C ARG A 49 7.54 -7.02 -5.07
N LYS A 50 8.17 -7.08 -6.20
CA LYS A 50 7.50 -7.56 -7.43
C LYS A 50 6.21 -6.78 -7.65
N GLY A 51 6.13 -5.60 -7.10
CA GLY A 51 4.89 -4.81 -7.29
C GLY A 51 3.86 -5.21 -6.24
N LEU A 52 4.34 -5.60 -5.08
CA LEU A 52 3.40 -6.00 -3.99
C LEU A 52 3.98 -5.52 -2.67
N ALA A 53 3.14 -5.04 -1.80
CA ALA A 53 3.65 -4.52 -0.50
C ALA A 53 4.04 -5.68 0.42
N TYR A 54 4.97 -5.42 1.30
CA TYR A 54 5.41 -6.45 2.25
C TYR A 54 5.97 -5.76 3.48
N CYS A 55 5.69 -6.24 4.65
CA CYS A 55 6.25 -5.57 5.84
C CYS A 55 7.77 -5.55 5.73
N GLU A 56 8.43 -4.96 6.68
CA GLU A 56 9.93 -4.91 6.65
C GLU A 56 10.49 -6.34 6.71
N THR A 57 9.86 -7.18 7.48
CA THR A 57 10.35 -8.58 7.64
C THR A 57 9.79 -9.50 6.55
N HIS A 58 8.54 -9.40 6.24
CA HIS A 58 7.99 -10.29 5.20
C HIS A 58 8.65 -9.95 3.88
N TYR A 59 8.78 -8.70 3.59
CA TYR A 59 9.45 -8.31 2.35
C TYR A 59 10.78 -9.01 2.32
N ASN A 60 11.55 -8.79 3.34
CA ASN A 60 12.87 -9.44 3.42
C ASN A 60 12.69 -10.94 3.51
N GLN A 61 11.78 -11.40 4.33
CA GLN A 61 11.56 -12.87 4.42
C GLN A 61 11.29 -13.36 3.01
N LEU A 62 10.63 -12.55 2.24
CA LEU A 62 10.32 -12.90 0.84
C LEU A 62 11.56 -12.68 -0.03
N PHE A 63 12.37 -11.71 0.30
CA PHE A 63 13.58 -11.44 -0.51
C PHE A 63 14.59 -10.63 0.30
N GLY A 64 14.41 -9.35 0.36
CA GLY A 64 15.35 -8.48 1.12
C GLY A 64 16.59 -8.22 0.27
N ASP A 65 16.46 -8.27 -1.03
CA ASP A 65 17.63 -8.03 -1.91
C ASP A 65 17.16 -7.98 -3.37
N VAL A 66 15.92 -7.64 -3.60
CA VAL A 66 15.41 -7.57 -4.99
C VAL A 66 16.34 -6.68 -5.83
N GLY A 1 -15.36 20.65 -15.03
CA GLY A 1 -14.47 19.57 -14.52
C GLY A 1 -15.16 18.83 -13.37
N SER A 2 -14.44 18.06 -12.62
CA SER A 2 -15.05 17.32 -11.48
C SER A 2 -13.96 16.78 -10.57
N MET A 3 -12.96 17.57 -10.28
CA MET A 3 -11.87 17.10 -9.39
C MET A 3 -11.34 15.75 -9.89
N GLY A 4 -11.27 14.78 -9.04
CA GLY A 4 -10.77 13.44 -9.48
C GLY A 4 -10.86 12.45 -8.31
N VAL A 5 -10.40 12.85 -7.15
CA VAL A 5 -10.45 11.96 -5.96
C VAL A 5 -9.70 10.65 -6.26
N PRO A 6 -8.80 10.29 -5.38
CA PRO A 6 -8.03 9.04 -5.52
C PRO A 6 -8.93 7.87 -5.19
N ILE A 7 -8.53 6.71 -5.57
CA ILE A 7 -9.36 5.52 -5.27
C ILE A 7 -8.48 4.40 -4.74
N CYS A 8 -8.75 3.98 -3.55
CA CYS A 8 -7.94 2.93 -2.92
C CYS A 8 -7.99 1.66 -3.76
N GLY A 9 -6.85 1.23 -4.22
CA GLY A 9 -6.79 0.00 -5.05
C GLY A 9 -7.15 -1.21 -4.18
N ALA A 10 -7.42 -0.99 -2.92
CA ALA A 10 -7.77 -2.13 -2.02
C ALA A 10 -9.26 -2.42 -2.14
N CYS A 11 -10.06 -1.41 -2.25
CA CYS A 11 -11.54 -1.61 -2.37
C CYS A 11 -12.05 -0.83 -3.58
N ARG A 12 -11.16 -0.24 -4.34
CA ARG A 12 -11.60 0.53 -5.53
C ARG A 12 -12.62 1.57 -5.08
N ARG A 13 -12.39 2.19 -3.95
CA ARG A 13 -13.34 3.22 -3.44
C ARG A 13 -12.63 4.58 -3.42
N PRO A 14 -13.35 5.63 -3.74
CA PRO A 14 -12.78 6.97 -3.78
C PRO A 14 -12.15 7.33 -2.43
N ILE A 15 -10.86 7.47 -2.39
CA ILE A 15 -10.19 7.83 -1.10
C ILE A 15 -10.54 9.28 -0.77
N GLU A 16 -10.45 9.68 0.47
CA GLU A 16 -10.82 11.08 0.81
C GLU A 16 -10.18 11.52 2.13
N GLY A 17 -8.88 11.54 2.17
CA GLY A 17 -8.17 11.97 3.41
C GLY A 17 -6.67 11.87 3.14
N ARG A 18 -6.07 10.83 3.62
CA ARG A 18 -4.62 10.62 3.36
C ARG A 18 -4.51 9.48 2.35
N VAL A 19 -3.70 9.63 1.34
CA VAL A 19 -3.59 8.55 0.32
C VAL A 19 -2.20 7.94 0.31
N VAL A 20 -2.09 6.74 -0.19
CA VAL A 20 -0.77 6.07 -0.28
C VAL A 20 -0.53 5.72 -1.73
N ASN A 21 0.47 6.27 -2.34
CA ASN A 21 0.71 5.96 -3.77
C ASN A 21 1.64 4.75 -3.89
N ALA A 22 1.09 3.64 -4.26
CA ALA A 22 1.92 2.40 -4.39
C ALA A 22 1.39 1.58 -5.57
N MET A 23 2.19 0.70 -6.10
CA MET A 23 1.72 -0.12 -7.25
C MET A 23 1.32 0.84 -8.36
N GLY A 24 1.78 2.04 -8.27
CA GLY A 24 1.42 3.05 -9.30
C GLY A 24 -0.07 3.38 -9.15
N LYS A 25 -0.57 3.18 -7.96
CA LYS A 25 -2.01 3.45 -7.70
C LYS A 25 -2.16 4.31 -6.45
N GLN A 26 -3.28 4.21 -5.80
CA GLN A 26 -3.55 4.98 -4.56
C GLN A 26 -4.17 4.00 -3.57
N TRP A 27 -3.90 4.12 -2.30
CA TRP A 27 -4.47 3.13 -1.34
C TRP A 27 -4.88 3.81 -0.04
N HIS A 28 -6.01 3.44 0.52
CA HIS A 28 -6.40 4.06 1.82
C HIS A 28 -5.23 3.83 2.78
N VAL A 29 -4.81 4.83 3.48
CA VAL A 29 -3.66 4.64 4.40
C VAL A 29 -3.94 3.45 5.31
N GLU A 30 -5.19 3.11 5.48
CA GLU A 30 -5.54 1.97 6.37
C GLU A 30 -5.61 0.67 5.58
N HIS A 31 -5.86 0.73 4.29
CA HIS A 31 -5.97 -0.52 3.49
C HIS A 31 -4.64 -0.85 2.80
N PHE A 32 -3.67 0.01 2.88
CA PHE A 32 -2.37 -0.33 2.23
C PHE A 32 -1.61 -1.22 3.21
N VAL A 33 -1.60 -2.49 2.94
CA VAL A 33 -0.94 -3.43 3.89
C VAL A 33 0.04 -4.34 3.15
N CYS A 34 0.68 -5.18 3.90
CA CYS A 34 1.64 -6.16 3.32
C CYS A 34 0.90 -7.14 2.42
N ALA A 35 1.55 -7.61 1.40
CA ALA A 35 0.89 -8.58 0.48
C ALA A 35 1.20 -10.01 0.95
N LYS A 36 1.41 -10.17 2.23
CA LYS A 36 1.73 -11.53 2.77
C LYS A 36 0.89 -11.79 4.03
N CYS A 37 0.72 -10.78 4.84
CA CYS A 37 -0.05 -10.95 6.11
C CYS A 37 -1.17 -9.92 6.21
N GLU A 38 -1.11 -8.89 5.41
CA GLU A 38 -2.17 -7.84 5.45
C GLU A 38 -2.01 -6.99 6.71
N LYS A 39 -0.81 -6.56 7.00
CA LYS A 39 -0.59 -5.68 8.19
C LYS A 39 -0.49 -4.23 7.68
N PRO A 40 -1.48 -3.42 7.98
CA PRO A 40 -1.51 -2.03 7.52
C PRO A 40 -0.44 -1.19 8.17
N PHE A 41 0.20 -0.38 7.39
CA PHE A 41 1.25 0.52 7.94
C PHE A 41 0.63 1.89 8.22
N LEU A 42 -0.35 1.94 9.06
CA LEU A 42 -1.02 3.24 9.38
C LEU A 42 0.03 4.34 9.47
N GLY A 43 1.00 4.16 10.32
CA GLY A 43 2.07 5.19 10.47
C GLY A 43 3.44 4.52 10.37
N HIS A 44 3.51 3.41 9.70
CA HIS A 44 4.81 2.68 9.56
C HIS A 44 5.27 2.68 8.10
N ARG A 45 6.53 2.46 7.88
CA ARG A 45 7.06 2.45 6.48
C ARG A 45 6.65 1.14 5.81
N HIS A 46 6.56 1.12 4.50
CA HIS A 46 6.18 -0.14 3.79
C HIS A 46 7.31 -0.58 2.87
N TYR A 47 7.18 -1.76 2.34
CA TYR A 47 8.23 -2.30 1.45
C TYR A 47 7.54 -2.95 0.24
N GLU A 48 8.06 -2.73 -0.94
CA GLU A 48 7.39 -3.29 -2.17
C GLU A 48 8.25 -4.38 -2.81
N ARG A 49 7.60 -5.37 -3.36
CA ARG A 49 8.34 -6.48 -4.03
C ARG A 49 7.56 -6.98 -5.25
N LYS A 50 8.24 -7.24 -6.33
CA LYS A 50 7.56 -7.74 -7.55
C LYS A 50 6.30 -6.94 -7.79
N GLY A 51 6.23 -5.78 -7.23
CA GLY A 51 5.02 -4.94 -7.42
C GLY A 51 3.98 -5.31 -6.36
N LEU A 52 4.44 -5.72 -5.21
CA LEU A 52 3.51 -6.09 -4.11
C LEU A 52 4.05 -5.55 -2.80
N ALA A 53 3.19 -5.10 -1.93
CA ALA A 53 3.66 -4.54 -0.63
C ALA A 53 4.05 -5.65 0.35
N TYR A 54 4.96 -5.35 1.23
CA TYR A 54 5.38 -6.36 2.23
C TYR A 54 5.90 -5.62 3.46
N CYS A 55 5.53 -6.04 4.64
CA CYS A 55 6.04 -5.32 5.83
C CYS A 55 7.58 -5.33 5.78
N GLU A 56 8.23 -4.62 6.64
CA GLU A 56 9.72 -4.61 6.65
C GLU A 56 10.24 -6.05 6.81
N THR A 57 9.51 -6.86 7.54
CA THR A 57 9.96 -8.26 7.79
C THR A 57 9.52 -9.21 6.69
N HIS A 58 8.27 -9.17 6.29
CA HIS A 58 7.82 -10.10 5.24
C HIS A 58 8.56 -9.78 3.96
N TYR A 59 8.71 -8.51 3.66
CA TYR A 59 9.46 -8.15 2.45
C TYR A 59 10.80 -8.83 2.54
N ASN A 60 11.50 -8.53 3.59
CA ASN A 60 12.83 -9.13 3.78
C ASN A 60 12.68 -10.63 3.91
N GLN A 61 11.72 -11.09 4.67
CA GLN A 61 11.54 -12.57 4.79
C GLN A 61 11.40 -13.11 3.38
N LEU A 62 10.75 -12.34 2.54
CA LEU A 62 10.57 -12.74 1.13
C LEU A 62 11.89 -12.53 0.38
N PHE A 63 12.58 -11.48 0.70
CA PHE A 63 13.88 -11.19 0.00
C PHE A 63 14.77 -10.34 0.89
N GLY A 64 14.55 -9.05 0.85
CA GLY A 64 15.39 -8.12 1.69
C GLY A 64 16.60 -7.67 0.87
N ASP A 65 16.46 -7.57 -0.42
CA ASP A 65 17.60 -7.15 -1.26
C ASP A 65 18.80 -8.07 -1.03
N VAL A 66 18.80 -9.21 -1.66
CA VAL A 66 19.93 -10.16 -1.48
C VAL A 66 21.24 -9.50 -1.94
N GLY A 1 -9.77 23.34 -9.73
CA GLY A 1 -8.41 23.42 -10.31
C GLY A 1 -7.89 22.01 -10.63
N SER A 2 -8.18 21.06 -9.78
CA SER A 2 -7.71 19.67 -10.04
C SER A 2 -8.45 18.71 -9.12
N MET A 3 -7.73 17.98 -8.30
CA MET A 3 -8.39 17.02 -7.37
C MET A 3 -9.34 16.12 -8.17
N GLY A 4 -8.90 14.94 -8.50
CA GLY A 4 -9.77 13.99 -9.27
C GLY A 4 -10.20 12.85 -8.37
N VAL A 5 -10.08 13.02 -7.08
CA VAL A 5 -10.47 11.95 -6.13
C VAL A 5 -9.71 10.65 -6.44
N PRO A 6 -8.89 10.23 -5.50
CA PRO A 6 -8.10 9.01 -5.64
C PRO A 6 -8.97 7.81 -5.33
N ILE A 7 -8.53 6.65 -5.71
CA ILE A 7 -9.33 5.43 -5.44
C ILE A 7 -8.42 4.35 -4.89
N CYS A 8 -8.73 3.90 -3.70
CA CYS A 8 -7.90 2.86 -3.06
C CYS A 8 -7.91 1.58 -3.88
N GLY A 9 -6.76 1.15 -4.30
CA GLY A 9 -6.66 -0.08 -5.11
C GLY A 9 -7.05 -1.28 -4.26
N ALA A 10 -7.35 -1.05 -3.01
CA ALA A 10 -7.73 -2.18 -2.11
C ALA A 10 -9.23 -2.47 -2.26
N CYS A 11 -10.02 -1.46 -2.45
CA CYS A 11 -11.49 -1.66 -2.60
C CYS A 11 -11.96 -0.93 -3.85
N ARG A 12 -11.07 -0.27 -4.54
CA ARG A 12 -11.47 0.48 -5.74
C ARG A 12 -12.54 1.50 -5.31
N ARG A 13 -12.36 2.06 -4.13
CA ARG A 13 -13.33 3.05 -3.60
C ARG A 13 -12.65 4.44 -3.60
N PRO A 14 -13.36 5.47 -4.00
CA PRO A 14 -12.79 6.81 -4.03
C PRO A 14 -12.22 7.19 -2.67
N ILE A 15 -10.92 7.35 -2.60
CA ILE A 15 -10.30 7.72 -1.29
C ILE A 15 -10.66 9.17 -0.98
N GLU A 16 -10.59 9.58 0.27
CA GLU A 16 -10.96 10.98 0.59
C GLU A 16 -10.38 11.39 1.95
N GLY A 17 -9.09 11.40 2.06
CA GLY A 17 -8.44 11.80 3.34
C GLY A 17 -6.94 11.77 3.10
N ARG A 18 -6.29 10.75 3.56
CA ARG A 18 -4.83 10.61 3.33
C ARG A 18 -4.64 9.45 2.37
N VAL A 19 -3.95 9.66 1.29
CA VAL A 19 -3.79 8.57 0.29
C VAL A 19 -2.38 7.98 0.34
N VAL A 20 -2.24 6.78 -0.15
CA VAL A 20 -0.91 6.13 -0.18
C VAL A 20 -0.62 5.78 -1.64
N ASN A 21 0.39 6.38 -2.20
CA ASN A 21 0.69 6.09 -3.63
C ASN A 21 1.67 4.93 -3.73
N ALA A 22 1.19 3.79 -4.15
CA ALA A 22 2.07 2.60 -4.28
C ALA A 22 1.61 1.78 -5.48
N MET A 23 2.45 0.94 -6.01
CA MET A 23 2.04 0.13 -7.18
C MET A 23 1.63 1.08 -8.29
N GLY A 24 1.99 2.32 -8.13
CA GLY A 24 1.61 3.34 -9.14
C GLY A 24 0.13 3.62 -9.00
N LYS A 25 -0.43 3.25 -7.87
CA LYS A 25 -1.88 3.45 -7.61
C LYS A 25 -2.07 4.33 -6.39
N GLN A 26 -3.19 4.19 -5.76
CA GLN A 26 -3.52 4.98 -4.54
C GLN A 26 -4.14 3.99 -3.56
N TRP A 27 -3.89 4.11 -2.28
CA TRP A 27 -4.46 3.11 -1.34
C TRP A 27 -4.90 3.79 -0.04
N HIS A 28 -6.03 3.41 0.50
CA HIS A 28 -6.46 4.04 1.78
C HIS A 28 -5.32 3.81 2.77
N VAL A 29 -4.94 4.82 3.50
CA VAL A 29 -3.81 4.63 4.46
C VAL A 29 -4.13 3.44 5.36
N GLU A 30 -5.38 3.08 5.46
CA GLU A 30 -5.76 1.94 6.34
C GLU A 30 -5.76 0.63 5.55
N HIS A 31 -6.01 0.68 4.27
CA HIS A 31 -6.06 -0.58 3.47
C HIS A 31 -4.71 -0.87 2.83
N PHE A 32 -3.76 0.03 2.92
CA PHE A 32 -2.43 -0.27 2.35
C PHE A 32 -1.68 -1.13 3.35
N VAL A 33 -1.57 -2.39 3.08
CA VAL A 33 -0.91 -3.31 4.05
C VAL A 33 0.09 -4.22 3.34
N CYS A 34 0.78 -4.98 4.12
CA CYS A 34 1.77 -5.94 3.57
C CYS A 34 1.04 -6.98 2.74
N ALA A 35 1.66 -7.49 1.72
CA ALA A 35 1.00 -8.51 0.85
C ALA A 35 1.31 -9.91 1.39
N LYS A 36 1.55 -10.04 2.67
CA LYS A 36 1.86 -11.38 3.27
C LYS A 36 1.13 -11.53 4.60
N CYS A 37 0.96 -10.47 5.34
CA CYS A 37 0.27 -10.56 6.66
C CYS A 37 -0.88 -9.57 6.75
N GLU A 38 -0.96 -8.66 5.81
CA GLU A 38 -2.05 -7.67 5.84
C GLU A 38 -1.90 -6.76 7.06
N LYS A 39 -0.71 -6.28 7.29
CA LYS A 39 -0.48 -5.37 8.45
C LYS A 39 -0.39 -3.94 7.89
N PRO A 40 -1.41 -3.14 8.12
CA PRO A 40 -1.47 -1.77 7.58
C PRO A 40 -0.40 -0.86 8.19
N PHE A 41 0.18 -0.04 7.37
CA PHE A 41 1.21 0.92 7.86
C PHE A 41 0.54 2.27 8.13
N LEU A 42 -0.47 2.30 8.94
CA LEU A 42 -1.16 3.60 9.23
C LEU A 42 -0.12 4.70 9.33
N GLY A 43 0.84 4.53 10.18
CA GLY A 43 1.91 5.56 10.34
C GLY A 43 3.27 4.85 10.37
N HIS A 44 3.38 3.73 9.71
CA HIS A 44 4.67 2.98 9.71
C HIS A 44 5.25 2.94 8.29
N ARG A 45 6.39 2.33 8.13
CA ARG A 45 7.02 2.24 6.78
C ARG A 45 6.67 0.90 6.14
N HIS A 46 6.52 0.86 4.83
CA HIS A 46 6.18 -0.42 4.16
C HIS A 46 7.30 -0.82 3.21
N TYR A 47 7.25 -2.02 2.72
CA TYR A 47 8.28 -2.51 1.78
C TYR A 47 7.56 -3.19 0.62
N GLU A 48 7.94 -2.90 -0.59
CA GLU A 48 7.22 -3.50 -1.75
C GLU A 48 8.10 -4.51 -2.50
N ARG A 49 7.46 -5.42 -3.18
CA ARG A 49 8.20 -6.47 -3.93
C ARG A 49 7.46 -6.82 -5.22
N LYS A 50 8.17 -6.93 -6.31
CA LYS A 50 7.55 -7.27 -7.62
C LYS A 50 6.25 -6.51 -7.79
N GLY A 51 6.09 -5.44 -7.08
CA GLY A 51 4.86 -4.65 -7.22
C GLY A 51 3.83 -5.08 -6.18
N LEU A 52 4.29 -5.53 -5.05
CA LEU A 52 3.36 -5.96 -3.97
C LEU A 52 3.93 -5.49 -2.64
N ALA A 53 3.10 -4.97 -1.79
CA ALA A 53 3.61 -4.47 -0.48
C ALA A 53 4.00 -5.63 0.43
N TYR A 54 4.95 -5.39 1.27
CA TYR A 54 5.39 -6.44 2.23
C TYR A 54 5.96 -5.77 3.46
N CYS A 55 5.68 -6.26 4.62
CA CYS A 55 6.24 -5.61 5.82
C CYS A 55 7.76 -5.56 5.70
N GLU A 56 8.43 -5.10 6.73
CA GLU A 56 9.92 -5.05 6.70
C GLU A 56 10.49 -6.47 6.72
N THR A 57 9.90 -7.33 7.51
CA THR A 57 10.41 -8.72 7.63
C THR A 57 9.81 -9.62 6.55
N HIS A 58 8.57 -9.44 6.21
CA HIS A 58 7.97 -10.31 5.18
C HIS A 58 8.63 -9.98 3.85
N TYR A 59 8.75 -8.72 3.54
CA TYR A 59 9.41 -8.35 2.28
C TYR A 59 10.76 -9.05 2.26
N ASN A 60 11.51 -8.80 3.28
CA ASN A 60 12.85 -9.40 3.36
C ASN A 60 12.72 -10.92 3.42
N GLN A 61 11.83 -11.42 4.24
CA GLN A 61 11.67 -12.91 4.28
C GLN A 61 11.41 -13.36 2.86
N LEU A 62 10.65 -12.58 2.16
CA LEU A 62 10.34 -12.90 0.75
C LEU A 62 11.59 -12.67 -0.11
N PHE A 63 12.32 -11.63 0.16
CA PHE A 63 13.54 -11.35 -0.65
C PHE A 63 14.54 -10.54 0.19
N GLY A 64 14.37 -9.27 0.24
CA GLY A 64 15.31 -8.40 1.01
C GLY A 64 16.58 -8.19 0.19
N ASP A 65 16.74 -8.91 -0.87
CA ASP A 65 17.97 -8.76 -1.72
C ASP A 65 18.00 -9.89 -2.75
N VAL A 66 17.36 -10.98 -2.47
CA VAL A 66 17.36 -12.12 -3.44
C VAL A 66 16.41 -13.20 -2.95
N GLY A 1 -13.45 24.16 -4.00
CA GLY A 1 -12.28 23.91 -4.90
C GLY A 1 -12.23 22.41 -5.24
N SER A 2 -12.67 22.05 -6.40
CA SER A 2 -12.65 20.61 -6.80
C SER A 2 -11.19 20.14 -6.88
N MET A 3 -10.97 18.85 -6.83
CA MET A 3 -9.59 18.33 -6.91
C MET A 3 -9.62 16.83 -7.22
N GLY A 4 -10.50 16.42 -8.09
CA GLY A 4 -10.58 14.96 -8.43
C GLY A 4 -10.60 14.14 -7.15
N VAL A 5 -10.49 12.84 -7.27
CA VAL A 5 -10.50 11.98 -6.04
C VAL A 5 -9.76 10.67 -6.34
N PRO A 6 -8.86 10.30 -5.46
CA PRO A 6 -8.10 9.06 -5.60
C PRO A 6 -9.00 7.90 -5.26
N ILE A 7 -8.61 6.72 -5.64
CA ILE A 7 -9.43 5.54 -5.34
C ILE A 7 -8.55 4.43 -4.81
N CYS A 8 -8.81 4.01 -3.62
CA CYS A 8 -7.98 2.95 -2.99
C CYS A 8 -7.99 1.70 -3.87
N GLY A 9 -6.84 1.31 -4.32
CA GLY A 9 -6.74 0.10 -5.18
C GLY A 9 -7.16 -1.13 -4.38
N ALA A 10 -7.49 -0.94 -3.13
CA ALA A 10 -7.90 -2.09 -2.29
C ALA A 10 -9.40 -2.33 -2.48
N CYS A 11 -10.20 -1.36 -2.14
CA CYS A 11 -11.68 -1.51 -2.29
C CYS A 11 -12.13 -0.83 -3.59
N ARG A 12 -11.24 -0.13 -4.24
CA ARG A 12 -11.63 0.58 -5.48
C ARG A 12 -12.67 1.63 -5.10
N ARG A 13 -12.49 2.24 -3.95
CA ARG A 13 -13.44 3.27 -3.48
C ARG A 13 -12.73 4.63 -3.47
N PRO A 14 -13.44 5.68 -3.80
CA PRO A 14 -12.85 7.03 -3.84
C PRO A 14 -12.22 7.37 -2.48
N ILE A 15 -10.93 7.51 -2.44
CA ILE A 15 -10.26 7.84 -1.15
C ILE A 15 -10.59 9.29 -0.79
N GLU A 16 -10.48 9.66 0.46
CA GLU A 16 -10.82 11.06 0.85
C GLU A 16 -10.19 11.42 2.19
N GLY A 17 -8.89 11.40 2.26
CA GLY A 17 -8.19 11.76 3.52
C GLY A 17 -6.69 11.73 3.23
N ARG A 18 -6.03 10.70 3.65
CA ARG A 18 -4.58 10.56 3.37
C ARG A 18 -4.41 9.39 2.41
N VAL A 19 -3.85 9.63 1.27
CA VAL A 19 -3.72 8.54 0.25
C VAL A 19 -2.31 7.94 0.28
N VAL A 20 -2.19 6.75 -0.24
CA VAL A 20 -0.85 6.09 -0.31
C VAL A 20 -0.61 5.74 -1.77
N ASN A 21 0.40 6.31 -2.36
CA ASN A 21 0.66 6.01 -3.79
C ASN A 21 1.60 4.82 -3.90
N ALA A 22 1.08 3.68 -4.28
CA ALA A 22 1.93 2.47 -4.41
C ALA A 22 1.43 1.63 -5.58
N MET A 23 2.25 0.77 -6.10
CA MET A 23 1.80 -0.06 -7.25
C MET A 23 1.38 0.86 -8.38
N GLY A 24 1.80 2.09 -8.28
CA GLY A 24 1.42 3.08 -9.32
C GLY A 24 -0.07 3.39 -9.17
N LYS A 25 -0.58 3.20 -7.98
CA LYS A 25 -2.02 3.45 -7.72
C LYS A 25 -2.18 4.31 -6.47
N GLN A 26 -3.31 4.20 -5.84
CA GLN A 26 -3.59 4.98 -4.60
C GLN A 26 -4.22 4.00 -3.61
N TRP A 27 -3.93 4.12 -2.34
CA TRP A 27 -4.51 3.13 -1.37
C TRP A 27 -4.91 3.82 -0.07
N HIS A 28 -6.02 3.44 0.51
CA HIS A 28 -6.39 4.07 1.80
C HIS A 28 -5.24 3.83 2.76
N VAL A 29 -4.79 4.83 3.45
CA VAL A 29 -3.68 4.62 4.39
C VAL A 29 -4.03 3.47 5.31
N GLU A 30 -5.28 3.10 5.33
CA GLU A 30 -5.73 2.00 6.21
C GLU A 30 -5.76 0.67 5.44
N HIS A 31 -5.95 0.71 4.14
CA HIS A 31 -6.02 -0.57 3.37
C HIS A 31 -4.67 -0.87 2.73
N PHE A 32 -3.71 0.01 2.82
CA PHE A 32 -2.39 -0.31 2.23
C PHE A 32 -1.66 -1.19 3.24
N VAL A 33 -1.55 -2.44 2.97
CA VAL A 33 -0.92 -3.37 3.93
C VAL A 33 0.10 -4.27 3.23
N CYS A 34 0.76 -5.06 4.02
CA CYS A 34 1.77 -6.02 3.47
C CYS A 34 1.05 -7.05 2.61
N ALA A 35 1.71 -7.55 1.60
CA ALA A 35 1.08 -8.56 0.72
C ALA A 35 1.37 -9.97 1.25
N LYS A 36 1.62 -10.10 2.53
CA LYS A 36 1.90 -11.45 3.12
C LYS A 36 1.13 -11.63 4.42
N CYS A 37 0.92 -10.57 5.16
CA CYS A 37 0.20 -10.69 6.47
C CYS A 37 -0.94 -9.68 6.53
N GLU A 38 -0.98 -8.74 5.63
CA GLU A 38 -2.06 -7.73 5.65
C GLU A 38 -1.91 -6.83 6.88
N LYS A 39 -0.72 -6.36 7.13
CA LYS A 39 -0.51 -5.45 8.29
C LYS A 39 -0.44 -4.00 7.75
N PRO A 40 -1.47 -3.23 7.98
CA PRO A 40 -1.54 -1.84 7.47
C PRO A 40 -0.48 -0.95 8.10
N PHE A 41 0.12 -0.13 7.30
CA PHE A 41 1.14 0.83 7.82
C PHE A 41 0.48 2.18 8.09
N LEU A 42 -0.54 2.20 8.89
CA LEU A 42 -1.23 3.49 9.19
C LEU A 42 -0.19 4.60 9.31
N GLY A 43 0.76 4.41 10.17
CA GLY A 43 1.84 5.43 10.36
C GLY A 43 3.19 4.72 10.40
N HIS A 44 3.31 3.61 9.72
CA HIS A 44 4.60 2.86 9.71
C HIS A 44 5.16 2.80 8.29
N ARG A 45 6.33 2.25 8.14
CA ARG A 45 6.96 2.16 6.78
C ARG A 45 6.53 0.85 6.11
N HIS A 46 6.45 0.85 4.82
CA HIS A 46 6.07 -0.40 4.09
C HIS A 46 7.21 -0.79 3.17
N TYR A 47 7.12 -1.97 2.61
CA TYR A 47 8.20 -2.45 1.71
C TYR A 47 7.56 -3.12 0.49
N GLU A 48 8.01 -2.78 -0.69
CA GLU A 48 7.39 -3.35 -1.93
C GLU A 48 8.26 -4.44 -2.57
N ARG A 49 7.62 -5.37 -3.23
CA ARG A 49 8.39 -6.46 -3.91
C ARG A 49 7.67 -6.87 -5.20
N LYS A 50 8.41 -7.01 -6.26
CA LYS A 50 7.84 -7.42 -7.57
C LYS A 50 6.53 -6.68 -7.81
N GLY A 51 6.36 -5.59 -7.14
CA GLY A 51 5.11 -4.81 -7.33
C GLY A 51 4.07 -5.22 -6.29
N LEU A 52 4.52 -5.63 -5.14
CA LEU A 52 3.56 -6.04 -4.07
C LEU A 52 4.10 -5.56 -2.72
N ALA A 53 3.24 -5.07 -1.88
CA ALA A 53 3.70 -4.57 -0.57
C ALA A 53 4.08 -5.71 0.36
N TYR A 54 4.99 -5.45 1.26
CA TYR A 54 5.41 -6.49 2.21
C TYR A 54 5.93 -5.80 3.46
N CYS A 55 5.62 -6.29 4.62
CA CYS A 55 6.13 -5.62 5.84
C CYS A 55 7.67 -5.55 5.76
N GLU A 56 8.30 -4.97 6.73
CA GLU A 56 9.78 -4.89 6.74
C GLU A 56 10.37 -6.31 6.82
N THR A 57 9.76 -7.16 7.60
CA THR A 57 10.28 -8.54 7.77
C THR A 57 9.75 -9.47 6.69
N HIS A 58 8.52 -9.34 6.31
CA HIS A 58 7.99 -10.25 5.25
C HIS A 58 8.69 -9.91 3.95
N TYR A 59 8.78 -8.65 3.63
CA TYR A 59 9.47 -8.27 2.40
C TYR A 59 10.83 -8.93 2.41
N ASN A 60 11.56 -8.66 3.44
CA ASN A 60 12.91 -9.24 3.56
C ASN A 60 12.80 -10.75 3.66
N GLN A 61 11.91 -11.25 4.46
CA GLN A 61 11.79 -12.74 4.54
C GLN A 61 11.52 -13.24 3.13
N LEU A 62 10.77 -12.48 2.40
CA LEU A 62 10.47 -12.85 1.00
C LEU A 62 11.71 -12.64 0.13
N PHE A 63 12.45 -11.60 0.39
CA PHE A 63 13.67 -11.33 -0.42
C PHE A 63 14.69 -10.54 0.40
N GLY A 64 14.50 -9.25 0.48
CA GLY A 64 15.44 -8.40 1.26
C GLY A 64 16.78 -8.31 0.52
N ASP A 65 16.95 -9.13 -0.48
CA ASP A 65 18.23 -9.11 -1.26
C ASP A 65 18.40 -10.46 -1.97
N VAL A 66 17.70 -11.46 -1.52
CA VAL A 66 17.81 -12.80 -2.15
C VAL A 66 16.97 -12.83 -3.43
N GLY A 1 -15.48 11.44 -15.22
CA GLY A 1 -14.42 12.47 -15.40
C GLY A 1 -13.43 12.40 -14.24
N SER A 2 -13.77 11.68 -13.20
CA SER A 2 -12.85 11.57 -12.05
C SER A 2 -12.50 12.97 -11.53
N MET A 3 -13.11 13.38 -10.44
CA MET A 3 -12.81 14.73 -9.90
C MET A 3 -11.44 14.73 -9.24
N GLY A 4 -10.54 13.93 -9.72
CA GLY A 4 -9.17 13.88 -9.12
C GLY A 4 -9.18 12.96 -7.91
N VAL A 5 -10.32 12.80 -7.29
CA VAL A 5 -10.41 11.91 -6.10
C VAL A 5 -9.67 10.60 -6.38
N PRO A 6 -8.80 10.21 -5.48
CA PRO A 6 -8.04 8.97 -5.59
C PRO A 6 -8.95 7.80 -5.25
N ILE A 7 -8.56 6.63 -5.62
CA ILE A 7 -9.38 5.46 -5.31
C ILE A 7 -8.50 4.35 -4.76
N CYS A 8 -8.79 3.96 -3.57
CA CYS A 8 -7.97 2.91 -2.91
C CYS A 8 -7.97 1.65 -3.75
N GLY A 9 -6.82 1.29 -4.24
CA GLY A 9 -6.73 0.06 -5.08
C GLY A 9 -7.13 -1.15 -4.25
N ALA A 10 -7.42 -0.94 -3.00
CA ALA A 10 -7.82 -2.08 -2.13
C ALA A 10 -9.33 -2.31 -2.26
N CYS A 11 -10.12 -1.33 -1.95
CA CYS A 11 -11.60 -1.48 -2.06
C CYS A 11 -12.07 -0.82 -3.36
N ARG A 12 -11.17 -0.26 -4.12
CA ARG A 12 -11.56 0.40 -5.39
C ARG A 12 -12.63 1.45 -5.08
N ARG A 13 -12.46 2.16 -3.99
CA ARG A 13 -13.45 3.21 -3.61
C ARG A 13 -12.72 4.56 -3.59
N PRO A 14 -13.43 5.62 -3.89
CA PRO A 14 -12.83 6.96 -3.92
C PRO A 14 -12.23 7.31 -2.56
N ILE A 15 -10.93 7.43 -2.48
CA ILE A 15 -10.30 7.80 -1.18
C ILE A 15 -10.68 9.24 -0.87
N GLU A 16 -10.60 9.66 0.37
CA GLU A 16 -11.00 11.07 0.67
C GLU A 16 -10.37 11.56 1.97
N GLY A 17 -9.08 11.64 2.01
CA GLY A 17 -8.38 12.13 3.23
C GLY A 17 -6.88 11.97 3.02
N ARG A 18 -6.35 10.88 3.50
CA ARG A 18 -4.90 10.61 3.31
C ARG A 18 -4.78 9.48 2.30
N VAL A 19 -3.84 9.56 1.39
CA VAL A 19 -3.71 8.49 0.36
C VAL A 19 -2.30 7.91 0.35
N VAL A 20 -2.16 6.74 -0.22
CA VAL A 20 -0.82 6.11 -0.32
C VAL A 20 -0.59 5.75 -1.78
N ASN A 21 0.40 6.33 -2.40
CA ASN A 21 0.64 6.02 -3.83
C ASN A 21 1.60 4.84 -3.94
N ALA A 22 1.09 3.70 -4.30
CA ALA A 22 1.95 2.49 -4.43
C ALA A 22 1.43 1.65 -5.59
N MET A 23 2.25 0.78 -6.12
CA MET A 23 1.80 -0.07 -7.26
C MET A 23 1.36 0.85 -8.38
N GLY A 24 1.76 2.08 -8.30
CA GLY A 24 1.37 3.06 -9.35
C GLY A 24 -0.12 3.36 -9.18
N LYS A 25 -0.61 3.18 -7.98
CA LYS A 25 -2.05 3.43 -7.69
C LYS A 25 -2.21 4.31 -6.46
N GLN A 26 -3.30 4.18 -5.79
CA GLN A 26 -3.58 4.96 -4.57
C GLN A 26 -4.20 4.00 -3.56
N TRP A 27 -3.90 4.12 -2.30
CA TRP A 27 -4.48 3.14 -1.32
C TRP A 27 -4.85 3.86 -0.02
N HIS A 28 -5.98 3.51 0.56
CA HIS A 28 -6.33 4.15 1.86
C HIS A 28 -5.15 3.90 2.80
N VAL A 29 -4.67 4.89 3.47
CA VAL A 29 -3.53 4.65 4.39
C VAL A 29 -3.91 3.52 5.34
N GLU A 30 -5.17 3.19 5.38
CA GLU A 30 -5.65 2.12 6.27
C GLU A 30 -5.71 0.78 5.52
N HIS A 31 -5.90 0.80 4.23
CA HIS A 31 -5.98 -0.49 3.46
C HIS A 31 -4.64 -0.81 2.82
N PHE A 32 -3.68 0.06 2.88
CA PHE A 32 -2.36 -0.28 2.29
C PHE A 32 -1.64 -1.17 3.28
N VAL A 33 -1.53 -2.43 3.00
CA VAL A 33 -0.90 -3.35 3.96
C VAL A 33 0.11 -4.27 3.26
N CYS A 34 0.77 -5.06 4.03
CA CYS A 34 1.76 -6.02 3.48
C CYS A 34 1.04 -7.03 2.59
N ALA A 35 1.70 -7.52 1.58
CA ALA A 35 1.06 -8.49 0.66
C ALA A 35 1.35 -9.92 1.15
N LYS A 36 1.58 -10.09 2.43
CA LYS A 36 1.85 -11.46 2.98
C LYS A 36 1.08 -11.66 4.28
N CYS A 37 0.86 -10.62 5.03
CA CYS A 37 0.14 -10.77 6.33
C CYS A 37 -1.00 -9.75 6.44
N GLU A 38 -1.00 -8.74 5.60
CA GLU A 38 -2.07 -7.73 5.64
C GLU A 38 -1.92 -6.84 6.88
N LYS A 39 -0.73 -6.36 7.12
CA LYS A 39 -0.50 -5.44 8.27
C LYS A 39 -0.42 -4.01 7.73
N PRO A 40 -1.43 -3.22 8.00
CA PRO A 40 -1.49 -1.84 7.48
C PRO A 40 -0.43 -0.94 8.12
N PHE A 41 0.18 -0.13 7.32
CA PHE A 41 1.20 0.82 7.86
C PHE A 41 0.53 2.17 8.12
N LEU A 42 -0.49 2.20 8.95
CA LEU A 42 -1.18 3.48 9.25
C LEU A 42 -0.17 4.61 9.36
N GLY A 43 0.80 4.44 10.21
CA GLY A 43 1.85 5.49 10.38
C GLY A 43 3.22 4.83 10.45
N HIS A 44 3.39 3.72 9.76
CA HIS A 44 4.70 3.02 9.78
C HIS A 44 5.33 3.02 8.38
N ARG A 45 6.30 2.18 8.17
CA ARG A 45 6.97 2.11 6.83
C ARG A 45 6.60 0.80 6.14
N HIS A 46 6.49 0.81 4.84
CA HIS A 46 6.14 -0.45 4.11
C HIS A 46 7.28 -0.82 3.17
N TYR A 47 7.21 -2.01 2.63
CA TYR A 47 8.28 -2.49 1.72
C TYR A 47 7.61 -3.09 0.48
N GLU A 48 8.12 -2.80 -0.69
CA GLU A 48 7.48 -3.32 -1.95
C GLU A 48 8.32 -4.42 -2.58
N ARG A 49 7.67 -5.33 -3.26
CA ARG A 49 8.41 -6.44 -3.92
C ARG A 49 7.68 -6.85 -5.22
N LYS A 50 8.42 -7.00 -6.29
CA LYS A 50 7.83 -7.40 -7.60
C LYS A 50 6.53 -6.66 -7.81
N GLY A 51 6.39 -5.55 -7.16
CA GLY A 51 5.14 -4.76 -7.34
C GLY A 51 4.10 -5.16 -6.30
N LEU A 52 4.54 -5.56 -5.15
CA LEU A 52 3.58 -5.96 -4.07
C LEU A 52 4.14 -5.49 -2.73
N ALA A 53 3.29 -5.02 -1.87
CA ALA A 53 3.77 -4.53 -0.55
C ALA A 53 4.11 -5.68 0.37
N TYR A 54 5.03 -5.46 1.27
CA TYR A 54 5.41 -6.51 2.23
C TYR A 54 5.94 -5.86 3.49
N CYS A 55 5.61 -6.36 4.64
CA CYS A 55 6.14 -5.72 5.85
C CYS A 55 7.67 -5.69 5.77
N GLU A 56 8.31 -5.15 6.76
CA GLU A 56 9.81 -5.10 6.74
C GLU A 56 10.36 -6.53 6.81
N THR A 57 9.72 -7.37 7.58
CA THR A 57 10.21 -8.77 7.73
C THR A 57 9.65 -9.67 6.63
N HIS A 58 8.42 -9.49 6.25
CA HIS A 58 7.86 -10.35 5.19
C HIS A 58 8.56 -10.00 3.89
N TYR A 59 8.73 -8.75 3.62
CA TYR A 59 9.43 -8.35 2.39
C TYR A 59 10.78 -9.04 2.42
N ASN A 60 11.51 -8.78 3.45
CA ASN A 60 12.85 -9.38 3.57
C ASN A 60 12.71 -10.89 3.62
N GLN A 61 11.78 -11.41 4.38
CA GLN A 61 11.63 -12.89 4.42
C GLN A 61 11.43 -13.33 2.97
N LEU A 62 10.72 -12.52 2.23
CA LEU A 62 10.48 -12.82 0.80
C LEU A 62 11.76 -12.53 0.01
N PHE A 63 12.46 -11.49 0.38
CA PHE A 63 13.72 -11.15 -0.36
C PHE A 63 14.63 -10.31 0.54
N GLY A 64 14.39 -9.04 0.58
CA GLY A 64 15.25 -8.14 1.42
C GLY A 64 16.38 -7.57 0.57
N ASP A 65 16.54 -8.07 -0.63
CA ASP A 65 17.62 -7.55 -1.52
C ASP A 65 18.94 -7.53 -0.75
N VAL A 66 19.50 -8.68 -0.47
CA VAL A 66 20.79 -8.73 0.27
C VAL A 66 21.95 -8.44 -0.69
N GLY A 1 -9.20 23.65 -13.04
CA GLY A 1 -9.38 22.74 -11.88
C GLY A 1 -10.36 21.62 -12.25
N SER A 2 -10.32 20.52 -11.55
CA SER A 2 -11.25 19.40 -11.87
C SER A 2 -11.26 18.40 -10.71
N MET A 3 -12.41 18.09 -10.20
CA MET A 3 -12.48 17.11 -9.07
C MET A 3 -11.72 15.84 -9.43
N GLY A 4 -10.84 15.39 -8.57
CA GLY A 4 -10.06 14.17 -8.87
C GLY A 4 -9.82 13.37 -7.58
N VAL A 5 -10.77 12.57 -7.19
CA VAL A 5 -10.60 11.77 -5.94
C VAL A 5 -9.82 10.49 -6.25
N PRO A 6 -8.86 10.19 -5.43
CA PRO A 6 -8.06 8.97 -5.58
C PRO A 6 -8.94 7.78 -5.23
N ILE A 7 -8.54 6.63 -5.62
CA ILE A 7 -9.36 5.44 -5.31
C ILE A 7 -8.46 4.33 -4.78
N CYS A 8 -8.74 3.90 -3.58
CA CYS A 8 -7.91 2.86 -2.95
C CYS A 8 -7.88 1.61 -3.82
N GLY A 9 -6.72 1.27 -4.30
CA GLY A 9 -6.59 0.06 -5.17
C GLY A 9 -6.97 -1.18 -4.36
N ALA A 10 -7.31 -1.00 -3.12
CA ALA A 10 -7.68 -2.17 -2.28
C ALA A 10 -9.17 -2.46 -2.43
N CYS A 11 -9.99 -1.50 -2.11
CA CYS A 11 -11.46 -1.69 -2.23
C CYS A 11 -11.96 -0.97 -3.48
N ARG A 12 -11.08 -0.31 -4.19
CA ARG A 12 -11.52 0.41 -5.41
C ARG A 12 -12.57 1.45 -5.01
N ARG A 13 -12.34 2.13 -3.92
CA ARG A 13 -13.33 3.16 -3.46
C ARG A 13 -12.64 4.53 -3.45
N PRO A 14 -13.37 5.56 -3.79
CA PRO A 14 -12.83 6.93 -3.82
C PRO A 14 -12.19 7.28 -2.48
N ILE A 15 -10.88 7.42 -2.45
CA ILE A 15 -10.21 7.77 -1.16
C ILE A 15 -10.54 9.23 -0.82
N GLU A 16 -10.43 9.62 0.42
CA GLU A 16 -10.78 11.04 0.77
C GLU A 16 -10.17 11.43 2.11
N GLY A 17 -8.87 11.39 2.21
CA GLY A 17 -8.18 11.77 3.47
C GLY A 17 -6.69 11.73 3.21
N ARG A 18 -6.04 10.70 3.66
CA ARG A 18 -4.59 10.56 3.40
C ARG A 18 -4.42 9.38 2.45
N VAL A 19 -3.84 9.62 1.32
CA VAL A 19 -3.70 8.54 0.30
C VAL A 19 -2.29 7.95 0.33
N VAL A 20 -2.16 6.74 -0.18
CA VAL A 20 -0.83 6.09 -0.23
C VAL A 20 -0.57 5.75 -1.69
N ASN A 21 0.43 6.34 -2.28
CA ASN A 21 0.72 6.06 -3.70
C ASN A 21 1.68 4.88 -3.82
N ALA A 22 1.17 3.75 -4.21
CA ALA A 22 2.04 2.54 -4.35
C ALA A 22 1.55 1.72 -5.53
N MET A 23 2.36 0.86 -6.06
CA MET A 23 1.92 0.05 -7.23
C MET A 23 1.52 1.01 -8.33
N GLY A 24 1.92 2.23 -8.19
CA GLY A 24 1.57 3.26 -9.21
C GLY A 24 0.08 3.56 -9.06
N LYS A 25 -0.46 3.24 -7.92
CA LYS A 25 -1.91 3.47 -7.67
C LYS A 25 -2.09 4.33 -6.42
N GLN A 26 -3.22 4.20 -5.78
CA GLN A 26 -3.52 4.96 -4.55
C GLN A 26 -4.14 3.97 -3.57
N TRP A 27 -3.85 4.09 -2.29
CA TRP A 27 -4.42 3.08 -1.34
C TRP A 27 -4.85 3.76 -0.04
N HIS A 28 -5.98 3.38 0.51
CA HIS A 28 -6.39 4.00 1.80
C HIS A 28 -5.25 3.79 2.78
N VAL A 29 -4.81 4.80 3.45
CA VAL A 29 -3.70 4.60 4.42
C VAL A 29 -4.09 3.46 5.35
N GLU A 30 -5.34 3.10 5.34
CA GLU A 30 -5.82 2.00 6.22
C GLU A 30 -5.83 0.67 5.46
N HIS A 31 -6.00 0.69 4.16
CA HIS A 31 -6.03 -0.60 3.39
C HIS A 31 -4.67 -0.90 2.76
N PHE A 32 -3.74 0.00 2.85
CA PHE A 32 -2.41 -0.31 2.27
C PHE A 32 -1.67 -1.19 3.27
N VAL A 33 -1.56 -2.45 2.98
CA VAL A 33 -0.92 -3.38 3.94
C VAL A 33 0.07 -4.29 3.24
N CYS A 34 0.77 -5.06 4.01
CA CYS A 34 1.75 -6.04 3.44
C CYS A 34 1.02 -7.01 2.54
N ALA A 35 1.67 -7.49 1.51
CA ALA A 35 1.01 -8.44 0.58
C ALA A 35 1.31 -9.88 1.04
N LYS A 36 1.38 -10.07 2.33
CA LYS A 36 1.68 -11.44 2.86
C LYS A 36 0.87 -11.68 4.14
N CYS A 37 0.77 -10.68 4.97
CA CYS A 37 0.03 -10.84 6.26
C CYS A 37 -1.09 -9.81 6.36
N GLU A 38 -1.03 -8.77 5.58
CA GLU A 38 -2.09 -7.73 5.62
C GLU A 38 -1.90 -6.83 6.84
N LYS A 39 -0.70 -6.36 7.07
CA LYS A 39 -0.45 -5.44 8.21
C LYS A 39 -0.40 -4.00 7.65
N PRO A 40 -1.40 -3.21 7.97
CA PRO A 40 -1.47 -1.83 7.46
C PRO A 40 -0.42 -0.91 8.07
N PHE A 41 0.17 -0.10 7.26
CA PHE A 41 1.18 0.87 7.77
C PHE A 41 0.51 2.21 8.01
N LEU A 42 -0.49 2.24 8.84
CA LEU A 42 -1.20 3.52 9.12
C LEU A 42 -0.17 4.66 9.19
N GLY A 43 0.80 4.51 10.05
CA GLY A 43 1.85 5.57 10.18
C GLY A 43 3.23 4.90 10.22
N HIS A 44 3.37 3.77 9.58
CA HIS A 44 4.68 3.05 9.59
C HIS A 44 5.27 3.02 8.18
N ARG A 45 6.41 2.40 8.03
CA ARG A 45 7.07 2.31 6.69
C ARG A 45 6.71 0.97 6.05
N HIS A 46 6.50 0.96 4.74
CA HIS A 46 6.17 -0.33 4.06
C HIS A 46 7.29 -0.72 3.11
N TYR A 47 7.21 -1.91 2.57
CA TYR A 47 8.27 -2.39 1.66
C TYR A 47 7.60 -3.02 0.42
N GLU A 48 8.12 -2.76 -0.75
CA GLU A 48 7.49 -3.30 -2.00
C GLU A 48 8.34 -4.41 -2.62
N ARG A 49 7.69 -5.36 -3.23
CA ARG A 49 8.43 -6.47 -3.89
C ARG A 49 7.60 -7.01 -5.06
N LYS A 50 8.10 -6.91 -6.26
CA LYS A 50 7.37 -7.41 -7.45
C LYS A 50 6.04 -6.67 -7.61
N GLY A 51 6.01 -5.44 -7.20
CA GLY A 51 4.73 -4.68 -7.33
C GLY A 51 3.77 -5.14 -6.24
N LEU A 52 4.31 -5.53 -5.13
CA LEU A 52 3.45 -5.99 -4.00
C LEU A 52 4.05 -5.48 -2.69
N ALA A 53 3.22 -5.00 -1.81
CA ALA A 53 3.76 -4.48 -0.52
C ALA A 53 4.12 -5.63 0.41
N TYR A 54 5.05 -5.38 1.30
CA TYR A 54 5.45 -6.42 2.27
C TYR A 54 5.98 -5.75 3.53
N CYS A 55 5.64 -6.24 4.68
CA CYS A 55 6.18 -5.59 5.91
C CYS A 55 7.71 -5.59 5.82
N GLU A 56 8.35 -4.94 6.73
CA GLU A 56 9.85 -4.93 6.72
C GLU A 56 10.37 -6.36 6.81
N THR A 57 9.68 -7.19 7.55
CA THR A 57 10.14 -8.60 7.74
C THR A 57 9.62 -9.50 6.62
N HIS A 58 8.38 -9.39 6.26
CA HIS A 58 7.86 -10.26 5.19
C HIS A 58 8.57 -9.93 3.90
N TYR A 59 8.75 -8.67 3.63
CA TYR A 59 9.47 -8.29 2.40
C TYR A 59 10.80 -9.02 2.44
N ASN A 60 11.53 -8.78 3.47
CA ASN A 60 12.85 -9.43 3.60
C ASN A 60 12.65 -10.93 3.71
N GLN A 61 11.71 -11.37 4.51
CA GLN A 61 11.50 -12.84 4.61
C GLN A 61 11.29 -13.35 3.19
N LEU A 62 10.66 -12.53 2.39
CA LEU A 62 10.44 -12.90 0.97
C LEU A 62 11.72 -12.67 0.19
N PHE A 63 12.43 -11.61 0.50
CA PHE A 63 13.69 -11.32 -0.24
C PHE A 63 14.58 -10.37 0.57
N GLY A 64 14.29 -9.10 0.53
CA GLY A 64 15.13 -8.12 1.29
C GLY A 64 16.24 -7.60 0.38
N ASP A 65 16.41 -8.19 -0.77
CA ASP A 65 17.47 -7.74 -1.70
C ASP A 65 17.21 -8.33 -3.08
N VAL A 66 17.89 -9.39 -3.41
CA VAL A 66 17.69 -10.02 -4.76
C VAL A 66 16.25 -10.50 -4.88
N GLY A 1 -11.70 22.06 -13.16
CA GLY A 1 -10.88 21.32 -12.16
C GLY A 1 -11.80 20.77 -11.05
N SER A 2 -12.17 19.53 -11.16
CA SER A 2 -13.06 18.93 -10.12
C SER A 2 -12.95 17.41 -10.17
N MET A 3 -13.36 16.81 -11.25
CA MET A 3 -13.28 15.32 -11.37
C MET A 3 -11.87 14.86 -10.98
N GLY A 4 -11.77 13.89 -10.13
CA GLY A 4 -10.41 13.39 -9.71
C GLY A 4 -10.56 12.45 -8.51
N VAL A 5 -10.11 12.87 -7.36
CA VAL A 5 -10.22 12.00 -6.15
C VAL A 5 -9.52 10.66 -6.40
N PRO A 6 -8.65 10.28 -5.50
CA PRO A 6 -7.93 9.01 -5.61
C PRO A 6 -8.86 7.88 -5.23
N ILE A 7 -8.50 6.69 -5.58
CA ILE A 7 -9.36 5.53 -5.24
C ILE A 7 -8.50 4.41 -4.70
N CYS A 8 -8.76 4.02 -3.49
CA CYS A 8 -7.96 2.96 -2.85
C CYS A 8 -8.03 1.70 -3.68
N GLY A 9 -6.91 1.29 -4.22
CA GLY A 9 -6.88 0.06 -5.05
C GLY A 9 -7.29 -1.13 -4.20
N ALA A 10 -7.52 -0.91 -2.94
CA ALA A 10 -7.93 -2.03 -2.05
C ALA A 10 -9.45 -2.22 -2.14
N CYS A 11 -10.19 -1.21 -1.82
CA CYS A 11 -11.68 -1.32 -1.87
C CYS A 11 -12.18 -0.68 -3.17
N ARG A 12 -11.29 -0.12 -3.95
CA ARG A 12 -11.72 0.54 -5.21
C ARG A 12 -12.73 1.64 -4.87
N ARG A 13 -12.50 2.34 -3.79
CA ARG A 13 -13.44 3.43 -3.39
C ARG A 13 -12.67 4.75 -3.41
N PRO A 14 -13.36 5.83 -3.70
CA PRO A 14 -12.72 7.15 -3.76
C PRO A 14 -12.07 7.51 -2.43
N ILE A 15 -10.76 7.58 -2.40
CA ILE A 15 -10.08 7.94 -1.12
C ILE A 15 -10.38 9.41 -0.82
N GLU A 16 -10.22 9.84 0.40
CA GLU A 16 -10.53 11.27 0.71
C GLU A 16 -10.07 11.63 2.12
N GLY A 17 -8.79 11.71 2.31
CA GLY A 17 -8.25 12.07 3.65
C GLY A 17 -6.79 11.67 3.71
N ARG A 18 -6.52 10.43 3.43
CA ARG A 18 -5.12 9.94 3.44
C ARG A 18 -4.94 8.99 2.25
N VAL A 19 -3.92 9.20 1.45
CA VAL A 19 -3.71 8.31 0.27
C VAL A 19 -2.31 7.73 0.28
N VAL A 20 -2.14 6.58 -0.31
CA VAL A 20 -0.81 5.94 -0.39
C VAL A 20 -0.55 5.62 -1.86
N ASN A 21 0.44 6.22 -2.45
CA ASN A 21 0.70 5.94 -3.88
C ASN A 21 1.62 4.71 -4.00
N ALA A 22 1.07 3.61 -4.39
CA ALA A 22 1.89 2.36 -4.53
C ALA A 22 1.34 1.54 -5.68
N MET A 23 2.13 0.64 -6.21
CA MET A 23 1.65 -0.19 -7.34
C MET A 23 1.23 0.74 -8.46
N GLY A 24 1.68 1.95 -8.40
CA GLY A 24 1.30 2.94 -9.44
C GLY A 24 -0.17 3.28 -9.25
N LYS A 25 -0.66 3.07 -8.06
CA LYS A 25 -2.10 3.34 -7.77
C LYS A 25 -2.21 4.20 -6.50
N GLN A 26 -3.34 4.14 -5.85
CA GLN A 26 -3.56 4.91 -4.60
C GLN A 26 -4.19 3.96 -3.60
N TRP A 27 -3.87 4.06 -2.33
CA TRP A 27 -4.45 3.11 -1.35
C TRP A 27 -4.77 3.83 -0.04
N HIS A 28 -5.88 3.52 0.58
CA HIS A 28 -6.17 4.19 1.89
C HIS A 28 -4.96 3.90 2.79
N VAL A 29 -4.54 4.84 3.56
CA VAL A 29 -3.37 4.60 4.43
C VAL A 29 -3.68 3.43 5.36
N GLU A 30 -4.93 3.11 5.54
CA GLU A 30 -5.31 1.99 6.45
C GLU A 30 -5.53 0.71 5.63
N HIS A 31 -5.62 0.81 4.32
CA HIS A 31 -5.83 -0.42 3.50
C HIS A 31 -4.55 -0.80 2.78
N PHE A 32 -3.54 0.03 2.83
CA PHE A 32 -2.27 -0.34 2.17
C PHE A 32 -1.54 -1.25 3.13
N VAL A 33 -1.54 -2.52 2.86
CA VAL A 33 -0.91 -3.48 3.79
C VAL A 33 0.11 -4.37 3.07
N CYS A 34 0.74 -5.20 3.83
CA CYS A 34 1.73 -6.15 3.28
C CYS A 34 1.03 -7.18 2.40
N ALA A 35 1.70 -7.66 1.40
CA ALA A 35 1.08 -8.67 0.50
C ALA A 35 1.42 -10.08 1.01
N LYS A 36 1.67 -10.22 2.29
CA LYS A 36 2.00 -11.56 2.86
C LYS A 36 1.20 -11.78 4.15
N CYS A 37 0.90 -10.73 4.86
CA CYS A 37 0.14 -10.88 6.13
C CYS A 37 -1.02 -9.89 6.20
N GLU A 38 -1.01 -8.89 5.37
CA GLU A 38 -2.11 -7.89 5.36
C GLU A 38 -2.01 -6.99 6.60
N LYS A 39 -0.83 -6.51 6.90
CA LYS A 39 -0.67 -5.60 8.07
C LYS A 39 -0.59 -4.17 7.53
N PRO A 40 -1.59 -3.37 7.82
CA PRO A 40 -1.64 -1.99 7.31
C PRO A 40 -0.61 -1.12 8.02
N PHE A 41 0.10 -0.35 7.26
CA PHE A 41 1.12 0.56 7.85
C PHE A 41 0.48 1.92 8.11
N LEU A 42 -0.54 1.92 8.90
CA LEU A 42 -1.25 3.20 9.20
C LEU A 42 -0.22 4.32 9.40
N GLY A 43 0.69 4.13 10.30
CA GLY A 43 1.74 5.16 10.54
C GLY A 43 3.12 4.51 10.47
N HIS A 44 3.23 3.41 9.76
CA HIS A 44 4.55 2.72 9.65
C HIS A 44 5.04 2.76 8.19
N ARG A 45 6.27 2.40 7.98
CA ARG A 45 6.83 2.41 6.59
C ARG A 45 6.45 1.10 5.89
N HIS A 46 6.43 1.10 4.58
CA HIS A 46 6.08 -0.16 3.85
C HIS A 46 7.23 -0.56 2.93
N TYR A 47 7.14 -1.74 2.38
CA TYR A 47 8.20 -2.25 1.49
C TYR A 47 7.53 -2.88 0.27
N GLU A 48 8.03 -2.60 -0.91
CA GLU A 48 7.40 -3.15 -2.15
C GLU A 48 8.29 -4.20 -2.81
N ARG A 49 7.68 -5.24 -3.32
CA ARG A 49 8.48 -6.30 -4.01
C ARG A 49 7.68 -6.88 -5.17
N LYS A 50 8.33 -7.07 -6.28
CA LYS A 50 7.65 -7.64 -7.48
C LYS A 50 6.37 -6.88 -7.72
N GLY A 51 6.29 -5.69 -7.24
CA GLY A 51 5.06 -4.89 -7.46
C GLY A 51 4.03 -5.27 -6.40
N LEU A 52 4.49 -5.67 -5.25
CA LEU A 52 3.56 -6.07 -4.16
C LEU A 52 4.10 -5.52 -2.84
N ALA A 53 3.23 -5.10 -1.98
CA ALA A 53 3.68 -4.55 -0.67
C ALA A 53 4.08 -5.66 0.29
N TYR A 54 4.99 -5.36 1.17
CA TYR A 54 5.43 -6.37 2.16
C TYR A 54 5.93 -5.64 3.40
N CYS A 55 5.57 -6.09 4.57
CA CYS A 55 6.07 -5.37 5.77
C CYS A 55 7.60 -5.35 5.73
N GLU A 56 8.22 -4.66 6.64
CA GLU A 56 9.71 -4.63 6.66
C GLU A 56 10.25 -6.04 6.83
N THR A 57 9.55 -6.86 7.57
CA THR A 57 10.02 -8.25 7.83
C THR A 57 9.57 -9.21 6.74
N HIS A 58 8.35 -9.14 6.31
CA HIS A 58 7.90 -10.09 5.27
C HIS A 58 8.64 -9.75 3.98
N TYR A 59 8.75 -8.50 3.65
CA TYR A 59 9.50 -8.13 2.44
C TYR A 59 10.84 -8.81 2.52
N ASN A 60 11.51 -8.55 3.59
CA ASN A 60 12.85 -9.17 3.77
C ASN A 60 12.68 -10.68 3.91
N GLN A 61 11.73 -11.12 4.70
CA GLN A 61 11.52 -12.59 4.83
C GLN A 61 11.38 -13.14 3.41
N LEU A 62 10.70 -12.39 2.60
CA LEU A 62 10.51 -12.78 1.18
C LEU A 62 11.84 -12.63 0.45
N PHE A 63 12.54 -11.57 0.73
CA PHE A 63 13.84 -11.33 0.05
C PHE A 63 14.75 -10.47 0.92
N GLY A 64 14.60 -9.18 0.85
CA GLY A 64 15.45 -8.28 1.67
C GLY A 64 16.70 -7.89 0.88
N ASP A 65 16.59 -7.83 -0.42
CA ASP A 65 17.77 -7.45 -1.26
C ASP A 65 18.94 -8.38 -0.91
N VAL A 66 18.67 -9.64 -0.70
CA VAL A 66 19.77 -10.59 -0.36
C VAL A 66 19.26 -12.02 -0.50
N GLY A 1 -11.02 23.36 -11.58
CA GLY A 1 -12.10 22.41 -11.20
C GLY A 1 -11.66 20.97 -11.52
N SER A 2 -12.37 20.32 -12.39
CA SER A 2 -11.99 18.92 -12.76
C SER A 2 -11.87 18.07 -11.49
N MET A 3 -12.89 17.34 -11.15
CA MET A 3 -12.83 16.49 -9.92
C MET A 3 -11.70 15.46 -10.07
N GLY A 4 -11.94 14.25 -9.65
CA GLY A 4 -10.89 13.20 -9.76
C GLY A 4 -10.97 12.27 -8.55
N VAL A 5 -10.48 12.72 -7.42
CA VAL A 5 -10.51 11.88 -6.19
C VAL A 5 -9.78 10.56 -6.44
N PRO A 6 -8.87 10.21 -5.56
CA PRO A 6 -8.11 8.97 -5.67
C PRO A 6 -9.02 7.81 -5.29
N ILE A 7 -8.63 6.63 -5.64
CA ILE A 7 -9.45 5.46 -5.30
C ILE A 7 -8.56 4.36 -4.76
N CYS A 8 -8.81 3.95 -3.55
CA CYS A 8 -7.98 2.91 -2.92
C CYS A 8 -8.00 1.64 -3.77
N GLY A 9 -6.87 1.26 -4.28
CA GLY A 9 -6.80 0.05 -5.12
C GLY A 9 -7.18 -1.17 -4.29
N ALA A 10 -7.45 -0.98 -3.02
CA ALA A 10 -7.83 -2.13 -2.16
C ALA A 10 -9.33 -2.38 -2.28
N CYS A 11 -10.13 -1.41 -1.94
CA CYS A 11 -11.61 -1.58 -2.04
C CYS A 11 -12.10 -0.90 -3.31
N ARG A 12 -11.23 -0.27 -4.04
CA ARG A 12 -11.65 0.41 -5.29
C ARG A 12 -12.69 1.48 -4.93
N ARG A 13 -12.48 2.18 -3.85
CA ARG A 13 -13.45 3.23 -3.43
C ARG A 13 -12.72 4.58 -3.45
N PRO A 14 -13.44 5.64 -3.71
CA PRO A 14 -12.84 6.99 -3.76
C PRO A 14 -12.20 7.34 -2.42
N ILE A 15 -10.90 7.47 -2.40
CA ILE A 15 -10.22 7.83 -1.12
C ILE A 15 -10.56 9.27 -0.77
N GLU A 16 -10.45 9.66 0.47
CA GLU A 16 -10.82 11.06 0.84
C GLU A 16 -10.15 11.47 2.16
N GLY A 17 -8.86 11.44 2.21
CA GLY A 17 -8.13 11.85 3.44
C GLY A 17 -6.65 11.82 3.15
N ARG A 18 -5.99 10.79 3.58
CA ARG A 18 -4.54 10.64 3.30
C ARG A 18 -4.39 9.46 2.35
N VAL A 19 -3.84 9.68 1.20
CA VAL A 19 -3.72 8.59 0.20
C VAL A 19 -2.32 7.97 0.22
N VAL A 20 -2.21 6.76 -0.25
CA VAL A 20 -0.89 6.09 -0.30
C VAL A 20 -0.62 5.75 -1.76
N ASN A 21 0.38 6.34 -2.34
CA ASN A 21 0.66 6.05 -3.77
C ASN A 21 1.63 4.87 -3.88
N ALA A 22 1.12 3.73 -4.27
CA ALA A 22 2.00 2.54 -4.41
C ALA A 22 1.51 1.71 -5.59
N MET A 23 2.35 0.86 -6.12
CA MET A 23 1.91 0.04 -7.28
C MET A 23 1.49 0.99 -8.39
N GLY A 24 1.88 2.22 -8.26
CA GLY A 24 1.51 3.24 -9.26
C GLY A 24 0.01 3.51 -9.11
N LYS A 25 -0.52 3.23 -7.97
CA LYS A 25 -1.98 3.44 -7.71
C LYS A 25 -2.16 4.30 -6.47
N GLN A 26 -3.28 4.18 -5.82
CA GLN A 26 -3.58 4.95 -4.60
C GLN A 26 -4.21 3.98 -3.60
N TRP A 27 -3.93 4.09 -2.33
CA TRP A 27 -4.49 3.11 -1.37
C TRP A 27 -4.88 3.80 -0.07
N HIS A 28 -6.00 3.43 0.52
CA HIS A 28 -6.37 4.07 1.81
C HIS A 28 -5.18 3.84 2.75
N VAL A 29 -4.82 4.82 3.52
CA VAL A 29 -3.66 4.63 4.44
C VAL A 29 -3.94 3.43 5.35
N GLU A 30 -5.17 3.05 5.50
CA GLU A 30 -5.51 1.91 6.38
C GLU A 30 -5.63 0.62 5.57
N HIS A 31 -5.78 0.71 4.27
CA HIS A 31 -5.91 -0.54 3.44
C HIS A 31 -4.59 -0.86 2.75
N PHE A 32 -3.63 0.02 2.82
CA PHE A 32 -2.32 -0.30 2.19
C PHE A 32 -1.57 -1.18 3.17
N VAL A 33 -1.50 -2.44 2.87
CA VAL A 33 -0.85 -3.39 3.81
C VAL A 33 0.16 -4.28 3.11
N CYS A 34 0.81 -5.10 3.87
CA CYS A 34 1.80 -6.05 3.31
C CYS A 34 1.10 -7.08 2.44
N ALA A 35 1.75 -7.56 1.42
CA ALA A 35 1.13 -8.58 0.54
C ALA A 35 1.47 -9.98 1.05
N LYS A 36 1.64 -10.12 2.34
CA LYS A 36 1.99 -11.45 2.94
C LYS A 36 1.21 -11.67 4.24
N CYS A 37 0.93 -10.60 4.96
CA CYS A 37 0.22 -10.75 6.25
C CYS A 37 -0.95 -9.77 6.33
N GLU A 38 -0.94 -8.75 5.49
CA GLU A 38 -2.04 -7.75 5.50
C GLU A 38 -1.92 -6.84 6.73
N LYS A 39 -0.75 -6.36 7.00
CA LYS A 39 -0.57 -5.43 8.16
C LYS A 39 -0.48 -4.00 7.59
N PRO A 40 -1.48 -3.18 7.86
CA PRO A 40 -1.52 -1.81 7.32
C PRO A 40 -0.48 -0.93 8.00
N PHE A 41 0.20 -0.15 7.22
CA PHE A 41 1.22 0.78 7.79
C PHE A 41 0.56 2.14 8.04
N LEU A 42 -0.50 2.15 8.78
CA LEU A 42 -1.20 3.43 9.05
C LEU A 42 -0.18 4.54 9.30
N GLY A 43 0.69 4.34 10.24
CA GLY A 43 1.73 5.37 10.55
C GLY A 43 3.12 4.74 10.54
N HIS A 44 3.29 3.64 9.85
CA HIS A 44 4.63 2.98 9.81
C HIS A 44 5.19 3.02 8.40
N ARG A 45 6.19 2.22 8.14
CA ARG A 45 6.81 2.18 6.77
C ARG A 45 6.42 0.88 6.08
N HIS A 46 6.40 0.88 4.77
CA HIS A 46 6.06 -0.36 4.03
C HIS A 46 7.23 -0.76 3.14
N TYR A 47 7.14 -1.91 2.56
CA TYR A 47 8.25 -2.39 1.69
C TYR A 47 7.65 -3.05 0.44
N GLU A 48 8.15 -2.72 -0.72
CA GLU A 48 7.57 -3.26 -2.00
C GLU A 48 8.43 -4.37 -2.58
N ARG A 49 7.79 -5.32 -3.22
CA ARG A 49 8.54 -6.44 -3.87
C ARG A 49 7.70 -7.01 -5.02
N LYS A 50 8.23 -6.98 -6.21
CA LYS A 50 7.49 -7.53 -7.38
C LYS A 50 6.20 -6.74 -7.60
N GLY A 51 6.20 -5.49 -7.23
CA GLY A 51 4.97 -4.70 -7.43
C GLY A 51 3.95 -5.12 -6.39
N LEU A 52 4.43 -5.51 -5.25
CA LEU A 52 3.53 -5.94 -4.15
C LEU A 52 4.08 -5.44 -2.83
N ALA A 53 3.24 -5.03 -1.95
CA ALA A 53 3.73 -4.50 -0.65
C ALA A 53 4.12 -5.64 0.28
N TYR A 54 5.02 -5.38 1.18
CA TYR A 54 5.45 -6.42 2.13
C TYR A 54 5.95 -5.72 3.39
N CYS A 55 5.65 -6.24 4.54
CA CYS A 55 6.15 -5.58 5.77
C CYS A 55 7.67 -5.54 5.72
N GLU A 56 8.27 -4.90 6.69
CA GLU A 56 9.77 -4.85 6.74
C GLU A 56 10.33 -6.26 6.85
N THR A 57 9.66 -7.10 7.59
CA THR A 57 10.15 -8.49 7.79
C THR A 57 9.65 -9.43 6.69
N HIS A 58 8.43 -9.34 6.29
CA HIS A 58 7.95 -10.25 5.24
C HIS A 58 8.67 -9.91 3.95
N TYR A 59 8.76 -8.65 3.63
CA TYR A 59 9.49 -8.26 2.41
C TYR A 59 10.82 -8.97 2.44
N ASN A 60 11.52 -8.78 3.51
CA ASN A 60 12.83 -9.42 3.64
C ASN A 60 12.64 -10.93 3.78
N GLN A 61 11.73 -11.35 4.60
CA GLN A 61 11.50 -12.82 4.73
C GLN A 61 11.27 -13.35 3.32
N LEU A 62 10.65 -12.54 2.52
CA LEU A 62 10.39 -12.92 1.11
C LEU A 62 11.68 -12.73 0.31
N PHE A 63 12.41 -11.70 0.59
CA PHE A 63 13.68 -11.45 -0.16
C PHE A 63 14.60 -10.52 0.63
N GLY A 64 14.33 -9.24 0.58
CA GLY A 64 15.19 -8.27 1.31
C GLY A 64 16.32 -7.80 0.40
N ASP A 65 16.47 -8.43 -0.73
CA ASP A 65 17.55 -8.03 -1.68
C ASP A 65 18.91 -8.05 -0.95
N VAL A 66 19.28 -9.19 -0.44
CA VAL A 66 20.59 -9.29 0.29
C VAL A 66 21.74 -9.29 -0.73
N GLY A 1 -13.90 18.08 -16.44
CA GLY A 1 -15.26 17.91 -15.85
C GLY A 1 -15.17 18.06 -14.33
N SER A 2 -14.26 18.87 -13.86
CA SER A 2 -14.13 19.07 -12.39
C SER A 2 -14.00 17.70 -11.70
N MET A 3 -12.81 17.16 -11.64
CA MET A 3 -12.62 15.84 -10.98
C MET A 3 -11.27 15.81 -10.27
N GLY A 4 -11.18 15.14 -9.15
CA GLY A 4 -9.89 15.08 -8.42
C GLY A 4 -10.06 14.22 -7.17
N VAL A 5 -10.01 12.92 -7.31
CA VAL A 5 -10.15 12.03 -6.13
C VAL A 5 -9.44 10.69 -6.39
N PRO A 6 -8.59 10.29 -5.48
CA PRO A 6 -7.87 9.03 -5.59
C PRO A 6 -8.80 7.88 -5.27
N ILE A 7 -8.41 6.70 -5.63
CA ILE A 7 -9.27 5.54 -5.34
C ILE A 7 -8.41 4.41 -4.79
N CYS A 8 -8.71 4.01 -3.59
CA CYS A 8 -7.92 2.95 -2.94
C CYS A 8 -7.98 1.67 -3.75
N GLY A 9 -6.85 1.22 -4.22
CA GLY A 9 -6.82 -0.03 -5.03
C GLY A 9 -7.26 -1.20 -4.16
N ALA A 10 -7.50 -0.94 -2.90
CA ALA A 10 -7.94 -2.04 -2.00
C ALA A 10 -9.44 -2.25 -2.13
N CYS A 11 -10.20 -1.19 -2.11
CA CYS A 11 -11.68 -1.30 -2.24
C CYS A 11 -12.12 -0.65 -3.54
N ARG A 12 -11.21 -0.09 -4.28
CA ARG A 12 -11.60 0.59 -5.55
C ARG A 12 -12.61 1.66 -5.19
N ARG A 13 -12.45 2.27 -4.04
CA ARG A 13 -13.39 3.34 -3.60
C ARG A 13 -12.64 4.67 -3.57
N PRO A 14 -13.30 5.74 -3.93
CA PRO A 14 -12.67 7.07 -3.95
C PRO A 14 -12.08 7.40 -2.58
N ILE A 15 -10.78 7.50 -2.51
CA ILE A 15 -10.14 7.84 -1.20
C ILE A 15 -10.49 9.29 -0.86
N GLU A 16 -10.40 9.67 0.39
CA GLU A 16 -10.77 11.07 0.75
C GLU A 16 -10.31 11.40 2.17
N GLY A 17 -9.02 11.49 2.37
CA GLY A 17 -8.48 11.81 3.72
C GLY A 17 -6.98 11.60 3.69
N ARG A 18 -6.58 10.38 3.50
CA ARG A 18 -5.14 10.05 3.43
C ARG A 18 -4.94 9.05 2.29
N VAL A 19 -3.93 9.22 1.49
CA VAL A 19 -3.72 8.28 0.34
C VAL A 19 -2.31 7.71 0.36
N VAL A 20 -2.12 6.60 -0.28
CA VAL A 20 -0.78 5.96 -0.36
C VAL A 20 -0.53 5.61 -1.83
N ASN A 21 0.46 6.21 -2.43
CA ASN A 21 0.72 5.90 -3.86
C ASN A 21 1.63 4.68 -3.97
N ALA A 22 1.08 3.56 -4.34
CA ALA A 22 1.90 2.32 -4.47
C ALA A 22 1.36 1.50 -5.64
N MET A 23 2.16 0.61 -6.16
CA MET A 23 1.69 -0.22 -7.31
C MET A 23 1.28 0.71 -8.42
N GLY A 24 1.74 1.92 -8.34
CA GLY A 24 1.38 2.93 -9.38
C GLY A 24 -0.08 3.29 -9.20
N LYS A 25 -0.62 3.00 -8.04
CA LYS A 25 -2.04 3.29 -7.74
C LYS A 25 -2.15 4.17 -6.49
N GLN A 26 -3.27 4.11 -5.84
CA GLN A 26 -3.49 4.90 -4.60
C GLN A 26 -4.14 3.95 -3.59
N TRP A 27 -3.82 4.08 -2.33
CA TRP A 27 -4.42 3.12 -1.34
C TRP A 27 -4.76 3.83 -0.04
N HIS A 28 -5.89 3.53 0.56
CA HIS A 28 -6.20 4.19 1.85
C HIS A 28 -5.01 3.91 2.79
N VAL A 29 -4.59 4.87 3.54
CA VAL A 29 -3.42 4.62 4.44
C VAL A 29 -3.76 3.47 5.38
N GLU A 30 -5.02 3.15 5.52
CA GLU A 30 -5.40 2.04 6.42
C GLU A 30 -5.54 0.73 5.62
N HIS A 31 -5.73 0.81 4.34
CA HIS A 31 -5.89 -0.44 3.53
C HIS A 31 -4.57 -0.79 2.84
N PHE A 32 -3.58 0.05 2.91
CA PHE A 32 -2.29 -0.32 2.27
C PHE A 32 -1.54 -1.21 3.25
N VAL A 33 -1.55 -2.48 3.00
CA VAL A 33 -0.91 -3.44 3.94
C VAL A 33 0.08 -4.34 3.22
N CYS A 34 0.74 -5.15 3.97
CA CYS A 34 1.72 -6.12 3.39
C CYS A 34 0.98 -7.10 2.49
N ALA A 35 1.63 -7.58 1.47
CA ALA A 35 0.97 -8.54 0.54
C ALA A 35 1.25 -9.96 1.03
N LYS A 36 1.45 -10.14 2.30
CA LYS A 36 1.73 -11.50 2.86
C LYS A 36 0.89 -11.74 4.11
N CYS A 37 0.80 -10.75 4.95
CA CYS A 37 0.05 -10.90 6.23
C CYS A 37 -1.08 -9.88 6.31
N GLU A 38 -1.04 -8.86 5.50
CA GLU A 38 -2.10 -7.83 5.53
C GLU A 38 -1.96 -6.96 6.78
N LYS A 39 -0.76 -6.50 7.06
CA LYS A 39 -0.55 -5.62 8.25
C LYS A 39 -0.47 -4.18 7.74
N PRO A 40 -1.48 -3.39 8.02
CA PRO A 40 -1.55 -2.00 7.55
C PRO A 40 -0.47 -1.13 8.20
N PHE A 41 0.13 -0.30 7.41
CA PHE A 41 1.16 0.63 7.93
C PHE A 41 0.51 1.97 8.24
N LEU A 42 -0.45 1.97 9.13
CA LEU A 42 -1.15 3.24 9.48
C LEU A 42 -0.12 4.37 9.56
N GLY A 43 0.89 4.21 10.36
CA GLY A 43 1.94 5.25 10.49
C GLY A 43 3.31 4.61 10.43
N HIS A 44 3.42 3.50 9.73
CA HIS A 44 4.74 2.80 9.63
C HIS A 44 5.22 2.79 8.17
N ARG A 45 6.46 2.49 7.95
CA ARG A 45 7.01 2.45 6.56
C ARG A 45 6.60 1.14 5.89
N HIS A 46 6.52 1.12 4.59
CA HIS A 46 6.14 -0.14 3.87
C HIS A 46 7.26 -0.56 2.95
N TYR A 47 7.16 -1.75 2.42
CA TYR A 47 8.21 -2.28 1.52
C TYR A 47 7.53 -2.92 0.30
N GLU A 48 8.04 -2.69 -0.87
CA GLU A 48 7.40 -3.26 -2.11
C GLU A 48 8.24 -4.36 -2.72
N ARG A 49 7.59 -5.29 -3.36
CA ARG A 49 8.32 -6.42 -4.03
C ARG A 49 7.58 -6.86 -5.29
N LYS A 50 8.28 -7.00 -6.38
CA LYS A 50 7.66 -7.45 -7.65
C LYS A 50 6.32 -6.75 -7.84
N GLY A 51 6.17 -5.62 -7.23
CA GLY A 51 4.89 -4.88 -7.39
C GLY A 51 3.91 -5.32 -6.30
N LEU A 52 4.41 -5.69 -5.16
CA LEU A 52 3.53 -6.12 -4.04
C LEU A 52 4.07 -5.57 -2.73
N ALA A 53 3.21 -5.11 -1.88
CA ALA A 53 3.68 -4.54 -0.59
C ALA A 53 4.06 -5.63 0.39
N TYR A 54 4.96 -5.32 1.28
CA TYR A 54 5.38 -6.32 2.29
C TYR A 54 5.91 -5.58 3.51
N CYS A 55 5.59 -6.02 4.69
CA CYS A 55 6.12 -5.31 5.87
C CYS A 55 7.65 -5.34 5.79
N GLU A 56 8.33 -4.67 6.67
CA GLU A 56 9.83 -4.69 6.64
C GLU A 56 10.32 -6.13 6.81
N THR A 57 9.59 -6.93 7.54
CA THR A 57 10.02 -8.34 7.79
C THR A 57 9.57 -9.27 6.68
N HIS A 58 8.32 -9.23 6.31
CA HIS A 58 7.87 -10.15 5.24
C HIS A 58 8.57 -9.77 3.96
N TYR A 59 8.71 -8.52 3.69
CA TYR A 59 9.43 -8.11 2.48
C TYR A 59 10.77 -8.79 2.50
N ASN A 60 11.48 -8.54 3.55
CA ASN A 60 12.82 -9.14 3.69
C ASN A 60 12.67 -10.65 3.78
N GLN A 61 11.74 -11.12 4.57
CA GLN A 61 11.57 -12.60 4.67
C GLN A 61 11.35 -13.12 3.25
N LEU A 62 10.69 -12.32 2.45
CA LEU A 62 10.45 -12.71 1.04
C LEU A 62 11.72 -12.49 0.22
N PHE A 63 12.49 -11.49 0.57
CA PHE A 63 13.73 -11.22 -0.20
C PHE A 63 14.69 -10.37 0.64
N GLY A 64 14.49 -9.09 0.64
CA GLY A 64 15.39 -8.18 1.42
C GLY A 64 16.68 -7.97 0.64
N ASP A 65 16.61 -7.99 -0.65
CA ASP A 65 17.84 -7.78 -1.47
C ASP A 65 18.90 -8.80 -1.07
N VAL A 66 18.50 -10.01 -0.82
CA VAL A 66 19.48 -11.05 -0.42
C VAL A 66 18.81 -12.43 -0.43
N GLY A 1 -15.87 19.48 -13.86
CA GLY A 1 -14.54 19.65 -13.20
C GLY A 1 -14.29 18.51 -12.22
N SER A 2 -13.48 17.56 -12.59
CA SER A 2 -13.20 16.41 -11.69
C SER A 2 -12.26 16.86 -10.58
N MET A 3 -12.64 16.67 -9.34
CA MET A 3 -11.75 17.09 -8.21
C MET A 3 -10.52 16.20 -8.18
N GLY A 4 -10.48 15.18 -9.01
CA GLY A 4 -9.30 14.26 -9.02
C GLY A 4 -9.30 13.41 -7.75
N VAL A 5 -10.41 12.80 -7.43
CA VAL A 5 -10.47 11.95 -6.21
C VAL A 5 -9.73 10.63 -6.47
N PRO A 6 -8.84 10.28 -5.58
CA PRO A 6 -8.07 9.03 -5.69
C PRO A 6 -8.98 7.88 -5.32
N ILE A 7 -8.58 6.70 -5.67
CA ILE A 7 -9.41 5.53 -5.34
C ILE A 7 -8.53 4.42 -4.79
N CYS A 8 -8.80 4.01 -3.59
CA CYS A 8 -7.98 2.96 -2.95
C CYS A 8 -7.99 1.70 -3.81
N GLY A 9 -6.85 1.36 -4.33
CA GLY A 9 -6.75 0.15 -5.19
C GLY A 9 -7.14 -1.07 -4.37
N ALA A 10 -7.45 -0.89 -3.12
CA ALA A 10 -7.84 -2.04 -2.27
C ALA A 10 -9.33 -2.29 -2.41
N CYS A 11 -10.13 -1.32 -2.07
CA CYS A 11 -11.61 -1.47 -2.17
C CYS A 11 -12.11 -0.75 -3.42
N ARG A 12 -11.22 -0.20 -4.20
CA ARG A 12 -11.66 0.53 -5.42
C ARG A 12 -12.68 1.58 -5.00
N ARG A 13 -12.44 2.25 -3.91
CA ARG A 13 -13.39 3.29 -3.43
C ARG A 13 -12.68 4.64 -3.45
N PRO A 14 -13.40 5.69 -3.78
CA PRO A 14 -12.81 7.04 -3.84
C PRO A 14 -12.18 7.40 -2.50
N ILE A 15 -10.88 7.53 -2.46
CA ILE A 15 -10.22 7.87 -1.17
C ILE A 15 -10.58 9.31 -0.80
N GLU A 16 -10.48 9.67 0.46
CA GLU A 16 -10.85 11.06 0.84
C GLU A 16 -10.35 11.37 2.25
N GLY A 17 -9.06 11.46 2.41
CA GLY A 17 -8.47 11.77 3.74
C GLY A 17 -6.96 11.73 3.58
N ARG A 18 -6.43 10.56 3.44
CA ARG A 18 -4.97 10.39 3.24
C ARG A 18 -4.78 9.31 2.19
N VAL A 19 -3.94 9.55 1.23
CA VAL A 19 -3.77 8.53 0.15
C VAL A 19 -2.36 7.94 0.18
N VAL A 20 -2.23 6.73 -0.27
CA VAL A 20 -0.90 6.08 -0.31
C VAL A 20 -0.61 5.74 -1.77
N ASN A 21 0.39 6.34 -2.34
CA ASN A 21 0.68 6.06 -3.77
C ASN A 21 1.63 4.87 -3.87
N ALA A 22 1.12 3.74 -4.28
CA ALA A 22 1.97 2.53 -4.40
C ALA A 22 1.47 1.69 -5.57
N MET A 23 2.29 0.81 -6.09
CA MET A 23 1.84 -0.03 -7.22
C MET A 23 1.42 0.89 -8.36
N GLY A 24 1.82 2.12 -8.26
CA GLY A 24 1.46 3.11 -9.31
C GLY A 24 -0.04 3.41 -9.15
N LYS A 25 -0.54 3.22 -7.97
CA LYS A 25 -1.99 3.45 -7.70
C LYS A 25 -2.15 4.33 -6.46
N GLN A 26 -3.28 4.20 -5.82
CA GLN A 26 -3.58 4.98 -4.59
C GLN A 26 -4.21 4.01 -3.60
N TRP A 27 -3.92 4.11 -2.32
CA TRP A 27 -4.51 3.13 -1.37
C TRP A 27 -4.88 3.82 -0.07
N HIS A 28 -6.01 3.47 0.51
CA HIS A 28 -6.37 4.12 1.80
C HIS A 28 -5.20 3.87 2.75
N VAL A 29 -4.80 4.85 3.50
CA VAL A 29 -3.66 4.65 4.43
C VAL A 29 -3.97 3.45 5.34
N GLU A 30 -5.21 3.08 5.42
CA GLU A 30 -5.58 1.94 6.31
C GLU A 30 -5.67 0.63 5.51
N HIS A 31 -5.92 0.70 4.22
CA HIS A 31 -6.01 -0.56 3.41
C HIS A 31 -4.67 -0.88 2.76
N PHE A 32 -3.72 0.01 2.84
CA PHE A 32 -2.39 -0.32 2.25
C PHE A 32 -1.66 -1.19 3.25
N VAL A 33 -1.55 -2.45 2.97
CA VAL A 33 -0.90 -3.37 3.92
C VAL A 33 0.10 -4.28 3.23
N CYS A 34 0.79 -5.06 4.01
CA CYS A 34 1.78 -6.02 3.46
C CYS A 34 1.06 -7.04 2.58
N ALA A 35 1.72 -7.52 1.56
CA ALA A 35 1.08 -8.52 0.66
C ALA A 35 1.39 -9.93 1.17
N LYS A 36 1.57 -10.08 2.46
CA LYS A 36 1.87 -11.44 3.02
C LYS A 36 1.11 -11.63 4.35
N CYS A 37 0.90 -10.58 5.08
CA CYS A 37 0.20 -10.71 6.39
C CYS A 37 -0.92 -9.67 6.50
N GLU A 38 -1.00 -8.77 5.57
CA GLU A 38 -2.06 -7.73 5.61
C GLU A 38 -1.89 -6.85 6.84
N LYS A 39 -0.71 -6.38 7.09
CA LYS A 39 -0.48 -5.46 8.24
C LYS A 39 -0.41 -4.03 7.70
N PRO A 40 -1.41 -3.23 7.98
CA PRO A 40 -1.48 -1.86 7.46
C PRO A 40 -0.42 -0.95 8.09
N PHE A 41 0.17 -0.13 7.29
CA PHE A 41 1.19 0.83 7.81
C PHE A 41 0.52 2.18 8.07
N LEU A 42 -0.48 2.20 8.90
CA LEU A 42 -1.19 3.47 9.19
C LEU A 42 -0.16 4.61 9.30
N GLY A 43 0.81 4.45 10.16
CA GLY A 43 1.85 5.52 10.32
C GLY A 43 3.23 4.87 10.36
N HIS A 44 3.41 3.76 9.71
CA HIS A 44 4.74 3.08 9.72
C HIS A 44 5.35 3.10 8.33
N ARG A 45 6.27 2.20 8.07
CA ARG A 45 6.94 2.14 6.74
C ARG A 45 6.58 0.82 6.05
N HIS A 46 6.45 0.83 4.76
CA HIS A 46 6.12 -0.43 4.02
C HIS A 46 7.26 -0.79 3.08
N TYR A 47 7.22 -1.99 2.57
CA TYR A 47 8.29 -2.46 1.65
C TYR A 47 7.64 -3.08 0.41
N GLU A 48 8.17 -2.79 -0.76
CA GLU A 48 7.55 -3.32 -2.01
C GLU A 48 8.38 -4.44 -2.62
N ARG A 49 7.73 -5.36 -3.27
CA ARG A 49 8.45 -6.50 -3.92
C ARG A 49 7.65 -7.03 -5.10
N LYS A 50 8.26 -7.12 -6.24
CA LYS A 50 7.55 -7.63 -7.45
C LYS A 50 6.28 -6.84 -7.66
N GLY A 51 6.25 -5.63 -7.19
CA GLY A 51 5.03 -4.81 -7.37
C GLY A 51 4.00 -5.20 -6.32
N LEU A 52 4.47 -5.59 -5.17
CA LEU A 52 3.54 -5.98 -4.08
C LEU A 52 4.12 -5.49 -2.76
N ALA A 53 3.28 -5.03 -1.87
CA ALA A 53 3.78 -4.51 -0.58
C ALA A 53 4.14 -5.66 0.35
N TYR A 54 5.05 -5.42 1.26
CA TYR A 54 5.45 -6.47 2.22
C TYR A 54 5.98 -5.79 3.48
N CYS A 55 5.65 -6.29 4.63
CA CYS A 55 6.18 -5.64 5.85
C CYS A 55 7.71 -5.61 5.76
N GLU A 56 8.35 -5.03 6.74
CA GLU A 56 9.84 -4.99 6.73
C GLU A 56 10.40 -6.41 6.83
N THR A 57 9.73 -7.25 7.57
CA THR A 57 10.21 -8.65 7.76
C THR A 57 9.70 -9.56 6.65
N HIS A 58 8.46 -9.44 6.27
CA HIS A 58 7.94 -10.33 5.21
C HIS A 58 8.63 -9.97 3.92
N TYR A 59 8.78 -8.72 3.64
CA TYR A 59 9.49 -8.33 2.42
C TYR A 59 10.82 -9.03 2.44
N ASN A 60 11.55 -8.80 3.49
CA ASN A 60 12.86 -9.44 3.61
C ASN A 60 12.68 -10.95 3.68
N GLN A 61 11.74 -11.41 4.46
CA GLN A 61 11.53 -12.89 4.52
C GLN A 61 11.34 -13.35 3.08
N LEU A 62 10.72 -12.52 2.31
CA LEU A 62 10.50 -12.83 0.87
C LEU A 62 11.79 -12.57 0.10
N PHE A 63 12.51 -11.55 0.47
CA PHE A 63 13.77 -11.23 -0.25
C PHE A 63 14.69 -10.39 0.63
N GLY A 64 14.47 -9.10 0.65
CA GLY A 64 15.33 -8.21 1.49
C GLY A 64 16.54 -7.76 0.66
N ASP A 65 16.73 -8.33 -0.49
CA ASP A 65 17.89 -7.95 -1.35
C ASP A 65 19.17 -8.01 -0.53
N VAL A 66 19.48 -9.16 0.03
CA VAL A 66 20.71 -9.29 0.84
C VAL A 66 21.92 -9.41 -0.08
N GLY A 1 -14.04 19.53 -11.06
CA GLY A 1 -14.57 19.68 -12.45
C GLY A 1 -14.14 18.49 -13.30
N SER A 2 -13.45 17.55 -12.71
CA SER A 2 -12.99 16.37 -13.49
C SER A 2 -12.35 15.35 -12.54
N MET A 3 -11.78 14.31 -13.07
CA MET A 3 -11.14 13.27 -12.21
C MET A 3 -10.21 13.97 -11.21
N GLY A 4 -10.26 13.58 -9.96
CA GLY A 4 -9.37 14.21 -8.95
C GLY A 4 -9.32 13.33 -7.69
N VAL A 5 -10.44 12.87 -7.23
CA VAL A 5 -10.46 12.02 -6.02
C VAL A 5 -9.74 10.69 -6.32
N PRO A 6 -8.81 10.33 -5.45
CA PRO A 6 -8.08 9.07 -5.59
C PRO A 6 -8.98 7.92 -5.22
N ILE A 7 -8.61 6.74 -5.59
CA ILE A 7 -9.45 5.58 -5.26
C ILE A 7 -8.57 4.45 -4.75
N CYS A 8 -8.82 4.04 -3.55
CA CYS A 8 -8.00 2.98 -2.93
C CYS A 8 -8.04 1.72 -3.79
N GLY A 9 -6.91 1.33 -4.30
CA GLY A 9 -6.86 0.12 -5.16
C GLY A 9 -7.24 -1.10 -4.34
N ALA A 10 -7.52 -0.90 -3.08
CA ALA A 10 -7.91 -2.06 -2.22
C ALA A 10 -9.41 -2.30 -2.33
N CYS A 11 -10.20 -1.30 -2.06
CA CYS A 11 -11.67 -1.46 -2.15
C CYS A 11 -12.18 -0.70 -3.38
N ARG A 12 -11.30 -0.14 -4.16
CA ARG A 12 -11.74 0.61 -5.36
C ARG A 12 -12.75 1.67 -4.91
N ARG A 13 -12.49 2.31 -3.82
CA ARG A 13 -13.41 3.37 -3.31
C ARG A 13 -12.68 4.72 -3.33
N PRO A 14 -13.40 5.77 -3.64
CA PRO A 14 -12.81 7.11 -3.69
C PRO A 14 -12.14 7.46 -2.35
N ILE A 15 -10.84 7.57 -2.35
CA ILE A 15 -10.14 7.92 -1.08
C ILE A 15 -10.45 9.38 -0.72
N GLU A 16 -10.31 9.76 0.52
CA GLU A 16 -10.63 11.16 0.90
C GLU A 16 -9.97 11.54 2.23
N GLY A 17 -8.68 11.50 2.27
CA GLY A 17 -7.94 11.86 3.52
C GLY A 17 -6.46 11.80 3.22
N ARG A 18 -5.82 10.75 3.63
CA ARG A 18 -4.37 10.58 3.33
C ARG A 18 -4.25 9.41 2.37
N VAL A 19 -3.72 9.65 1.22
CA VAL A 19 -3.61 8.57 0.20
C VAL A 19 -2.22 7.93 0.20
N VAL A 20 -2.13 6.72 -0.29
CA VAL A 20 -0.81 6.03 -0.36
C VAL A 20 -0.58 5.68 -1.82
N ASN A 21 0.41 6.24 -2.43
CA ASN A 21 0.67 5.94 -3.87
C ASN A 21 1.59 4.73 -3.98
N ALA A 22 1.05 3.60 -4.36
CA ALA A 22 1.89 2.38 -4.49
C ALA A 22 1.35 1.54 -5.64
N MET A 23 2.15 0.66 -6.18
CA MET A 23 1.68 -0.18 -7.31
C MET A 23 1.25 0.74 -8.45
N GLY A 24 1.68 1.96 -8.37
CA GLY A 24 1.30 2.94 -9.43
C GLY A 24 -0.19 3.26 -9.25
N LYS A 25 -0.66 3.15 -8.04
CA LYS A 25 -2.09 3.41 -7.76
C LYS A 25 -2.23 4.28 -6.52
N GLN A 26 -3.34 4.18 -5.87
CA GLN A 26 -3.60 4.97 -4.64
C GLN A 26 -4.23 3.99 -3.63
N TRP A 27 -3.92 4.10 -2.37
CA TRP A 27 -4.49 3.12 -1.41
C TRP A 27 -4.86 3.81 -0.09
N HIS A 28 -5.98 3.45 0.49
CA HIS A 28 -6.34 4.08 1.79
C HIS A 28 -5.16 3.82 2.72
N VAL A 29 -4.75 4.78 3.49
CA VAL A 29 -3.60 4.54 4.39
C VAL A 29 -3.90 3.36 5.31
N GLU A 30 -5.15 3.01 5.45
CA GLU A 30 -5.51 1.88 6.33
C GLU A 30 -5.65 0.58 5.51
N HIS A 31 -5.81 0.68 4.22
CA HIS A 31 -5.97 -0.56 3.40
C HIS A 31 -4.65 -0.91 2.71
N PHE A 32 -3.67 -0.06 2.79
CA PHE A 32 -2.37 -0.40 2.16
C PHE A 32 -1.61 -1.27 3.13
N VAL A 33 -1.61 -2.55 2.89
CA VAL A 33 -0.95 -3.47 3.84
C VAL A 33 0.08 -4.36 3.12
N CYS A 34 0.74 -5.16 3.88
CA CYS A 34 1.76 -6.10 3.33
C CYS A 34 1.06 -7.14 2.45
N ALA A 35 1.72 -7.62 1.46
CA ALA A 35 1.11 -8.64 0.56
C ALA A 35 1.45 -10.05 1.06
N LYS A 36 1.73 -10.19 2.32
CA LYS A 36 2.06 -11.54 2.89
C LYS A 36 1.25 -11.77 4.17
N CYS A 37 0.96 -10.73 4.90
CA CYS A 37 0.22 -10.89 6.18
C CYS A 37 -0.93 -9.87 6.27
N GLU A 38 -0.97 -8.92 5.37
CA GLU A 38 -2.04 -7.91 5.39
C GLU A 38 -1.94 -7.04 6.65
N LYS A 39 -0.76 -6.56 6.95
CA LYS A 39 -0.60 -5.68 8.15
C LYS A 39 -0.54 -4.23 7.64
N PRO A 40 -1.56 -3.46 7.92
CA PRO A 40 -1.65 -2.07 7.45
C PRO A 40 -0.60 -1.19 8.11
N PHE A 41 0.00 -0.34 7.32
CA PHE A 41 1.02 0.60 7.85
C PHE A 41 0.34 1.92 8.18
N LEU A 42 -0.62 1.90 9.05
CA LEU A 42 -1.33 3.16 9.43
C LEU A 42 -0.31 4.30 9.52
N GLY A 43 0.69 4.13 10.31
CA GLY A 43 1.73 5.19 10.45
C GLY A 43 3.12 4.54 10.41
N HIS A 44 3.26 3.45 9.70
CA HIS A 44 4.57 2.75 9.62
C HIS A 44 5.08 2.77 8.17
N ARG A 45 6.32 2.43 7.97
CA ARG A 45 6.90 2.42 6.60
C ARG A 45 6.53 1.09 5.92
N HIS A 46 6.43 1.09 4.62
CA HIS A 46 6.08 -0.17 3.89
C HIS A 46 7.22 -0.57 2.96
N TYR A 47 7.14 -1.74 2.43
CA TYR A 47 8.20 -2.25 1.52
C TYR A 47 7.54 -2.86 0.30
N GLU A 48 8.04 -2.59 -0.88
CA GLU A 48 7.41 -3.13 -2.12
C GLU A 48 8.30 -4.19 -2.78
N ARG A 49 7.69 -5.23 -3.29
CA ARG A 49 8.47 -6.28 -3.98
C ARG A 49 7.65 -6.89 -5.12
N LYS A 50 8.26 -7.12 -6.24
CA LYS A 50 7.54 -7.73 -7.38
C LYS A 50 6.27 -6.93 -7.65
N GLY A 51 6.24 -5.71 -7.21
CA GLY A 51 5.03 -4.90 -7.43
C GLY A 51 4.00 -5.27 -6.38
N LEU A 52 4.47 -5.65 -5.22
CA LEU A 52 3.54 -6.03 -4.13
C LEU A 52 4.08 -5.50 -2.81
N ALA A 53 3.22 -5.08 -1.93
CA ALA A 53 3.69 -4.52 -0.64
C ALA A 53 4.10 -5.64 0.32
N TYR A 54 5.01 -5.34 1.20
CA TYR A 54 5.45 -6.35 2.18
C TYR A 54 5.96 -5.64 3.43
N CYS A 55 5.61 -6.10 4.59
CA CYS A 55 6.11 -5.39 5.80
C CYS A 55 7.65 -5.36 5.74
N GLU A 56 8.26 -4.68 6.66
CA GLU A 56 9.75 -4.63 6.68
C GLU A 56 10.31 -6.05 6.83
N THR A 57 9.62 -6.86 7.58
CA THR A 57 10.11 -8.25 7.84
C THR A 57 9.65 -9.22 6.74
N HIS A 58 8.42 -9.15 6.32
CA HIS A 58 7.97 -10.09 5.27
C HIS A 58 8.70 -9.76 3.99
N TYR A 59 8.80 -8.50 3.65
CA TYR A 59 9.53 -8.13 2.44
C TYR A 59 10.88 -8.80 2.50
N ASN A 60 11.55 -8.57 3.58
CA ASN A 60 12.87 -9.19 3.76
C ASN A 60 12.71 -10.70 3.90
N GLN A 61 11.77 -11.14 4.69
CA GLN A 61 11.58 -12.61 4.82
C GLN A 61 11.39 -13.15 3.41
N LEU A 62 10.70 -12.40 2.61
CA LEU A 62 10.48 -12.80 1.20
C LEU A 62 11.80 -12.67 0.44
N PHE A 63 12.54 -11.63 0.72
CA PHE A 63 13.83 -11.42 0.01
C PHE A 63 14.78 -10.59 0.88
N GLY A 64 14.64 -9.30 0.82
CA GLY A 64 15.52 -8.40 1.62
C GLY A 64 16.83 -8.16 0.86
N ASP A 65 16.77 -8.15 -0.44
CA ASP A 65 18.00 -7.92 -1.23
C ASP A 65 17.64 -7.79 -2.72
N VAL A 66 17.33 -6.59 -3.16
CA VAL A 66 16.96 -6.37 -4.59
C VAL A 66 16.11 -7.55 -5.10
N GLY A 1 -10.32 21.14 -13.39
CA GLY A 1 -11.24 20.59 -12.36
C GLY A 1 -11.98 19.38 -12.93
N SER A 2 -11.40 18.71 -13.88
CA SER A 2 -12.07 17.51 -14.47
C SER A 2 -12.21 16.43 -13.40
N MET A 3 -12.35 15.20 -13.81
CA MET A 3 -12.49 14.09 -12.82
C MET A 3 -11.36 14.18 -11.79
N GLY A 4 -11.46 13.47 -10.71
CA GLY A 4 -10.39 13.53 -9.67
C GLY A 4 -10.66 12.47 -8.59
N VAL A 5 -10.37 12.78 -7.36
CA VAL A 5 -10.60 11.81 -6.25
C VAL A 5 -9.82 10.51 -6.52
N PRO A 6 -8.97 10.14 -5.60
CA PRO A 6 -8.17 8.92 -5.70
C PRO A 6 -9.02 7.73 -5.34
N ILE A 7 -8.56 6.56 -5.67
CA ILE A 7 -9.36 5.35 -5.36
C ILE A 7 -8.45 4.28 -4.79
N CYS A 8 -8.76 3.82 -3.62
CA CYS A 8 -7.91 2.80 -2.97
C CYS A 8 -7.92 1.52 -3.78
N GLY A 9 -6.77 1.13 -4.27
CA GLY A 9 -6.67 -0.11 -5.09
C GLY A 9 -7.00 -1.32 -4.21
N ALA A 10 -7.30 -1.09 -2.96
CA ALA A 10 -7.62 -2.24 -2.06
C ALA A 10 -9.10 -2.56 -2.16
N CYS A 11 -9.93 -1.56 -2.31
CA CYS A 11 -11.40 -1.79 -2.41
C CYS A 11 -11.92 -1.04 -3.65
N ARG A 12 -11.04 -0.43 -4.39
CA ARG A 12 -11.48 0.32 -5.59
C ARG A 12 -12.54 1.32 -5.17
N ARG A 13 -12.34 1.95 -4.04
CA ARG A 13 -13.32 2.96 -3.54
C ARG A 13 -12.64 4.34 -3.54
N PRO A 14 -13.38 5.36 -3.90
CA PRO A 14 -12.81 6.72 -3.95
C PRO A 14 -12.23 7.12 -2.59
N ILE A 15 -10.94 7.30 -2.55
CA ILE A 15 -10.29 7.71 -1.25
C ILE A 15 -10.65 9.16 -0.96
N GLU A 16 -10.55 9.59 0.27
CA GLU A 16 -10.94 11.00 0.58
C GLU A 16 -10.32 11.46 1.91
N GLY A 17 -9.02 11.47 1.98
CA GLY A 17 -8.34 11.93 3.23
C GLY A 17 -6.84 11.90 2.97
N ARG A 18 -6.17 10.91 3.47
CA ARG A 18 -4.72 10.78 3.21
C ARG A 18 -4.54 9.59 2.29
N VAL A 19 -3.96 9.80 1.14
CA VAL A 19 -3.81 8.67 0.17
C VAL A 19 -2.41 8.07 0.24
N VAL A 20 -2.27 6.85 -0.20
CA VAL A 20 -0.94 6.21 -0.22
C VAL A 20 -0.65 5.84 -1.67
N ASN A 21 0.32 6.46 -2.26
CA ASN A 21 0.61 6.16 -3.68
C ASN A 21 1.61 5.01 -3.77
N ALA A 22 1.15 3.86 -4.16
CA ALA A 22 2.06 2.69 -4.28
C ALA A 22 1.62 1.85 -5.48
N MET A 23 2.49 1.05 -6.01
CA MET A 23 2.10 0.23 -7.20
C MET A 23 1.67 1.18 -8.30
N GLY A 24 1.99 2.42 -8.13
CA GLY A 24 1.61 3.44 -9.14
C GLY A 24 0.10 3.68 -9.01
N LYS A 25 -0.44 3.34 -7.87
CA LYS A 25 -1.90 3.51 -7.64
C LYS A 25 -2.13 4.36 -6.38
N GLN A 26 -3.26 4.17 -5.76
CA GLN A 26 -3.60 4.92 -4.52
C GLN A 26 -4.17 3.90 -3.54
N TRP A 27 -3.93 4.06 -2.27
CA TRP A 27 -4.46 3.05 -1.31
C TRP A 27 -4.91 3.74 -0.03
N HIS A 28 -6.05 3.39 0.51
CA HIS A 28 -6.47 4.03 1.78
C HIS A 28 -5.31 3.83 2.76
N VAL A 29 -4.95 4.84 3.48
CA VAL A 29 -3.82 4.70 4.43
C VAL A 29 -4.08 3.52 5.36
N GLU A 30 -5.31 3.13 5.51
CA GLU A 30 -5.62 2.00 6.42
C GLU A 30 -5.69 0.68 5.63
N HIS A 31 -5.90 0.73 4.34
CA HIS A 31 -5.97 -0.54 3.55
C HIS A 31 -4.62 -0.84 2.91
N PHE A 32 -3.70 0.07 2.95
CA PHE A 32 -2.37 -0.23 2.36
C PHE A 32 -1.62 -1.10 3.36
N VAL A 33 -1.52 -2.36 3.08
CA VAL A 33 -0.86 -3.28 4.03
C VAL A 33 0.13 -4.20 3.32
N CYS A 34 0.81 -5.00 4.09
CA CYS A 34 1.77 -5.97 3.50
C CYS A 34 1.01 -6.95 2.61
N ALA A 35 1.64 -7.43 1.58
CA ALA A 35 0.94 -8.39 0.68
C ALA A 35 1.21 -9.82 1.15
N LYS A 36 1.35 -10.01 2.43
CA LYS A 36 1.62 -11.38 2.96
C LYS A 36 0.85 -11.60 4.26
N CYS A 37 0.82 -10.60 5.11
CA CYS A 37 0.11 -10.74 6.41
C CYS A 37 -1.01 -9.71 6.52
N GLU A 38 -0.97 -8.68 5.72
CA GLU A 38 -2.03 -7.64 5.77
C GLU A 38 -1.83 -6.75 7.00
N LYS A 39 -0.63 -6.29 7.21
CA LYS A 39 -0.36 -5.39 8.37
C LYS A 39 -0.31 -3.94 7.83
N PRO A 40 -1.33 -3.16 8.10
CA PRO A 40 -1.40 -1.78 7.59
C PRO A 40 -0.34 -0.87 8.21
N PHE A 41 0.25 -0.06 7.40
CA PHE A 41 1.27 0.92 7.91
C PHE A 41 0.59 2.26 8.15
N LEU A 42 -0.43 2.29 8.97
CA LEU A 42 -1.13 3.58 9.23
C LEU A 42 -0.11 4.71 9.33
N GLY A 43 0.85 4.56 10.21
CA GLY A 43 1.90 5.61 10.37
C GLY A 43 3.27 4.94 10.44
N HIS A 44 3.44 3.83 9.78
CA HIS A 44 4.75 3.12 9.82
C HIS A 44 5.39 3.11 8.43
N ARG A 45 6.35 2.26 8.22
CA ARG A 45 7.03 2.18 6.89
C ARG A 45 6.67 0.85 6.22
N HIS A 46 6.55 0.85 4.92
CA HIS A 46 6.22 -0.43 4.21
C HIS A 46 7.35 -0.80 3.27
N TYR A 47 7.26 -1.98 2.74
CA TYR A 47 8.31 -2.48 1.80
C TYR A 47 7.60 -3.12 0.61
N GLU A 48 8.03 -2.83 -0.59
CA GLU A 48 7.32 -3.40 -1.79
C GLU A 48 8.21 -4.41 -2.51
N ARG A 49 7.56 -5.36 -3.15
CA ARG A 49 8.33 -6.41 -3.88
C ARG A 49 7.56 -6.86 -5.13
N LYS A 50 8.24 -6.93 -6.24
CA LYS A 50 7.58 -7.37 -7.51
C LYS A 50 6.30 -6.57 -7.71
N GLY A 51 6.20 -5.44 -7.08
CA GLY A 51 4.98 -4.62 -7.25
C GLY A 51 3.94 -5.03 -6.21
N LEU A 52 4.39 -5.46 -5.07
CA LEU A 52 3.45 -5.85 -3.99
C LEU A 52 4.02 -5.40 -2.66
N ALA A 53 3.20 -4.88 -1.80
CA ALA A 53 3.71 -4.39 -0.49
C ALA A 53 4.07 -5.56 0.42
N TYR A 54 5.00 -5.34 1.29
CA TYR A 54 5.41 -6.39 2.24
C TYR A 54 5.97 -5.74 3.49
N CYS A 55 5.65 -6.26 4.64
CA CYS A 55 6.20 -5.64 5.87
C CYS A 55 7.72 -5.62 5.77
N GLU A 56 8.39 -5.11 6.76
CA GLU A 56 9.88 -5.09 6.74
C GLU A 56 10.41 -6.52 6.77
N THR A 57 9.76 -7.38 7.50
CA THR A 57 10.23 -8.79 7.63
C THR A 57 9.68 -9.66 6.50
N HIS A 58 8.43 -9.52 6.16
CA HIS A 58 7.88 -10.37 5.09
C HIS A 58 8.56 -10.00 3.79
N TYR A 59 8.72 -8.74 3.54
CA TYR A 59 9.41 -8.34 2.31
C TYR A 59 10.74 -9.06 2.29
N ASN A 60 11.49 -8.87 3.32
CA ASN A 60 12.80 -9.53 3.41
C ASN A 60 12.60 -11.04 3.46
N GLN A 61 11.68 -11.51 4.25
CA GLN A 61 11.45 -12.98 4.30
C GLN A 61 11.19 -13.42 2.86
N LEU A 62 10.55 -12.58 2.12
CA LEU A 62 10.27 -12.89 0.69
C LEU A 62 11.52 -12.66 -0.15
N PHE A 63 12.30 -11.67 0.20
CA PHE A 63 13.54 -11.38 -0.58
C PHE A 63 14.53 -10.59 0.27
N GLY A 64 14.33 -9.31 0.36
CA GLY A 64 15.27 -8.47 1.17
C GLY A 64 16.42 -8.00 0.28
N ASP A 65 16.17 -7.82 -0.98
CA ASP A 65 17.26 -7.36 -1.90
C ASP A 65 18.48 -8.26 -1.71
N VAL A 66 18.28 -9.54 -1.62
CA VAL A 66 19.45 -10.47 -1.44
C VAL A 66 18.97 -11.91 -1.59
N GLY A 1 -13.22 21.42 -15.18
CA GLY A 1 -13.53 20.00 -14.85
C GLY A 1 -12.22 19.25 -14.54
N SER A 2 -12.27 18.29 -13.67
CA SER A 2 -11.04 17.52 -13.33
C SER A 2 -11.40 16.31 -12.48
N MET A 3 -11.55 15.16 -13.09
CA MET A 3 -11.90 13.94 -12.31
C MET A 3 -10.78 13.62 -11.32
N GLY A 4 -10.68 14.36 -10.26
CA GLY A 4 -9.60 14.09 -9.27
C GLY A 4 -10.04 12.98 -8.31
N VAL A 5 -9.86 13.18 -7.03
CA VAL A 5 -10.26 12.14 -6.04
C VAL A 5 -9.57 10.81 -6.36
N PRO A 6 -8.74 10.37 -5.45
CA PRO A 6 -8.00 9.11 -5.59
C PRO A 6 -8.91 7.95 -5.22
N ILE A 7 -8.52 6.77 -5.57
CA ILE A 7 -9.36 5.60 -5.26
C ILE A 7 -8.49 4.47 -4.73
N CYS A 8 -8.79 4.01 -3.55
CA CYS A 8 -7.99 2.93 -2.94
C CYS A 8 -8.08 1.67 -3.78
N GLY A 9 -6.96 1.24 -4.30
CA GLY A 9 -6.95 0.01 -5.14
C GLY A 9 -7.32 -1.20 -4.28
N ALA A 10 -7.57 -0.98 -3.01
CA ALA A 10 -7.93 -2.11 -2.11
C ALA A 10 -9.44 -2.36 -2.17
N CYS A 11 -10.21 -1.31 -2.30
CA CYS A 11 -11.68 -1.47 -2.37
C CYS A 11 -12.21 -0.67 -3.55
N ARG A 12 -11.32 -0.10 -4.33
CA ARG A 12 -11.76 0.70 -5.50
C ARG A 12 -12.75 1.74 -5.02
N ARG A 13 -12.48 2.35 -3.90
CA ARG A 13 -13.40 3.39 -3.36
C ARG A 13 -12.65 4.73 -3.35
N PRO A 14 -13.33 5.80 -3.69
CA PRO A 14 -12.71 7.13 -3.72
C PRO A 14 -12.06 7.47 -2.39
N ILE A 15 -10.75 7.58 -2.38
CA ILE A 15 -10.05 7.92 -1.10
C ILE A 15 -10.34 9.39 -0.78
N GLU A 16 -10.20 9.78 0.47
CA GLU A 16 -10.51 11.21 0.80
C GLU A 16 -9.83 11.62 2.11
N GLY A 17 -8.54 11.53 2.16
CA GLY A 17 -7.79 11.93 3.38
C GLY A 17 -6.31 11.84 3.07
N ARG A 18 -5.67 10.81 3.51
CA ARG A 18 -4.23 10.62 3.20
C ARG A 18 -4.14 9.44 2.25
N VAL A 19 -3.57 9.65 1.10
CA VAL A 19 -3.49 8.55 0.10
C VAL A 19 -2.13 7.87 0.13
N VAL A 20 -2.08 6.63 -0.31
CA VAL A 20 -0.78 5.91 -0.36
C VAL A 20 -0.54 5.55 -1.82
N ASN A 21 0.44 6.14 -2.43
CA ASN A 21 0.69 5.84 -3.86
C ASN A 21 1.61 4.62 -3.97
N ALA A 22 1.07 3.51 -4.37
CA ALA A 22 1.88 2.27 -4.50
C ALA A 22 1.35 1.45 -5.67
N MET A 23 2.14 0.57 -6.20
CA MET A 23 1.68 -0.25 -7.35
C MET A 23 1.26 0.69 -8.46
N GLY A 24 1.69 1.90 -8.37
CA GLY A 24 1.32 2.91 -9.40
C GLY A 24 -0.16 3.24 -9.23
N LYS A 25 -0.64 3.11 -8.03
CA LYS A 25 -2.08 3.38 -7.75
C LYS A 25 -2.22 4.22 -6.48
N GLN A 26 -3.35 4.09 -5.84
CA GLN A 26 -3.61 4.84 -4.59
C GLN A 26 -4.21 3.85 -3.60
N TRP A 27 -3.92 3.97 -2.33
CA TRP A 27 -4.48 2.98 -1.37
C TRP A 27 -4.86 3.68 -0.06
N HIS A 28 -6.00 3.36 0.50
CA HIS A 28 -6.35 4.02 1.80
C HIS A 28 -5.18 3.75 2.74
N VAL A 29 -4.75 4.73 3.47
CA VAL A 29 -3.60 4.52 4.38
C VAL A 29 -3.92 3.33 5.31
N GLU A 30 -5.16 3.00 5.46
CA GLU A 30 -5.53 1.87 6.35
C GLU A 30 -5.67 0.57 5.55
N HIS A 31 -5.90 0.65 4.27
CA HIS A 31 -6.05 -0.61 3.47
C HIS A 31 -4.73 -0.95 2.78
N PHE A 32 -3.75 -0.09 2.85
CA PHE A 32 -2.45 -0.44 2.23
C PHE A 32 -1.70 -1.31 3.22
N VAL A 33 -1.67 -2.58 2.97
CA VAL A 33 -1.01 -3.51 3.92
C VAL A 33 0.01 -4.39 3.20
N CYS A 34 0.65 -5.22 3.96
CA CYS A 34 1.66 -6.15 3.40
C CYS A 34 0.97 -7.21 2.55
N ALA A 35 1.64 -7.68 1.54
CA ALA A 35 1.04 -8.72 0.67
C ALA A 35 1.38 -10.11 1.20
N LYS A 36 1.63 -10.21 2.49
CA LYS A 36 1.96 -11.53 3.10
C LYS A 36 1.20 -11.72 4.41
N CYS A 37 0.95 -10.65 5.12
CA CYS A 37 0.24 -10.77 6.43
C CYS A 37 -0.94 -9.79 6.48
N GLU A 38 -1.05 -8.92 5.51
CA GLU A 38 -2.16 -7.94 5.50
C GLU A 38 -2.08 -7.09 6.77
N LYS A 39 -0.90 -6.68 7.13
CA LYS A 39 -0.74 -5.82 8.34
C LYS A 39 -0.63 -4.36 7.84
N PRO A 40 -1.65 -3.56 8.07
CA PRO A 40 -1.67 -2.17 7.58
C PRO A 40 -0.60 -1.32 8.26
N PHE A 41 0.01 -0.46 7.48
CA PHE A 41 1.04 0.46 8.03
C PHE A 41 0.39 1.80 8.35
N LEU A 42 -0.57 1.79 9.24
CA LEU A 42 -1.27 3.06 9.59
C LEU A 42 -0.26 4.21 9.67
N GLY A 43 0.75 4.06 10.48
CA GLY A 43 1.77 5.14 10.61
C GLY A 43 3.18 4.54 10.46
N HIS A 44 3.28 3.45 9.75
CA HIS A 44 4.61 2.79 9.56
C HIS A 44 4.99 2.80 8.08
N ARG A 45 6.25 2.66 7.78
CA ARG A 45 6.69 2.64 6.36
C ARG A 45 6.35 1.27 5.76
N HIS A 46 6.25 1.18 4.46
CA HIS A 46 5.94 -0.14 3.83
C HIS A 46 7.10 -0.57 2.95
N TYR A 47 7.03 -1.77 2.46
CA TYR A 47 8.12 -2.30 1.61
C TYR A 47 7.49 -3.00 0.40
N GLU A 48 7.91 -2.67 -0.79
CA GLU A 48 7.30 -3.28 -2.01
C GLU A 48 8.19 -4.35 -2.63
N ARG A 49 7.59 -5.32 -3.27
CA ARG A 49 8.36 -6.41 -3.92
C ARG A 49 7.67 -6.82 -5.23
N LYS A 50 8.44 -6.96 -6.28
CA LYS A 50 7.90 -7.34 -7.62
C LYS A 50 6.55 -6.68 -7.84
N GLY A 51 6.32 -5.58 -7.19
CA GLY A 51 5.04 -4.87 -7.37
C GLY A 51 4.01 -5.32 -6.33
N LEU A 52 4.47 -5.68 -5.18
CA LEU A 52 3.53 -6.12 -4.10
C LEU A 52 4.04 -5.60 -2.77
N ALA A 53 3.15 -5.16 -1.93
CA ALA A 53 3.59 -4.61 -0.61
C ALA A 53 3.99 -5.73 0.33
N TYR A 54 4.90 -5.43 1.22
CA TYR A 54 5.35 -6.44 2.20
C TYR A 54 5.85 -5.70 3.44
N CYS A 55 5.53 -6.15 4.61
CA CYS A 55 6.02 -5.42 5.79
C CYS A 55 7.55 -5.35 5.72
N GLU A 56 8.17 -4.72 6.69
CA GLU A 56 9.66 -4.62 6.69
C GLU A 56 10.27 -6.02 6.79
N THR A 57 9.66 -6.87 7.58
CA THR A 57 10.21 -8.25 7.77
C THR A 57 9.72 -9.21 6.70
N HIS A 58 8.48 -9.15 6.32
CA HIS A 58 8.01 -10.09 5.28
C HIS A 58 8.69 -9.76 3.98
N TYR A 59 8.76 -8.51 3.64
CA TYR A 59 9.46 -8.13 2.40
C TYR A 59 10.82 -8.77 2.44
N ASN A 60 11.52 -8.48 3.48
CA ASN A 60 12.87 -9.04 3.62
C ASN A 60 12.76 -10.56 3.76
N GLN A 61 11.86 -11.04 4.57
CA GLN A 61 11.72 -12.52 4.69
C GLN A 61 11.52 -13.05 3.28
N LEU A 62 10.85 -12.27 2.48
CA LEU A 62 10.61 -12.67 1.07
C LEU A 62 11.88 -12.41 0.25
N PHE A 63 12.54 -11.32 0.51
CA PHE A 63 13.79 -11.00 -0.27
C PHE A 63 14.72 -10.13 0.57
N GLY A 64 14.49 -8.85 0.56
CA GLY A 64 15.37 -7.91 1.33
C GLY A 64 16.76 -7.87 0.69
N ASP A 65 17.03 -8.77 -0.20
CA ASP A 65 18.37 -8.80 -0.86
C ASP A 65 18.53 -10.11 -1.64
N VAL A 66 19.08 -11.10 -1.01
CA VAL A 66 19.28 -12.43 -1.69
C VAL A 66 19.62 -12.21 -3.17
N GLY A 1 -14.42 24.71 -12.04
CA GLY A 1 -14.02 23.65 -11.07
C GLY A 1 -13.36 22.49 -11.82
N SER A 2 -12.62 21.67 -11.13
CA SER A 2 -11.95 20.51 -11.80
C SER A 2 -11.25 19.64 -10.75
N MET A 3 -11.88 19.41 -9.64
CA MET A 3 -11.25 18.57 -8.58
C MET A 3 -11.40 17.09 -8.95
N GLY A 4 -10.97 16.22 -8.08
CA GLY A 4 -11.09 14.76 -8.38
C GLY A 4 -10.98 13.97 -7.08
N VAL A 5 -10.80 12.67 -7.18
CA VAL A 5 -10.69 11.84 -5.94
C VAL A 5 -9.91 10.56 -6.26
N PRO A 6 -8.96 10.24 -5.42
CA PRO A 6 -8.16 9.03 -5.58
C PRO A 6 -9.04 7.84 -5.24
N ILE A 7 -8.62 6.68 -5.63
CA ILE A 7 -9.43 5.48 -5.33
C ILE A 7 -8.53 4.38 -4.80
N CYS A 8 -8.80 3.95 -3.60
CA CYS A 8 -7.96 2.91 -2.98
C CYS A 8 -7.95 1.65 -3.83
N GLY A 9 -6.80 1.30 -4.32
CA GLY A 9 -6.69 0.09 -5.17
C GLY A 9 -7.05 -1.14 -4.35
N ALA A 10 -7.36 -0.96 -3.10
CA ALA A 10 -7.72 -2.12 -2.23
C ALA A 10 -9.22 -2.42 -2.38
N CYS A 11 -10.04 -1.43 -2.19
CA CYS A 11 -11.51 -1.63 -2.31
C CYS A 11 -12.02 -0.87 -3.54
N ARG A 12 -11.13 -0.29 -4.30
CA ARG A 12 -11.56 0.46 -5.51
C ARG A 12 -12.62 1.48 -5.08
N ARG A 13 -12.39 2.14 -3.97
CA ARG A 13 -13.37 3.15 -3.47
C ARG A 13 -12.69 4.52 -3.46
N PRO A 14 -13.43 5.55 -3.79
CA PRO A 14 -12.89 6.92 -3.81
C PRO A 14 -12.25 7.28 -2.47
N ILE A 15 -10.96 7.44 -2.45
CA ILE A 15 -10.29 7.81 -1.17
C ILE A 15 -10.63 9.27 -0.84
N GLU A 16 -10.51 9.67 0.40
CA GLU A 16 -10.86 11.09 0.73
C GLU A 16 -10.25 11.49 2.07
N GLY A 17 -8.95 11.46 2.16
CA GLY A 17 -8.27 11.86 3.42
C GLY A 17 -6.77 11.82 3.16
N ARG A 18 -6.13 10.80 3.62
CA ARG A 18 -4.66 10.66 3.36
C ARG A 18 -4.50 9.48 2.41
N VAL A 19 -3.90 9.71 1.28
CA VAL A 19 -3.76 8.61 0.28
C VAL A 19 -2.37 8.01 0.32
N VAL A 20 -2.23 6.81 -0.19
CA VAL A 20 -0.90 6.15 -0.24
C VAL A 20 -0.63 5.81 -1.70
N ASN A 21 0.36 6.39 -2.28
CA ASN A 21 0.64 6.10 -3.71
C ASN A 21 1.61 4.93 -3.82
N ALA A 22 1.10 3.79 -4.22
CA ALA A 22 1.97 2.58 -4.35
C ALA A 22 1.47 1.75 -5.52
N MET A 23 2.31 0.90 -6.05
CA MET A 23 1.88 0.06 -7.20
C MET A 23 1.45 0.99 -8.33
N GLY A 24 1.85 2.21 -8.24
CA GLY A 24 1.46 3.20 -9.28
C GLY A 24 -0.02 3.48 -9.13
N LYS A 25 -0.53 3.32 -7.94
CA LYS A 25 -1.97 3.53 -7.68
C LYS A 25 -2.16 4.41 -6.44
N GLN A 26 -3.28 4.27 -5.81
CA GLN A 26 -3.59 5.03 -4.57
C GLN A 26 -4.20 4.04 -3.59
N TRP A 27 -3.92 4.15 -2.31
CA TRP A 27 -4.49 3.14 -1.36
C TRP A 27 -4.91 3.82 -0.07
N HIS A 28 -6.04 3.44 0.48
CA HIS A 28 -6.44 4.06 1.77
C HIS A 28 -5.27 3.84 2.74
N VAL A 29 -4.92 4.82 3.50
CA VAL A 29 -3.78 4.64 4.43
C VAL A 29 -4.05 3.44 5.34
N GLU A 30 -5.29 3.04 5.45
CA GLU A 30 -5.62 1.90 6.33
C GLU A 30 -5.70 0.59 5.53
N HIS A 31 -5.93 0.67 4.24
CA HIS A 31 -6.01 -0.58 3.42
C HIS A 31 -4.66 -0.89 2.78
N PHE A 32 -3.72 0.01 2.84
CA PHE A 32 -2.40 -0.31 2.25
C PHE A 32 -1.66 -1.18 3.25
N VAL A 33 -1.55 -2.43 2.97
CA VAL A 33 -0.89 -3.35 3.93
C VAL A 33 0.11 -4.26 3.24
N CYS A 34 0.80 -5.04 4.02
CA CYS A 34 1.78 -6.00 3.45
C CYS A 34 1.05 -7.01 2.56
N ALA A 35 1.71 -7.50 1.55
CA ALA A 35 1.04 -8.47 0.65
C ALA A 35 1.31 -9.90 1.13
N LYS A 36 1.58 -10.08 2.40
CA LYS A 36 1.83 -11.45 2.93
C LYS A 36 1.07 -11.66 4.24
N CYS A 37 0.90 -10.62 5.02
CA CYS A 37 0.18 -10.77 6.32
C CYS A 37 -0.97 -9.77 6.41
N GLU A 38 -0.93 -8.73 5.62
CA GLU A 38 -2.01 -7.71 5.64
C GLU A 38 -1.87 -6.81 6.87
N LYS A 39 -0.68 -6.34 7.13
CA LYS A 39 -0.48 -5.41 8.28
C LYS A 39 -0.41 -3.97 7.71
N PRO A 40 -1.42 -3.19 7.98
CA PRO A 40 -1.49 -1.81 7.46
C PRO A 40 -0.44 -0.91 8.08
N PHE A 41 0.17 -0.09 7.27
CA PHE A 41 1.19 0.87 7.79
C PHE A 41 0.53 2.22 8.04
N LEU A 42 -0.49 2.26 8.85
CA LEU A 42 -1.18 3.55 9.12
C LEU A 42 -0.15 4.68 9.21
N GLY A 43 0.81 4.51 10.08
CA GLY A 43 1.87 5.55 10.23
C GLY A 43 3.24 4.88 10.28
N HIS A 44 3.37 3.74 9.64
CA HIS A 44 4.68 3.01 9.65
C HIS A 44 5.27 2.98 8.24
N ARG A 45 6.39 2.33 8.08
CA ARG A 45 7.04 2.26 6.74
C ARG A 45 6.66 0.92 6.07
N HIS A 46 6.51 0.90 4.78
CA HIS A 46 6.16 -0.36 4.08
C HIS A 46 7.29 -0.75 3.14
N TYR A 47 7.22 -1.94 2.60
CA TYR A 47 8.28 -2.43 1.69
C TYR A 47 7.63 -3.03 0.45
N GLU A 48 8.16 -2.75 -0.72
CA GLU A 48 7.55 -3.28 -1.98
C GLU A 48 8.38 -4.41 -2.58
N ARG A 49 7.72 -5.34 -3.22
CA ARG A 49 8.47 -6.48 -3.86
C ARG A 49 7.68 -7.00 -5.06
N LYS A 50 8.33 -7.13 -6.19
CA LYS A 50 7.66 -7.64 -7.41
C LYS A 50 6.39 -6.85 -7.66
N GLY A 51 6.33 -5.65 -7.14
CA GLY A 51 5.11 -4.83 -7.36
C GLY A 51 4.07 -5.18 -6.32
N LEU A 52 4.51 -5.57 -5.15
CA LEU A 52 3.55 -5.91 -4.07
C LEU A 52 4.13 -5.43 -2.74
N ALA A 53 3.28 -4.96 -1.86
CA ALA A 53 3.78 -4.46 -0.56
C ALA A 53 4.14 -5.62 0.36
N TYR A 54 5.05 -5.39 1.26
CA TYR A 54 5.44 -6.44 2.23
C TYR A 54 5.97 -5.78 3.48
N CYS A 55 5.65 -6.29 4.63
CA CYS A 55 6.18 -5.64 5.86
C CYS A 55 7.71 -5.62 5.78
N GLU A 56 8.35 -5.03 6.75
CA GLU A 56 9.84 -5.00 6.75
C GLU A 56 10.38 -6.42 6.85
N THR A 57 9.70 -7.25 7.59
CA THR A 57 10.18 -8.65 7.78
C THR A 57 9.67 -9.56 6.67
N HIS A 58 8.45 -9.45 6.28
CA HIS A 58 7.94 -10.33 5.21
C HIS A 58 8.65 -9.96 3.93
N TYR A 59 8.75 -8.71 3.65
CA TYR A 59 9.47 -8.28 2.43
C TYR A 59 10.80 -9.00 2.43
N ASN A 60 11.52 -8.81 3.48
CA ASN A 60 12.85 -9.45 3.59
C ASN A 60 12.65 -10.96 3.67
N GLN A 61 11.74 -11.43 4.47
CA GLN A 61 11.52 -12.90 4.52
C GLN A 61 11.26 -13.37 3.11
N LEU A 62 10.63 -12.52 2.35
CA LEU A 62 10.32 -12.85 0.93
C LEU A 62 11.58 -12.65 0.09
N PHE A 63 12.37 -11.67 0.42
CA PHE A 63 13.60 -11.40 -0.36
C PHE A 63 14.60 -10.60 0.48
N GLY A 64 14.41 -9.32 0.56
CA GLY A 64 15.34 -8.47 1.36
C GLY A 64 16.55 -8.10 0.49
N ASP A 65 16.67 -8.71 -0.66
CA ASP A 65 17.82 -8.40 -1.56
C ASP A 65 19.10 -8.27 -0.73
N VAL A 66 19.34 -9.20 0.16
CA VAL A 66 20.58 -9.13 0.98
C VAL A 66 21.78 -9.59 0.16
N GLY A 1 -14.52 18.39 -10.04
CA GLY A 1 -14.49 18.56 -11.53
C GLY A 1 -14.46 17.20 -12.20
N SER A 2 -13.30 16.60 -12.30
CA SER A 2 -13.22 15.26 -12.95
C SER A 2 -11.80 14.70 -12.78
N MET A 3 -10.97 15.37 -12.01
CA MET A 3 -9.58 14.88 -11.81
C MET A 3 -9.07 15.38 -10.45
N GLY A 4 -9.67 14.94 -9.38
CA GLY A 4 -9.21 15.40 -8.04
C GLY A 4 -9.71 14.41 -6.98
N VAL A 5 -9.65 13.14 -7.27
CA VAL A 5 -10.11 12.12 -6.27
C VAL A 5 -9.39 10.79 -6.53
N PRO A 6 -8.65 10.34 -5.55
CA PRO A 6 -7.90 9.08 -5.62
C PRO A 6 -8.83 7.91 -5.35
N ILE A 7 -8.40 6.74 -5.69
CA ILE A 7 -9.24 5.55 -5.46
C ILE A 7 -8.40 4.44 -4.86
N CYS A 8 -8.77 4.01 -3.69
CA CYS A 8 -8.00 2.94 -3.01
C CYS A 8 -8.03 1.67 -3.83
N GLY A 9 -6.89 1.24 -4.28
CA GLY A 9 -6.82 0.00 -5.10
C GLY A 9 -7.27 -1.17 -4.23
N ALA A 10 -7.55 -0.91 -2.98
CA ALA A 10 -7.99 -2.02 -2.08
C ALA A 10 -9.52 -2.17 -2.19
N CYS A 11 -10.21 -1.09 -2.41
CA CYS A 11 -11.70 -1.16 -2.53
C CYS A 11 -12.12 -0.52 -3.85
N ARG A 12 -11.18 -0.05 -4.62
CA ARG A 12 -11.56 0.62 -5.89
C ARG A 12 -12.62 1.67 -5.56
N ARG A 13 -12.49 2.27 -4.42
CA ARG A 13 -13.47 3.29 -3.97
C ARG A 13 -12.73 4.65 -3.86
N PRO A 14 -13.35 5.71 -4.32
CA PRO A 14 -12.71 7.03 -4.28
C PRO A 14 -12.20 7.35 -2.87
N ILE A 15 -10.91 7.45 -2.72
CA ILE A 15 -10.34 7.78 -1.38
C ILE A 15 -10.72 9.23 -1.04
N GLU A 16 -10.67 9.61 0.20
CA GLU A 16 -11.07 11.02 0.53
C GLU A 16 -10.69 11.34 1.98
N GLY A 17 -9.43 11.45 2.25
CA GLY A 17 -8.98 11.77 3.64
C GLY A 17 -7.50 11.49 3.74
N ARG A 18 -7.12 10.28 3.49
CA ARG A 18 -5.69 9.89 3.54
C ARG A 18 -5.41 8.95 2.36
N VAL A 19 -4.35 9.17 1.64
CA VAL A 19 -4.05 8.28 0.46
C VAL A 19 -2.64 7.74 0.54
N VAL A 20 -2.39 6.65 -0.12
CA VAL A 20 -1.04 6.05 -0.16
C VAL A 20 -0.71 5.73 -1.61
N ASN A 21 0.28 6.36 -2.16
CA ASN A 21 0.62 6.08 -3.58
C ASN A 21 1.52 4.86 -3.66
N ALA A 22 0.99 3.75 -4.10
CA ALA A 22 1.81 2.51 -4.19
C ALA A 22 1.35 1.71 -5.41
N MET A 23 2.20 0.86 -5.93
CA MET A 23 1.80 0.07 -7.13
C MET A 23 1.42 1.05 -8.24
N GLY A 24 1.87 2.25 -8.11
CA GLY A 24 1.54 3.28 -9.12
C GLY A 24 0.07 3.63 -8.97
N LYS A 25 -0.52 3.21 -7.88
CA LYS A 25 -1.97 3.49 -7.63
C LYS A 25 -2.12 4.33 -6.36
N GLN A 26 -3.27 4.25 -5.76
CA GLN A 26 -3.54 5.01 -4.50
C GLN A 26 -4.20 4.04 -3.53
N TRP A 27 -3.93 4.14 -2.25
CA TRP A 27 -4.55 3.16 -1.31
C TRP A 27 -4.94 3.85 -0.01
N HIS A 28 -6.06 3.51 0.56
CA HIS A 28 -6.43 4.14 1.85
C HIS A 28 -5.25 3.91 2.80
N VAL A 29 -4.91 4.85 3.62
CA VAL A 29 -3.75 4.65 4.54
C VAL A 29 -4.05 3.48 5.47
N GLU A 30 -5.28 3.11 5.60
CA GLU A 30 -5.63 1.98 6.52
C GLU A 30 -5.68 0.67 5.74
N HIS A 31 -5.83 0.73 4.45
CA HIS A 31 -5.92 -0.53 3.65
C HIS A 31 -4.60 -0.84 2.95
N PHE A 32 -3.65 0.04 3.02
CA PHE A 32 -2.34 -0.27 2.38
C PHE A 32 -1.58 -1.15 3.36
N VAL A 33 -1.48 -2.40 3.07
CA VAL A 33 -0.80 -3.33 4.01
C VAL A 33 0.19 -4.24 3.29
N CYS A 34 0.89 -5.01 4.06
CA CYS A 34 1.87 -5.98 3.49
C CYS A 34 1.13 -7.01 2.63
N ALA A 35 1.76 -7.52 1.62
CA ALA A 35 1.09 -8.51 0.75
C ALA A 35 1.39 -9.93 1.25
N LYS A 36 1.67 -10.08 2.52
CA LYS A 36 1.97 -11.43 3.08
C LYS A 36 1.23 -11.63 4.41
N CYS A 37 1.01 -10.58 5.14
CA CYS A 37 0.31 -10.71 6.45
C CYS A 37 -0.83 -9.70 6.55
N GLU A 38 -0.83 -8.71 5.71
CA GLU A 38 -1.91 -7.69 5.74
C GLU A 38 -1.72 -6.78 6.96
N LYS A 39 -0.53 -6.31 7.19
CA LYS A 39 -0.29 -5.38 8.33
C LYS A 39 -0.24 -3.95 7.77
N PRO A 40 -1.24 -3.16 8.07
CA PRO A 40 -1.33 -1.78 7.55
C PRO A 40 -0.27 -0.88 8.16
N PHE A 41 0.32 -0.06 7.34
CA PHE A 41 1.35 0.90 7.84
C PHE A 41 0.67 2.26 8.08
N LEU A 42 -0.34 2.29 8.91
CA LEU A 42 -1.03 3.58 9.18
C LEU A 42 0.00 4.71 9.25
N GLY A 43 0.97 4.56 10.10
CA GLY A 43 2.03 5.60 10.23
C GLY A 43 3.40 4.93 10.28
N HIS A 44 3.54 3.79 9.64
CA HIS A 44 4.84 3.08 9.65
C HIS A 44 5.42 3.03 8.22
N ARG A 45 6.53 2.35 8.06
CA ARG A 45 7.16 2.25 6.70
C ARG A 45 6.76 0.93 6.04
N HIS A 46 6.63 0.92 4.74
CA HIS A 46 6.25 -0.34 4.03
C HIS A 46 7.36 -0.73 3.06
N TYR A 47 7.27 -1.91 2.53
CA TYR A 47 8.30 -2.40 1.59
C TYR A 47 7.60 -3.00 0.36
N GLU A 48 8.09 -2.72 -0.82
CA GLU A 48 7.42 -3.22 -2.06
C GLU A 48 8.26 -4.30 -2.76
N ARG A 49 7.61 -5.28 -3.31
CA ARG A 49 8.33 -6.35 -4.04
C ARG A 49 7.46 -6.93 -5.16
N LYS A 50 8.03 -7.14 -6.32
CA LYS A 50 7.27 -7.70 -7.46
C LYS A 50 6.00 -6.90 -7.66
N GLY A 51 5.98 -5.69 -7.18
CA GLY A 51 4.77 -4.86 -7.37
C GLY A 51 3.77 -5.22 -6.27
N LEU A 52 4.27 -5.60 -5.13
CA LEU A 52 3.37 -5.97 -4.00
C LEU A 52 3.99 -5.47 -2.70
N ALA A 53 3.18 -5.00 -1.80
CA ALA A 53 3.73 -4.48 -0.52
C ALA A 53 4.13 -5.63 0.39
N TYR A 54 5.08 -5.38 1.26
CA TYR A 54 5.52 -6.43 2.21
C TYR A 54 6.08 -5.76 3.44
N CYS A 55 5.78 -6.26 4.61
CA CYS A 55 6.34 -5.60 5.81
C CYS A 55 7.87 -5.60 5.70
N GLU A 56 8.54 -5.01 6.64
CA GLU A 56 10.03 -4.99 6.60
C GLU A 56 10.55 -6.43 6.72
N THR A 57 9.88 -7.23 7.51
CA THR A 57 10.32 -8.64 7.71
C THR A 57 9.79 -9.56 6.61
N HIS A 58 8.56 -9.39 6.22
CA HIS A 58 8.01 -10.28 5.17
C HIS A 58 8.71 -9.95 3.87
N TYR A 59 8.83 -8.70 3.56
CA TYR A 59 9.54 -8.32 2.32
C TYR A 59 10.86 -9.03 2.34
N ASN A 60 11.57 -8.83 3.40
CA ASN A 60 12.89 -9.47 3.54
C ASN A 60 12.71 -10.98 3.62
N GLN A 61 11.79 -11.43 4.44
CA GLN A 61 11.57 -12.90 4.53
C GLN A 61 11.35 -13.40 3.11
N LEU A 62 10.63 -12.63 2.36
CA LEU A 62 10.38 -12.99 0.94
C LEU A 62 11.69 -12.87 0.15
N PHE A 63 12.46 -11.85 0.46
CA PHE A 63 13.74 -11.65 -0.27
C PHE A 63 14.71 -10.86 0.61
N GLY A 64 14.64 -9.56 0.54
CA GLY A 64 15.55 -8.70 1.34
C GLY A 64 16.89 -8.59 0.63
N ASP A 65 17.10 -9.35 -0.39
CA ASP A 65 18.40 -9.29 -1.13
C ASP A 65 18.32 -10.17 -2.37
N VAL A 66 17.89 -9.62 -3.48
CA VAL A 66 17.80 -10.42 -4.72
C VAL A 66 19.18 -10.98 -5.08
N GLY A 1 -13.65 16.47 -18.22
CA GLY A 1 -14.25 17.23 -17.09
C GLY A 1 -13.95 16.49 -15.78
N SER A 2 -14.56 15.35 -15.57
CA SER A 2 -14.32 14.60 -14.31
C SER A 2 -12.94 13.93 -14.38
N MET A 3 -12.12 14.14 -13.39
CA MET A 3 -10.76 13.53 -13.40
C MET A 3 -10.05 13.86 -12.09
N GLY A 4 -10.52 13.34 -10.99
CA GLY A 4 -9.86 13.63 -9.69
C GLY A 4 -10.25 12.55 -8.67
N VAL A 5 -10.06 12.83 -7.40
CA VAL A 5 -10.40 11.82 -6.35
C VAL A 5 -9.65 10.51 -6.61
N PRO A 6 -8.84 10.12 -5.65
CA PRO A 6 -8.06 8.88 -5.73
C PRO A 6 -8.94 7.70 -5.41
N ILE A 7 -8.49 6.53 -5.74
CA ILE A 7 -9.29 5.32 -5.44
C ILE A 7 -8.39 4.25 -4.85
N CYS A 8 -8.70 3.85 -3.66
CA CYS A 8 -7.88 2.84 -2.97
C CYS A 8 -7.82 1.56 -3.80
N GLY A 9 -6.67 1.23 -4.29
CA GLY A 9 -6.53 0.00 -5.11
C GLY A 9 -6.93 -1.21 -4.28
N ALA A 10 -7.24 -1.00 -3.03
CA ALA A 10 -7.62 -2.13 -2.16
C ALA A 10 -9.12 -2.41 -2.33
N CYS A 11 -9.93 -1.43 -2.04
CA CYS A 11 -11.41 -1.63 -2.17
C CYS A 11 -11.87 -0.99 -3.48
N ARG A 12 -10.97 -0.41 -4.24
CA ARG A 12 -11.37 0.23 -5.52
C ARG A 12 -12.46 1.26 -5.23
N ARG A 13 -12.33 1.97 -4.14
CA ARG A 13 -13.35 3.01 -3.80
C ARG A 13 -12.64 4.37 -3.77
N PRO A 14 -13.35 5.41 -4.10
CA PRO A 14 -12.76 6.76 -4.12
C PRO A 14 -12.21 7.13 -2.75
N ILE A 15 -10.92 7.28 -2.65
CA ILE A 15 -10.31 7.65 -1.33
C ILE A 15 -10.74 9.08 -1.01
N GLU A 16 -10.69 9.48 0.23
CA GLU A 16 -11.12 10.87 0.56
C GLU A 16 -10.72 11.22 2.00
N GLY A 17 -9.45 11.35 2.24
CA GLY A 17 -8.97 11.70 3.60
C GLY A 17 -7.46 11.54 3.61
N ARG A 18 -7.00 10.35 3.40
CA ARG A 18 -5.53 10.09 3.35
C ARG A 18 -5.27 9.11 2.21
N VAL A 19 -4.26 9.34 1.43
CA VAL A 19 -3.98 8.42 0.28
C VAL A 19 -2.55 7.89 0.35
N VAL A 20 -2.32 6.72 -0.17
CA VAL A 20 -0.96 6.14 -0.20
C VAL A 20 -0.63 5.84 -1.66
N ASN A 21 0.36 6.49 -2.19
CA ASN A 21 0.71 6.23 -3.62
C ASN A 21 1.70 5.07 -3.70
N ALA A 22 1.23 3.93 -4.13
CA ALA A 22 2.15 2.76 -4.25
C ALA A 22 1.71 1.95 -5.47
N MET A 23 2.57 1.12 -5.99
CA MET A 23 2.18 0.31 -7.18
C MET A 23 1.77 1.29 -8.26
N GLY A 24 2.10 2.52 -8.08
CA GLY A 24 1.72 3.56 -9.06
C GLY A 24 0.23 3.82 -8.93
N LYS A 25 -0.34 3.34 -7.86
CA LYS A 25 -1.80 3.51 -7.61
C LYS A 25 -2.02 4.38 -6.37
N GLN A 26 -3.15 4.23 -5.76
CA GLN A 26 -3.49 4.99 -4.53
C GLN A 26 -4.12 4.02 -3.54
N TRP A 27 -3.84 4.12 -2.27
CA TRP A 27 -4.42 3.14 -1.32
C TRP A 27 -4.83 3.84 -0.02
N HIS A 28 -5.96 3.49 0.54
CA HIS A 28 -6.34 4.14 1.82
C HIS A 28 -5.17 3.93 2.79
N VAL A 29 -4.83 4.89 3.57
CA VAL A 29 -3.68 4.70 4.50
C VAL A 29 -3.98 3.52 5.43
N GLU A 30 -5.22 3.13 5.53
CA GLU A 30 -5.57 2.00 6.42
C GLU A 30 -5.64 0.69 5.62
N HIS A 31 -5.88 0.76 4.33
CA HIS A 31 -5.96 -0.51 3.53
C HIS A 31 -4.60 -0.80 2.89
N PHE A 32 -3.67 0.10 2.97
CA PHE A 32 -2.34 -0.20 2.38
C PHE A 32 -1.60 -1.07 3.38
N VAL A 33 -1.48 -2.33 3.09
CA VAL A 33 -0.82 -3.25 4.05
C VAL A 33 0.16 -4.18 3.34
N CYS A 34 0.84 -4.98 4.11
CA CYS A 34 1.80 -5.94 3.55
C CYS A 34 1.05 -6.95 2.68
N ALA A 35 1.68 -7.45 1.65
CA ALA A 35 1.01 -8.44 0.76
C ALA A 35 1.32 -9.86 1.25
N LYS A 36 1.56 -10.01 2.53
CA LYS A 36 1.87 -11.37 3.09
C LYS A 36 1.12 -11.58 4.41
N CYS A 37 0.90 -10.51 5.15
CA CYS A 37 0.22 -10.66 6.46
C CYS A 37 -0.91 -9.63 6.59
N GLU A 38 -0.92 -8.64 5.75
CA GLU A 38 -1.99 -7.61 5.82
C GLU A 38 -1.79 -6.70 7.03
N LYS A 39 -0.60 -6.22 7.23
CA LYS A 39 -0.35 -5.29 8.38
C LYS A 39 -0.27 -3.87 7.81
N PRO A 40 -1.26 -3.07 8.10
CA PRO A 40 -1.34 -1.69 7.57
C PRO A 40 -0.27 -0.79 8.17
N PHE A 41 0.33 0.02 7.34
CA PHE A 41 1.35 0.99 7.83
C PHE A 41 0.68 2.34 8.08
N LEU A 42 -0.32 2.38 8.92
CA LEU A 42 -1.02 3.67 9.19
C LEU A 42 0.01 4.81 9.25
N GLY A 43 0.98 4.67 10.10
CA GLY A 43 2.03 5.73 10.22
C GLY A 43 3.40 5.07 10.28
N HIS A 44 3.57 3.96 9.63
CA HIS A 44 4.89 3.26 9.66
C HIS A 44 5.50 3.23 8.26
N ARG A 45 6.48 2.38 8.06
CA ARG A 45 7.14 2.28 6.71
C ARG A 45 6.76 0.94 6.08
N HIS A 46 6.65 0.90 4.77
CA HIS A 46 6.29 -0.38 4.09
C HIS A 46 7.41 -0.79 3.15
N TYR A 47 7.32 -1.98 2.65
CA TYR A 47 8.34 -2.50 1.72
C TYR A 47 7.60 -3.15 0.54
N GLU A 48 8.03 -2.91 -0.67
CA GLU A 48 7.28 -3.48 -1.84
C GLU A 48 8.12 -4.46 -2.64
N ARG A 49 7.45 -5.37 -3.31
CA ARG A 49 8.16 -6.38 -4.14
C ARG A 49 7.35 -6.67 -5.41
N LYS A 50 8.00 -6.65 -6.54
CA LYS A 50 7.34 -6.93 -7.84
C LYS A 50 6.02 -6.17 -7.90
N GLY A 51 5.92 -5.13 -7.16
CA GLY A 51 4.66 -4.33 -7.19
C GLY A 51 3.70 -4.84 -6.14
N LEU A 52 4.22 -5.36 -5.07
CA LEU A 52 3.33 -5.86 -3.97
C LEU A 52 3.93 -5.42 -2.65
N ALA A 53 3.13 -4.87 -1.78
CA ALA A 53 3.66 -4.39 -0.48
C ALA A 53 4.03 -5.56 0.42
N TYR A 54 4.99 -5.35 1.27
CA TYR A 54 5.39 -6.41 2.21
C TYR A 54 5.97 -5.76 3.46
N CYS A 55 5.67 -6.27 4.61
CA CYS A 55 6.23 -5.64 5.83
C CYS A 55 7.76 -5.61 5.71
N GLU A 56 8.43 -5.10 6.70
CA GLU A 56 9.92 -5.06 6.66
C GLU A 56 10.45 -6.50 6.73
N THR A 57 9.80 -7.33 7.50
CA THR A 57 10.27 -8.73 7.65
C THR A 57 9.69 -9.63 6.57
N HIS A 58 8.45 -9.47 6.22
CA HIS A 58 7.87 -10.35 5.18
C HIS A 58 8.55 -10.03 3.86
N TYR A 59 8.70 -8.77 3.55
CA TYR A 59 9.39 -8.42 2.30
C TYR A 59 10.69 -9.16 2.29
N ASN A 60 11.44 -8.98 3.32
CA ASN A 60 12.74 -9.65 3.42
C ASN A 60 12.51 -11.16 3.52
N GLN A 61 11.60 -11.58 4.36
CA GLN A 61 11.34 -13.06 4.44
C GLN A 61 11.09 -13.54 3.03
N LEU A 62 10.42 -12.72 2.27
CA LEU A 62 10.13 -13.07 0.86
C LEU A 62 11.41 -12.92 0.04
N PHE A 63 12.24 -12.00 0.42
CA PHE A 63 13.50 -11.77 -0.35
C PHE A 63 14.48 -10.98 0.51
N GLY A 64 14.38 -9.68 0.44
CA GLY A 64 15.31 -8.81 1.23
C GLY A 64 16.56 -8.53 0.41
N ASP A 65 16.43 -8.46 -0.88
CA ASP A 65 17.61 -8.18 -1.75
C ASP A 65 18.74 -9.15 -1.40
N VAL A 66 18.40 -10.39 -1.14
CA VAL A 66 19.46 -11.39 -0.80
C VAL A 66 18.93 -12.80 -1.03
N GLY A 1 -11.71 19.94 -17.03
CA GLY A 1 -10.60 19.34 -17.82
C GLY A 1 -10.18 18.00 -17.17
N SER A 2 -10.40 17.86 -15.90
CA SER A 2 -10.01 16.59 -15.21
C SER A 2 -10.41 16.66 -13.74
N MET A 3 -11.32 15.82 -13.32
CA MET A 3 -11.74 15.86 -11.89
C MET A 3 -10.55 15.47 -10.99
N GLY A 4 -10.74 14.51 -10.13
CA GLY A 4 -9.62 14.10 -9.23
C GLY A 4 -10.09 12.95 -8.33
N VAL A 5 -9.98 13.12 -7.04
CA VAL A 5 -10.42 12.05 -6.10
C VAL A 5 -9.66 10.75 -6.40
N PRO A 6 -8.89 10.29 -5.45
CA PRO A 6 -8.11 9.05 -5.58
C PRO A 6 -9.01 7.86 -5.31
N ILE A 7 -8.56 6.71 -5.68
CA ILE A 7 -9.37 5.49 -5.45
C ILE A 7 -8.48 4.40 -4.87
N CYS A 8 -8.83 3.94 -3.70
CA CYS A 8 -8.01 2.90 -3.04
C CYS A 8 -8.04 1.62 -3.86
N GLY A 9 -6.89 1.17 -4.26
CA GLY A 9 -6.82 -0.08 -5.06
C GLY A 9 -7.27 -1.25 -4.19
N ALA A 10 -7.56 -0.99 -2.95
CA ALA A 10 -8.00 -2.08 -2.05
C ALA A 10 -9.52 -2.28 -2.19
N CYS A 11 -10.23 -1.22 -2.46
CA CYS A 11 -11.71 -1.33 -2.63
C CYS A 11 -12.11 -0.66 -3.94
N ARG A 12 -11.16 -0.16 -4.69
CA ARG A 12 -11.51 0.53 -5.95
C ARG A 12 -12.59 1.55 -5.61
N ARG A 13 -12.49 2.11 -4.43
CA ARG A 13 -13.48 3.10 -3.96
C ARG A 13 -12.78 4.47 -3.84
N PRO A 14 -13.45 5.52 -4.25
CA PRO A 14 -12.85 6.86 -4.19
C PRO A 14 -12.33 7.19 -2.79
N ILE A 15 -11.04 7.35 -2.66
CA ILE A 15 -10.47 7.68 -1.32
C ILE A 15 -10.86 9.11 -0.96
N GLU A 16 -10.83 9.47 0.29
CA GLU A 16 -11.23 10.86 0.67
C GLU A 16 -10.70 11.21 2.06
N GLY A 17 -9.41 11.25 2.19
CA GLY A 17 -8.78 11.59 3.50
C GLY A 17 -7.28 11.58 3.30
N ARG A 18 -6.65 10.50 3.67
CA ARG A 18 -5.18 10.39 3.47
C ARG A 18 -4.95 9.27 2.48
N VAL A 19 -4.16 9.50 1.47
CA VAL A 19 -3.94 8.45 0.43
C VAL A 19 -2.52 7.90 0.48
N VAL A 20 -2.33 6.74 -0.10
CA VAL A 20 -0.99 6.12 -0.16
C VAL A 20 -0.71 5.78 -1.62
N ASN A 21 0.29 6.37 -2.19
CA ASN A 21 0.58 6.09 -3.62
C ASN A 21 1.54 4.90 -3.72
N ALA A 22 1.04 3.77 -4.11
CA ALA A 22 1.90 2.56 -4.22
C ALA A 22 1.44 1.75 -5.43
N MET A 23 2.29 0.92 -5.96
CA MET A 23 1.89 0.11 -7.15
C MET A 23 1.48 1.07 -8.24
N GLY A 24 1.86 2.29 -8.11
CA GLY A 24 1.49 3.31 -9.13
C GLY A 24 0.00 3.60 -8.98
N LYS A 25 -0.55 3.22 -7.85
CA LYS A 25 -2.00 3.44 -7.59
C LYS A 25 -2.17 4.31 -6.35
N GLN A 26 -3.31 4.19 -5.72
CA GLN A 26 -3.61 4.97 -4.50
C GLN A 26 -4.25 4.00 -3.50
N TRP A 27 -4.00 4.13 -2.24
CA TRP A 27 -4.60 3.16 -1.28
C TRP A 27 -5.02 3.87 0.01
N HIS A 28 -6.14 3.51 0.58
CA HIS A 28 -6.52 4.15 1.86
C HIS A 28 -5.35 3.93 2.82
N VAL A 29 -4.98 4.91 3.58
CA VAL A 29 -3.85 4.71 4.51
C VAL A 29 -4.16 3.54 5.44
N GLU A 30 -5.41 3.19 5.56
CA GLU A 30 -5.78 2.06 6.46
C GLU A 30 -5.91 0.75 5.66
N HIS A 31 -5.75 0.80 4.36
CA HIS A 31 -5.87 -0.44 3.55
C HIS A 31 -4.54 -0.78 2.90
N PHE A 32 -3.58 0.11 2.95
CA PHE A 32 -2.26 -0.22 2.35
C PHE A 32 -1.54 -1.10 3.33
N VAL A 33 -1.45 -2.37 3.05
CA VAL A 33 -0.80 -3.30 4.00
C VAL A 33 0.18 -4.23 3.29
N CYS A 34 0.87 -5.01 4.06
CA CYS A 34 1.83 -5.98 3.49
C CYS A 34 1.09 -6.98 2.60
N ALA A 35 1.75 -7.47 1.59
CA ALA A 35 1.08 -8.44 0.68
C ALA A 35 1.35 -9.87 1.17
N LYS A 36 1.56 -10.04 2.45
CA LYS A 36 1.82 -11.42 2.99
C LYS A 36 1.07 -11.60 4.32
N CYS A 37 0.90 -10.56 5.08
CA CYS A 37 0.20 -10.69 6.39
C CYS A 37 -0.93 -9.66 6.50
N GLU A 38 -0.92 -8.66 5.66
CA GLU A 38 -1.99 -7.64 5.73
C GLU A 38 -1.79 -6.73 6.94
N LYS A 39 -0.59 -6.26 7.16
CA LYS A 39 -0.33 -5.35 8.30
C LYS A 39 -0.26 -3.91 7.74
N PRO A 40 -1.25 -3.11 8.04
CA PRO A 40 -1.32 -1.73 7.52
C PRO A 40 -0.25 -0.84 8.13
N PHE A 41 0.37 -0.03 7.31
CA PHE A 41 1.41 0.91 7.80
C PHE A 41 0.75 2.28 8.03
N LEU A 42 -0.24 2.34 8.86
CA LEU A 42 -0.92 3.65 9.12
C LEU A 42 0.12 4.76 9.17
N GLY A 43 1.11 4.62 10.01
CA GLY A 43 2.17 5.66 10.11
C GLY A 43 3.54 4.97 10.17
N HIS A 44 3.67 3.83 9.54
CA HIS A 44 4.97 3.09 9.58
C HIS A 44 5.60 3.06 8.17
N ARG A 45 6.72 2.42 8.05
CA ARG A 45 7.42 2.33 6.73
C ARG A 45 7.09 0.97 6.08
N HIS A 46 6.65 0.98 4.84
CA HIS A 46 6.32 -0.32 4.17
C HIS A 46 7.45 -0.74 3.24
N TYR A 47 7.32 -1.90 2.65
CA TYR A 47 8.37 -2.41 1.74
C TYR A 47 7.69 -2.99 0.49
N GLU A 48 8.21 -2.71 -0.68
CA GLU A 48 7.57 -3.22 -1.94
C GLU A 48 8.40 -4.32 -2.59
N ARG A 49 7.75 -5.24 -3.24
CA ARG A 49 8.47 -6.34 -3.92
C ARG A 49 7.66 -6.87 -5.11
N LYS A 50 8.27 -6.94 -6.27
CA LYS A 50 7.55 -7.45 -7.46
C LYS A 50 6.27 -6.67 -7.67
N GLY A 51 6.20 -5.49 -7.16
CA GLY A 51 4.96 -4.69 -7.34
C GLY A 51 3.96 -5.09 -6.27
N LEU A 52 4.43 -5.47 -5.13
CA LEU A 52 3.53 -5.87 -4.02
C LEU A 52 4.13 -5.39 -2.70
N ALA A 53 3.30 -4.94 -1.80
CA ALA A 53 3.82 -4.45 -0.50
C ALA A 53 4.18 -5.62 0.41
N TYR A 54 5.09 -5.40 1.30
CA TYR A 54 5.48 -6.47 2.26
C TYR A 54 6.03 -5.81 3.52
N CYS A 55 5.70 -6.32 4.66
CA CYS A 55 6.25 -5.68 5.89
C CYS A 55 7.78 -5.69 5.79
N GLU A 56 8.45 -5.09 6.73
CA GLU A 56 9.95 -5.08 6.69
C GLU A 56 10.46 -6.53 6.80
N THR A 57 9.77 -7.34 7.55
CA THR A 57 10.21 -8.75 7.75
C THR A 57 9.69 -9.65 6.63
N HIS A 58 8.45 -9.52 6.26
CA HIS A 58 7.94 -10.39 5.19
C HIS A 58 8.64 -10.02 3.89
N TYR A 59 8.79 -8.75 3.64
CA TYR A 59 9.51 -8.34 2.43
C TYR A 59 10.82 -9.07 2.41
N ASN A 60 11.55 -8.91 3.46
CA ASN A 60 12.87 -9.58 3.55
C ASN A 60 12.66 -11.09 3.64
N GLN A 61 11.73 -11.53 4.43
CA GLN A 61 11.50 -13.00 4.52
C GLN A 61 11.27 -13.52 3.11
N LEU A 62 10.58 -12.73 2.34
CA LEU A 62 10.30 -13.11 0.94
C LEU A 62 11.56 -12.93 0.08
N PHE A 63 12.33 -11.92 0.38
CA PHE A 63 13.55 -11.67 -0.42
C PHE A 63 14.58 -10.90 0.42
N GLY A 64 14.42 -9.62 0.50
CA GLY A 64 15.38 -8.78 1.29
C GLY A 64 16.60 -8.46 0.43
N ASP A 65 16.41 -8.33 -0.85
CA ASP A 65 17.55 -8.01 -1.75
C ASP A 65 18.69 -9.00 -1.50
N VAL A 66 18.60 -10.18 -2.06
CA VAL A 66 19.66 -11.19 -1.86
C VAL A 66 19.78 -12.07 -3.10
N GLY A 1 -4.23 17.62 -16.26
CA GLY A 1 -4.95 17.80 -14.97
C GLY A 1 -6.45 17.57 -15.19
N SER A 2 -7.02 16.61 -14.54
CA SER A 2 -8.48 16.35 -14.71
C SER A 2 -8.97 15.44 -13.58
N MET A 3 -8.06 14.79 -12.89
CA MET A 3 -8.49 13.88 -11.79
C MET A 3 -9.32 14.67 -10.78
N GLY A 4 -9.71 14.05 -9.70
CA GLY A 4 -10.53 14.76 -8.67
C GLY A 4 -10.52 13.96 -7.37
N VAL A 5 -10.57 12.66 -7.45
CA VAL A 5 -10.56 11.83 -6.22
C VAL A 5 -9.78 10.53 -6.48
N PRO A 6 -8.87 10.21 -5.59
CA PRO A 6 -8.08 8.98 -5.69
C PRO A 6 -8.96 7.80 -5.34
N ILE A 7 -8.54 6.64 -5.69
CA ILE A 7 -9.35 5.44 -5.38
C ILE A 7 -8.46 4.35 -4.82
N CYS A 8 -8.74 3.94 -3.63
CA CYS A 8 -7.92 2.90 -2.97
C CYS A 8 -7.90 1.64 -3.82
N GLY A 9 -6.74 1.28 -4.30
CA GLY A 9 -6.63 0.07 -5.14
C GLY A 9 -6.99 -1.16 -4.31
N ALA A 10 -7.31 -0.96 -3.06
CA ALA A 10 -7.67 -2.11 -2.19
C ALA A 10 -9.16 -2.42 -2.35
N CYS A 11 -9.99 -1.42 -2.17
CA CYS A 11 -11.46 -1.63 -2.31
C CYS A 11 -11.95 -0.90 -3.55
N ARG A 12 -11.07 -0.32 -4.32
CA ARG A 12 -11.50 0.42 -5.52
C ARG A 12 -12.55 1.44 -5.12
N ARG A 13 -12.33 2.10 -4.01
CA ARG A 13 -13.30 3.12 -3.53
C ARG A 13 -12.62 4.49 -3.55
N PRO A 14 -13.36 5.52 -3.88
CA PRO A 14 -12.81 6.88 -3.94
C PRO A 14 -12.20 7.26 -2.58
N ILE A 15 -10.91 7.41 -2.53
CA ILE A 15 -10.26 7.77 -1.24
C ILE A 15 -10.63 9.22 -0.89
N GLU A 16 -10.56 9.59 0.36
CA GLU A 16 -10.96 10.98 0.73
C GLU A 16 -10.36 11.37 2.08
N GLY A 17 -9.07 11.39 2.17
CA GLY A 17 -8.40 11.76 3.45
C GLY A 17 -6.90 11.73 3.20
N ARG A 18 -6.28 10.66 3.59
CA ARG A 18 -4.82 10.51 3.34
C ARG A 18 -4.64 9.39 2.33
N VAL A 19 -3.97 9.67 1.25
CA VAL A 19 -3.80 8.62 0.21
C VAL A 19 -2.41 8.02 0.25
N VAL A 20 -2.27 6.80 -0.18
CA VAL A 20 -0.94 6.14 -0.20
C VAL A 20 -0.63 5.81 -1.66
N ASN A 21 0.38 6.42 -2.22
CA ASN A 21 0.70 6.14 -3.64
C ASN A 21 1.65 4.95 -3.73
N ALA A 22 1.15 3.83 -4.16
CA ALA A 22 2.01 2.62 -4.28
C ALA A 22 1.53 1.81 -5.47
N MET A 23 2.36 0.94 -5.99
CA MET A 23 1.92 0.13 -7.16
C MET A 23 1.53 1.09 -8.28
N GLY A 24 1.94 2.31 -8.14
CA GLY A 24 1.59 3.33 -9.16
C GLY A 24 0.11 3.62 -9.02
N LYS A 25 -0.44 3.30 -7.88
CA LYS A 25 -1.90 3.51 -7.62
C LYS A 25 -2.08 4.40 -6.39
N GLN A 26 -3.21 4.25 -5.76
CA GLN A 26 -3.53 5.02 -4.53
C GLN A 26 -4.17 4.04 -3.55
N TRP A 27 -3.89 4.15 -2.28
CA TRP A 27 -4.47 3.14 -1.33
C TRP A 27 -4.89 3.82 -0.04
N HIS A 28 -6.01 3.46 0.53
CA HIS A 28 -6.41 4.08 1.82
C HIS A 28 -5.26 3.85 2.79
N VAL A 29 -4.89 4.82 3.55
CA VAL A 29 -3.76 4.63 4.49
C VAL A 29 -4.06 3.44 5.40
N GLU A 30 -5.31 3.06 5.48
CA GLU A 30 -5.67 1.91 6.36
C GLU A 30 -5.71 0.61 5.54
N HIS A 31 -5.97 0.68 4.27
CA HIS A 31 -6.05 -0.56 3.45
C HIS A 31 -4.70 -0.86 2.80
N PHE A 32 -3.75 0.03 2.90
CA PHE A 32 -2.42 -0.28 2.31
C PHE A 32 -1.68 -1.15 3.31
N VAL A 33 -1.57 -2.41 3.02
CA VAL A 33 -0.92 -3.34 3.98
C VAL A 33 0.08 -4.25 3.27
N CYS A 34 0.76 -5.04 4.04
CA CYS A 34 1.74 -6.00 3.49
C CYS A 34 1.01 -7.01 2.61
N ALA A 35 1.66 -7.51 1.60
CA ALA A 35 1.02 -8.50 0.69
C ALA A 35 1.31 -9.92 1.19
N LYS A 36 1.51 -10.09 2.48
CA LYS A 36 1.81 -11.45 3.03
C LYS A 36 1.04 -11.66 4.34
N CYS A 37 0.83 -10.61 5.09
CA CYS A 37 0.12 -10.75 6.40
C CYS A 37 -1.02 -9.73 6.49
N GLU A 38 -0.99 -8.71 5.68
CA GLU A 38 -2.07 -7.69 5.73
C GLU A 38 -1.89 -6.79 6.96
N LYS A 39 -0.69 -6.32 7.19
CA LYS A 39 -0.44 -5.40 8.33
C LYS A 39 -0.38 -3.97 7.78
N PRO A 40 -1.40 -3.18 8.04
CA PRO A 40 -1.47 -1.80 7.52
C PRO A 40 -0.40 -0.90 8.13
N PHE A 41 0.20 -0.09 7.31
CA PHE A 41 1.23 0.87 7.81
C PHE A 41 0.56 2.22 8.05
N LEU A 42 -0.44 2.26 8.90
CA LEU A 42 -1.14 3.56 9.16
C LEU A 42 -0.10 4.69 9.22
N GLY A 43 0.88 4.54 10.07
CA GLY A 43 1.95 5.58 10.18
C GLY A 43 3.31 4.89 10.24
N HIS A 44 3.45 3.77 9.60
CA HIS A 44 4.76 3.04 9.63
C HIS A 44 5.38 3.02 8.23
N ARG A 45 6.50 2.34 8.09
CA ARG A 45 7.18 2.26 6.77
C ARG A 45 6.83 0.92 6.11
N HIS A 46 6.52 0.92 4.83
CA HIS A 46 6.18 -0.36 4.15
C HIS A 46 7.31 -0.77 3.20
N TYR A 47 7.20 -1.93 2.64
CA TYR A 47 8.25 -2.43 1.71
C TYR A 47 7.59 -3.02 0.48
N GLU A 48 8.15 -2.82 -0.70
CA GLU A 48 7.51 -3.32 -1.95
C GLU A 48 8.32 -4.48 -2.57
N ARG A 49 7.63 -5.34 -3.27
CA ARG A 49 8.32 -6.49 -3.95
C ARG A 49 7.47 -6.98 -5.12
N LYS A 50 8.07 -7.11 -6.27
CA LYS A 50 7.31 -7.62 -7.45
C LYS A 50 6.07 -6.79 -7.66
N GLY A 51 6.07 -5.60 -7.16
CA GLY A 51 4.87 -4.74 -7.33
C GLY A 51 3.85 -5.12 -6.26
N LEU A 52 4.32 -5.54 -5.12
CA LEU A 52 3.41 -5.92 -4.02
C LEU A 52 4.00 -5.44 -2.70
N ALA A 53 3.18 -4.97 -1.82
CA ALA A 53 3.72 -4.46 -0.52
C ALA A 53 4.06 -5.62 0.40
N TYR A 54 4.98 -5.39 1.30
CA TYR A 54 5.37 -6.45 2.25
C TYR A 54 5.91 -5.80 3.51
N CYS A 55 5.60 -6.31 4.66
CA CYS A 55 6.14 -5.67 5.88
C CYS A 55 7.67 -5.66 5.77
N GLU A 56 8.34 -5.08 6.72
CA GLU A 56 9.83 -5.07 6.68
C GLU A 56 10.37 -6.50 6.78
N THR A 57 9.70 -7.33 7.53
CA THR A 57 10.17 -8.73 7.70
C THR A 57 9.64 -9.63 6.59
N HIS A 58 8.41 -9.48 6.22
CA HIS A 58 7.87 -10.35 5.15
C HIS A 58 8.57 -9.97 3.85
N TYR A 59 8.71 -8.71 3.60
CA TYR A 59 9.41 -8.29 2.38
C TYR A 59 10.76 -8.97 2.38
N ASN A 60 11.48 -8.75 3.43
CA ASN A 60 12.82 -9.35 3.53
C ASN A 60 12.70 -10.87 3.57
N GLN A 61 11.77 -11.40 4.33
CA GLN A 61 11.63 -12.88 4.35
C GLN A 61 11.41 -13.32 2.91
N LEU A 62 10.69 -12.52 2.18
CA LEU A 62 10.41 -12.82 0.76
C LEU A 62 11.68 -12.56 -0.06
N PHE A 63 12.46 -11.60 0.34
CA PHE A 63 13.70 -11.28 -0.42
C PHE A 63 14.68 -10.51 0.46
N GLY A 64 14.48 -9.22 0.55
CA GLY A 64 15.39 -8.38 1.38
C GLY A 64 16.68 -8.11 0.62
N ASP A 65 16.89 -8.79 -0.47
CA ASP A 65 18.14 -8.59 -1.26
C ASP A 65 18.11 -9.51 -2.48
N VAL A 66 18.70 -10.67 -2.37
CA VAL A 66 18.71 -11.63 -3.52
C VAL A 66 17.44 -12.46 -3.51
#